data_3LEQ
# 
_entry.id   3LEQ 
# 
_audit_conform.dict_name       mmcif_pdbx.dic 
_audit_conform.dict_version    5.397 
_audit_conform.dict_location   http://mmcif.pdb.org/dictionaries/ascii/mmcif_pdbx.dic 
# 
loop_
_database_2.database_id 
_database_2.database_code 
_database_2.pdbx_database_accession 
_database_2.pdbx_DOI 
PDB   3LEQ         pdb_00003leq 10.2210/pdb3leq/pdb 
RCSB  RCSB057186   ?            ?                   
WWPDB D_1000057186 ?            ?                   
# 
loop_
_pdbx_audit_revision_history.ordinal 
_pdbx_audit_revision_history.data_content_type 
_pdbx_audit_revision_history.major_revision 
_pdbx_audit_revision_history.minor_revision 
_pdbx_audit_revision_history.revision_date 
1 'Structure model' 1 0 2010-02-02 
2 'Structure model' 1 1 2011-07-13 
3 'Structure model' 1 2 2012-02-22 
4 'Structure model' 1 3 2017-11-01 
5 'Structure model' 1 4 2024-10-30 
# 
_pdbx_audit_revision_details.ordinal             1 
_pdbx_audit_revision_details.revision_ordinal    1 
_pdbx_audit_revision_details.data_content_type   'Structure model' 
_pdbx_audit_revision_details.provider            repository 
_pdbx_audit_revision_details.type                'Initial release' 
_pdbx_audit_revision_details.description         ? 
_pdbx_audit_revision_details.details             ? 
# 
loop_
_pdbx_audit_revision_group.ordinal 
_pdbx_audit_revision_group.revision_ordinal 
_pdbx_audit_revision_group.data_content_type 
_pdbx_audit_revision_group.group 
1 2 'Structure model' Advisory                    
2 2 'Structure model' 'Version format compliance' 
3 3 'Structure model' 'Structure summary'         
4 4 'Structure model' 'Refinement description'    
5 5 'Structure model' 'Data collection'           
6 5 'Structure model' 'Database references'       
7 5 'Structure model' 'Derived calculations'      
8 5 'Structure model' 'Structure summary'         
# 
loop_
_pdbx_audit_revision_category.ordinal 
_pdbx_audit_revision_category.revision_ordinal 
_pdbx_audit_revision_category.data_content_type 
_pdbx_audit_revision_category.category 
1 4 'Structure model' software                  
2 5 'Structure model' chem_comp_atom            
3 5 'Structure model' chem_comp_bond            
4 5 'Structure model' database_2                
5 5 'Structure model' pdbx_entry_details        
6 5 'Structure model' pdbx_modification_feature 
7 5 'Structure model' struct_conn               
# 
loop_
_pdbx_audit_revision_item.ordinal 
_pdbx_audit_revision_item.revision_ordinal 
_pdbx_audit_revision_item.data_content_type 
_pdbx_audit_revision_item.item 
1 5 'Structure model' '_database_2.pdbx_DOI'                         
2 5 'Structure model' '_database_2.pdbx_database_accession'          
3 5 'Structure model' '_pdbx_entry_details.has_protein_modification' 
4 5 'Structure model' '_struct_conn.pdbx_leaving_atom_flag'          
# 
_pdbx_database_status.entry_id                        3LEQ 
_pdbx_database_status.deposit_site                    RCSB 
_pdbx_database_status.process_site                    RCSB 
_pdbx_database_status.recvd_initial_deposition_date   2010-01-15 
_pdbx_database_status.status_code                     REL 
_pdbx_database_status.status_code_sf                  REL 
_pdbx_database_status.status_code_mr                  ? 
_pdbx_database_status.SG_entry                        Y 
_pdbx_database_status.status_code_cs                  ? 
_pdbx_database_status.pdb_format_compatible           Y 
_pdbx_database_status.methods_development_category    ? 
_pdbx_database_status.status_code_nmr_data            ? 
# 
_pdbx_database_related.db_name        TargetDB 
_pdbx_database_related.db_id          APC65473.1 
_pdbx_database_related.details        . 
_pdbx_database_related.content_type   unspecified 
# 
loop_
_audit_author.name 
_audit_author.pdbx_ordinal 
'Stein, A.J.'                                   1 
'Xu, X.'                                        2 
'Cui, H.'                                       3 
'Ng, J.'                                        4 
'Edwards, A.'                                   5 
'Savchenko, A.'                                 6 
'Joachimiak, A.'                                7 
'Midwest Center for Structural Genomics (MCSG)' 8 
# 
_citation.id                        primary 
_citation.title                     'The Crystal Structure of the Roadblock/LC7 domain from Streptomyces avermitillis to 1.85A' 
_citation.journal_abbrev            'To be Published' 
_citation.journal_volume            ? 
_citation.page_first                ? 
_citation.page_last                 ? 
_citation.year                      ? 
_citation.journal_id_ASTM           ? 
_citation.country                   ? 
_citation.journal_id_ISSN           ? 
_citation.journal_id_CSD            0353 
_citation.book_publisher            ? 
_citation.pdbx_database_id_PubMed   ? 
_citation.pdbx_database_id_DOI      ? 
# 
loop_
_citation_author.citation_id 
_citation_author.name 
_citation_author.ordinal 
_citation_author.identifier_ORCID 
primary 'Stein, A.J.'    1 ? 
primary 'Xu, X.'         2 ? 
primary 'Cui, H.'        3 ? 
primary 'Ng, J.'         4 ? 
primary 'Edwards, A.'    5 ? 
primary 'Savchenko, A.'  6 ? 
primary 'Joachimiak, A.' 7 ? 
# 
loop_
_entity.id 
_entity.type 
_entity.src_method 
_entity.pdbx_description 
_entity.formula_weight 
_entity.pdbx_number_of_molecules 
_entity.pdbx_ec 
_entity.pdbx_mutation 
_entity.pdbx_fragment 
_entity.details 
1 polymer man 'uncharacterized protein cvnB5' 13557.857 1  ? ? ? ? 
2 water   nat water                           18.015    37 ? ? ? ? 
# 
_entity_name_com.entity_id   1 
_entity_name_com.name        'Roadblock/LC7 domain' 
# 
_entity_poly.entity_id                      1 
_entity_poly.type                           'polypeptide(L)' 
_entity_poly.nstd_linkage                   no 
_entity_poly.nstd_monomer                   yes 
_entity_poly.pdbx_seq_one_letter_code       
;THSQLDQLLTGLVDRVAEVDHAVVLSEDGLVVSKSTGFLRDDAERLAATASGL(MSE)SLSKGVS(MSE)DFRRGPVRQA
LIE(MSE)GKGYLILTAAGPGAHLVVLTRQGADVGVVAYQ(MSE)N(MSE)LVKKIGEHLSAPPRG
;
_entity_poly.pdbx_seq_one_letter_code_can   
;THSQLDQLLTGLVDRVAEVDHAVVLSEDGLVVSKSTGFLRDDAERLAATASGLMSLSKGVSMDFRRGPVRQALIEMGKGY
LILTAAGPGAHLVVLTRQGADVGVVAYQMNMLVKKIGEHLSAPPRG
;
_entity_poly.pdbx_strand_id                 A 
_entity_poly.pdbx_target_identifier         APC65473.1 
# 
_pdbx_entity_nonpoly.entity_id   2 
_pdbx_entity_nonpoly.name        water 
_pdbx_entity_nonpoly.comp_id     HOH 
# 
loop_
_entity_poly_seq.entity_id 
_entity_poly_seq.num 
_entity_poly_seq.mon_id 
_entity_poly_seq.hetero 
1 1   THR n 
1 2   HIS n 
1 3   SER n 
1 4   GLN n 
1 5   LEU n 
1 6   ASP n 
1 7   GLN n 
1 8   LEU n 
1 9   LEU n 
1 10  THR n 
1 11  GLY n 
1 12  LEU n 
1 13  VAL n 
1 14  ASP n 
1 15  ARG n 
1 16  VAL n 
1 17  ALA n 
1 18  GLU n 
1 19  VAL n 
1 20  ASP n 
1 21  HIS n 
1 22  ALA n 
1 23  VAL n 
1 24  VAL n 
1 25  LEU n 
1 26  SER n 
1 27  GLU n 
1 28  ASP n 
1 29  GLY n 
1 30  LEU n 
1 31  VAL n 
1 32  VAL n 
1 33  SER n 
1 34  LYS n 
1 35  SER n 
1 36  THR n 
1 37  GLY n 
1 38  PHE n 
1 39  LEU n 
1 40  ARG n 
1 41  ASP n 
1 42  ASP n 
1 43  ALA n 
1 44  GLU n 
1 45  ARG n 
1 46  LEU n 
1 47  ALA n 
1 48  ALA n 
1 49  THR n 
1 50  ALA n 
1 51  SER n 
1 52  GLY n 
1 53  LEU n 
1 54  MSE n 
1 55  SER n 
1 56  LEU n 
1 57  SER n 
1 58  LYS n 
1 59  GLY n 
1 60  VAL n 
1 61  SER n 
1 62  MSE n 
1 63  ASP n 
1 64  PHE n 
1 65  ARG n 
1 66  ARG n 
1 67  GLY n 
1 68  PRO n 
1 69  VAL n 
1 70  ARG n 
1 71  GLN n 
1 72  ALA n 
1 73  LEU n 
1 74  ILE n 
1 75  GLU n 
1 76  MSE n 
1 77  GLY n 
1 78  LYS n 
1 79  GLY n 
1 80  TYR n 
1 81  LEU n 
1 82  ILE n 
1 83  LEU n 
1 84  THR n 
1 85  ALA n 
1 86  ALA n 
1 87  GLY n 
1 88  PRO n 
1 89  GLY n 
1 90  ALA n 
1 91  HIS n 
1 92  LEU n 
1 93  VAL n 
1 94  VAL n 
1 95  LEU n 
1 96  THR n 
1 97  ARG n 
1 98  GLN n 
1 99  GLY n 
1 100 ALA n 
1 101 ASP n 
1 102 VAL n 
1 103 GLY n 
1 104 VAL n 
1 105 VAL n 
1 106 ALA n 
1 107 TYR n 
1 108 GLN n 
1 109 MSE n 
1 110 ASN n 
1 111 MSE n 
1 112 LEU n 
1 113 VAL n 
1 114 LYS n 
1 115 LYS n 
1 116 ILE n 
1 117 GLY n 
1 118 GLU n 
1 119 HIS n 
1 120 LEU n 
1 121 SER n 
1 122 ALA n 
1 123 PRO n 
1 124 PRO n 
1 125 ARG n 
1 126 GLY n 
# 
_entity_src_gen.entity_id                          1 
_entity_src_gen.pdbx_src_id                        1 
_entity_src_gen.pdbx_alt_source_flag               sample 
_entity_src_gen.pdbx_seq_type                      ? 
_entity_src_gen.pdbx_beg_seq_num                   ? 
_entity_src_gen.pdbx_end_seq_num                   ? 
_entity_src_gen.gene_src_common_name               ? 
_entity_src_gen.gene_src_genus                     ? 
_entity_src_gen.pdbx_gene_src_gene                 'cvnB5, SAV2189, SAV_2189' 
_entity_src_gen.gene_src_species                   ? 
_entity_src_gen.gene_src_strain                    MA-4680 
_entity_src_gen.gene_src_tissue                    ? 
_entity_src_gen.gene_src_tissue_fraction           ? 
_entity_src_gen.gene_src_details                   ? 
_entity_src_gen.pdbx_gene_src_fragment             ? 
_entity_src_gen.pdbx_gene_src_scientific_name      'Streptomyces avermitilis' 
_entity_src_gen.pdbx_gene_src_ncbi_taxonomy_id     227882 
_entity_src_gen.pdbx_gene_src_variant              ? 
_entity_src_gen.pdbx_gene_src_cell_line            ? 
_entity_src_gen.pdbx_gene_src_atcc                 ? 
_entity_src_gen.pdbx_gene_src_organ                ? 
_entity_src_gen.pdbx_gene_src_organelle            ? 
_entity_src_gen.pdbx_gene_src_cell                 ? 
_entity_src_gen.pdbx_gene_src_cellular_location    ? 
_entity_src_gen.host_org_common_name               ? 
_entity_src_gen.pdbx_host_org_scientific_name      'Escherichia coli' 
_entity_src_gen.pdbx_host_org_ncbi_taxonomy_id     469008 
_entity_src_gen.host_org_genus                     ? 
_entity_src_gen.pdbx_host_org_gene                 ? 
_entity_src_gen.pdbx_host_org_organ                ? 
_entity_src_gen.host_org_species                   ? 
_entity_src_gen.pdbx_host_org_tissue               ? 
_entity_src_gen.pdbx_host_org_tissue_fraction      ? 
_entity_src_gen.pdbx_host_org_strain               'BL21(DE3)' 
_entity_src_gen.pdbx_host_org_variant              ? 
_entity_src_gen.pdbx_host_org_cell_line            ? 
_entity_src_gen.pdbx_host_org_atcc                 ? 
_entity_src_gen.pdbx_host_org_culture_collection   ? 
_entity_src_gen.pdbx_host_org_cell                 ? 
_entity_src_gen.pdbx_host_org_organelle            ? 
_entity_src_gen.pdbx_host_org_cellular_location    ? 
_entity_src_gen.pdbx_host_org_vector_type          plasmid 
_entity_src_gen.pdbx_host_org_vector               ? 
_entity_src_gen.host_org_details                   ? 
_entity_src_gen.expression_system_id               ? 
_entity_src_gen.plasmid_name                       'pET derivative' 
_entity_src_gen.plasmid_details                    ? 
_entity_src_gen.pdbx_description                   ? 
# 
loop_
_chem_comp.id 
_chem_comp.type 
_chem_comp.mon_nstd_flag 
_chem_comp.name 
_chem_comp.pdbx_synonyms 
_chem_comp.formula 
_chem_comp.formula_weight 
ALA 'L-peptide linking' y ALANINE          ? 'C3 H7 N O2'     89.093  
ARG 'L-peptide linking' y ARGININE         ? 'C6 H15 N4 O2 1' 175.209 
ASN 'L-peptide linking' y ASPARAGINE       ? 'C4 H8 N2 O3'    132.118 
ASP 'L-peptide linking' y 'ASPARTIC ACID'  ? 'C4 H7 N O4'     133.103 
GLN 'L-peptide linking' y GLUTAMINE        ? 'C5 H10 N2 O3'   146.144 
GLU 'L-peptide linking' y 'GLUTAMIC ACID'  ? 'C5 H9 N O4'     147.129 
GLY 'peptide linking'   y GLYCINE          ? 'C2 H5 N O2'     75.067  
HIS 'L-peptide linking' y HISTIDINE        ? 'C6 H10 N3 O2 1' 156.162 
HOH non-polymer         . WATER            ? 'H2 O'           18.015  
ILE 'L-peptide linking' y ISOLEUCINE       ? 'C6 H13 N O2'    131.173 
LEU 'L-peptide linking' y LEUCINE          ? 'C6 H13 N O2'    131.173 
LYS 'L-peptide linking' y LYSINE           ? 'C6 H15 N2 O2 1' 147.195 
MSE 'L-peptide linking' n SELENOMETHIONINE ? 'C5 H11 N O2 Se' 196.106 
PHE 'L-peptide linking' y PHENYLALANINE    ? 'C9 H11 N O2'    165.189 
PRO 'L-peptide linking' y PROLINE          ? 'C5 H9 N O2'     115.130 
SER 'L-peptide linking' y SERINE           ? 'C3 H7 N O3'     105.093 
THR 'L-peptide linking' y THREONINE        ? 'C4 H9 N O3'     119.119 
TYR 'L-peptide linking' y TYROSINE         ? 'C9 H11 N O3'    181.189 
VAL 'L-peptide linking' y VALINE           ? 'C5 H11 N O2'    117.146 
# 
loop_
_pdbx_poly_seq_scheme.asym_id 
_pdbx_poly_seq_scheme.entity_id 
_pdbx_poly_seq_scheme.seq_id 
_pdbx_poly_seq_scheme.mon_id 
_pdbx_poly_seq_scheme.ndb_seq_num 
_pdbx_poly_seq_scheme.pdb_seq_num 
_pdbx_poly_seq_scheme.auth_seq_num 
_pdbx_poly_seq_scheme.pdb_mon_id 
_pdbx_poly_seq_scheme.auth_mon_id 
_pdbx_poly_seq_scheme.pdb_strand_id 
_pdbx_poly_seq_scheme.pdb_ins_code 
_pdbx_poly_seq_scheme.hetero 
A 1 1   THR 1   8   ?   ?   ?   A . n 
A 1 2   HIS 2   9   9   HIS HIS A . n 
A 1 3   SER 3   10  10  SER SER A . n 
A 1 4   GLN 4   11  11  GLN GLN A . n 
A 1 5   LEU 5   12  12  LEU LEU A . n 
A 1 6   ASP 6   13  13  ASP ASP A . n 
A 1 7   GLN 7   14  14  GLN GLN A . n 
A 1 8   LEU 8   15  15  LEU LEU A . n 
A 1 9   LEU 9   16  16  LEU LEU A . n 
A 1 10  THR 10  17  17  THR THR A . n 
A 1 11  GLY 11  18  18  GLY GLY A . n 
A 1 12  LEU 12  19  19  LEU LEU A . n 
A 1 13  VAL 13  20  20  VAL VAL A . n 
A 1 14  ASP 14  21  21  ASP ASP A . n 
A 1 15  ARG 15  22  22  ARG ARG A . n 
A 1 16  VAL 16  23  23  VAL VAL A . n 
A 1 17  ALA 17  24  24  ALA ALA A . n 
A 1 18  GLU 18  25  25  GLU GLU A . n 
A 1 19  VAL 19  26  26  VAL VAL A . n 
A 1 20  ASP 20  27  27  ASP ASP A . n 
A 1 21  HIS 21  28  28  HIS HIS A . n 
A 1 22  ALA 22  29  29  ALA ALA A . n 
A 1 23  VAL 23  30  30  VAL VAL A . n 
A 1 24  VAL 24  31  31  VAL VAL A . n 
A 1 25  LEU 25  32  32  LEU LEU A . n 
A 1 26  SER 26  33  33  SER SER A . n 
A 1 27  GLU 27  34  34  GLU GLU A . n 
A 1 28  ASP 28  35  35  ASP ASP A . n 
A 1 29  GLY 29  36  36  GLY GLY A . n 
A 1 30  LEU 30  37  37  LEU LEU A . n 
A 1 31  VAL 31  38  38  VAL VAL A . n 
A 1 32  VAL 32  39  39  VAL VAL A . n 
A 1 33  SER 33  40  40  SER SER A . n 
A 1 34  LYS 34  41  41  LYS LYS A . n 
A 1 35  SER 35  42  42  SER SER A . n 
A 1 36  THR 36  43  43  THR THR A . n 
A 1 37  GLY 37  44  44  GLY GLY A . n 
A 1 38  PHE 38  45  45  PHE PHE A . n 
A 1 39  LEU 39  46  46  LEU LEU A . n 
A 1 40  ARG 40  47  47  ARG ARG A . n 
A 1 41  ASP 41  48  48  ASP ASP A . n 
A 1 42  ASP 42  49  49  ASP ASP A . n 
A 1 43  ALA 43  50  50  ALA ALA A . n 
A 1 44  GLU 44  51  51  GLU GLU A . n 
A 1 45  ARG 45  52  52  ARG ARG A . n 
A 1 46  LEU 46  53  53  LEU LEU A . n 
A 1 47  ALA 47  54  54  ALA ALA A . n 
A 1 48  ALA 48  55  55  ALA ALA A . n 
A 1 49  THR 49  56  56  THR THR A . n 
A 1 50  ALA 50  57  57  ALA ALA A . n 
A 1 51  SER 51  58  58  SER SER A . n 
A 1 52  GLY 52  59  59  GLY GLY A . n 
A 1 53  LEU 53  60  60  LEU LEU A . n 
A 1 54  MSE 54  61  61  MSE MSE A . n 
A 1 55  SER 55  62  62  SER SER A . n 
A 1 56  LEU 56  63  63  LEU LEU A . n 
A 1 57  SER 57  64  ?   ?   ?   A . n 
A 1 58  LYS 58  65  ?   ?   ?   A . n 
A 1 59  GLY 59  66  ?   ?   ?   A . n 
A 1 60  VAL 60  67  ?   ?   ?   A . n 
A 1 61  SER 61  68  ?   ?   ?   A . n 
A 1 62  MSE 62  69  ?   ?   ?   A . n 
A 1 63  ASP 63  70  ?   ?   ?   A . n 
A 1 64  PHE 64  71  ?   ?   ?   A . n 
A 1 65  ARG 65  72  ?   ?   ?   A . n 
A 1 66  ARG 66  73  ?   ?   ?   A . n 
A 1 67  GLY 67  74  ?   ?   ?   A . n 
A 1 68  PRO 68  75  ?   ?   ?   A . n 
A 1 69  VAL 69  76  ?   ?   ?   A . n 
A 1 70  ARG 70  77  77  ARG ARG A . n 
A 1 71  GLN 71  78  78  GLN GLN A . n 
A 1 72  ALA 72  79  79  ALA ALA A . n 
A 1 73  LEU 73  80  80  LEU LEU A . n 
A 1 74  ILE 74  81  81  ILE ILE A . n 
A 1 75  GLU 75  82  82  GLU GLU A . n 
A 1 76  MSE 76  83  83  MSE MSE A . n 
A 1 77  GLY 77  84  84  GLY GLY A . n 
A 1 78  LYS 78  85  85  LYS LYS A . n 
A 1 79  GLY 79  86  86  GLY GLY A . n 
A 1 80  TYR 80  87  87  TYR TYR A . n 
A 1 81  LEU 81  88  88  LEU LEU A . n 
A 1 82  ILE 82  89  89  ILE ILE A . n 
A 1 83  LEU 83  90  90  LEU LEU A . n 
A 1 84  THR 84  91  91  THR THR A . n 
A 1 85  ALA 85  92  92  ALA ALA A . n 
A 1 86  ALA 86  93  93  ALA ALA A . n 
A 1 87  GLY 87  94  94  GLY GLY A . n 
A 1 88  PRO 88  95  95  PRO PRO A . n 
A 1 89  GLY 89  96  96  GLY GLY A . n 
A 1 90  ALA 90  97  97  ALA ALA A . n 
A 1 91  HIS 91  98  98  HIS HIS A . n 
A 1 92  LEU 92  99  99  LEU LEU A . n 
A 1 93  VAL 93  100 100 VAL VAL A . n 
A 1 94  VAL 94  101 101 VAL VAL A . n 
A 1 95  LEU 95  102 102 LEU LEU A . n 
A 1 96  THR 96  103 103 THR THR A . n 
A 1 97  ARG 97  104 104 ARG ARG A . n 
A 1 98  GLN 98  105 105 GLN GLN A . n 
A 1 99  GLY 99  106 106 GLY GLY A . n 
A 1 100 ALA 100 107 107 ALA ALA A . n 
A 1 101 ASP 101 108 108 ASP ASP A . n 
A 1 102 VAL 102 109 109 VAL VAL A . n 
A 1 103 GLY 103 110 110 GLY GLY A . n 
A 1 104 VAL 104 111 111 VAL VAL A . n 
A 1 105 VAL 105 112 112 VAL VAL A . n 
A 1 106 ALA 106 113 113 ALA ALA A . n 
A 1 107 TYR 107 114 114 TYR TYR A . n 
A 1 108 GLN 108 115 115 GLN GLN A . n 
A 1 109 MSE 109 116 116 MSE MSE A . n 
A 1 110 ASN 110 117 117 ASN ASN A . n 
A 1 111 MSE 111 118 118 MSE MSE A . n 
A 1 112 LEU 112 119 119 LEU LEU A . n 
A 1 113 VAL 113 120 120 VAL VAL A . n 
A 1 114 LYS 114 121 121 LYS LYS A . n 
A 1 115 LYS 115 122 122 LYS LYS A . n 
A 1 116 ILE 116 123 123 ILE ILE A . n 
A 1 117 GLY 117 124 ?   ?   ?   A . n 
A 1 118 GLU 118 125 ?   ?   ?   A . n 
A 1 119 HIS 119 126 ?   ?   ?   A . n 
A 1 120 LEU 120 127 ?   ?   ?   A . n 
A 1 121 SER 121 128 ?   ?   ?   A . n 
A 1 122 ALA 122 129 ?   ?   ?   A . n 
A 1 123 PRO 123 130 ?   ?   ?   A . n 
A 1 124 PRO 124 131 ?   ?   ?   A . n 
A 1 125 ARG 125 132 ?   ?   ?   A . n 
A 1 126 GLY 126 133 ?   ?   ?   A . n 
# 
loop_
_pdbx_nonpoly_scheme.asym_id 
_pdbx_nonpoly_scheme.entity_id 
_pdbx_nonpoly_scheme.mon_id 
_pdbx_nonpoly_scheme.ndb_seq_num 
_pdbx_nonpoly_scheme.pdb_seq_num 
_pdbx_nonpoly_scheme.auth_seq_num 
_pdbx_nonpoly_scheme.pdb_mon_id 
_pdbx_nonpoly_scheme.auth_mon_id 
_pdbx_nonpoly_scheme.pdb_strand_id 
_pdbx_nonpoly_scheme.pdb_ins_code 
B 2 HOH 1  1   1  HOH HOH A . 
B 2 HOH 2  2   2  HOH HOH A . 
B 2 HOH 3  3   3  HOH HOH A . 
B 2 HOH 4  4   4  HOH HOH A . 
B 2 HOH 5  5   5  HOH HOH A . 
B 2 HOH 6  6   6  HOH HOH A . 
B 2 HOH 7  7   7  HOH HOH A . 
B 2 HOH 8  134 8  HOH HOH A . 
B 2 HOH 9  135 9  HOH HOH A . 
B 2 HOH 10 136 10 HOH HOH A . 
B 2 HOH 11 137 11 HOH HOH A . 
B 2 HOH 12 138 12 HOH HOH A . 
B 2 HOH 13 139 13 HOH HOH A . 
B 2 HOH 14 140 14 HOH HOH A . 
B 2 HOH 15 141 15 HOH HOH A . 
B 2 HOH 16 142 16 HOH HOH A . 
B 2 HOH 17 143 17 HOH HOH A . 
B 2 HOH 18 144 18 HOH HOH A . 
B 2 HOH 19 145 19 HOH HOH A . 
B 2 HOH 20 146 20 HOH HOH A . 
B 2 HOH 21 147 21 HOH HOH A . 
B 2 HOH 22 148 22 HOH HOH A . 
B 2 HOH 23 149 23 HOH HOH A . 
B 2 HOH 24 150 24 HOH HOH A . 
B 2 HOH 25 151 25 HOH HOH A . 
B 2 HOH 26 152 26 HOH HOH A . 
B 2 HOH 27 153 27 HOH HOH A . 
B 2 HOH 28 154 28 HOH HOH A . 
B 2 HOH 29 155 29 HOH HOH A . 
B 2 HOH 30 156 30 HOH HOH A . 
B 2 HOH 31 157 31 HOH HOH A . 
B 2 HOH 32 158 32 HOH HOH A . 
B 2 HOH 33 159 33 HOH HOH A . 
B 2 HOH 34 160 34 HOH HOH A . 
B 2 HOH 35 161 35 HOH HOH A . 
B 2 HOH 36 162 36 HOH HOH A . 
B 2 HOH 37 163 37 HOH HOH A . 
# 
loop_
_pdbx_unobs_or_zero_occ_atoms.id 
_pdbx_unobs_or_zero_occ_atoms.PDB_model_num 
_pdbx_unobs_or_zero_occ_atoms.polymer_flag 
_pdbx_unobs_or_zero_occ_atoms.occupancy_flag 
_pdbx_unobs_or_zero_occ_atoms.auth_asym_id 
_pdbx_unobs_or_zero_occ_atoms.auth_comp_id 
_pdbx_unobs_or_zero_occ_atoms.auth_seq_id 
_pdbx_unobs_or_zero_occ_atoms.PDB_ins_code 
_pdbx_unobs_or_zero_occ_atoms.auth_atom_id 
_pdbx_unobs_or_zero_occ_atoms.label_alt_id 
_pdbx_unobs_or_zero_occ_atoms.label_asym_id 
_pdbx_unobs_or_zero_occ_atoms.label_comp_id 
_pdbx_unobs_or_zero_occ_atoms.label_seq_id 
_pdbx_unobs_or_zero_occ_atoms.label_atom_id 
1  1 Y 1 A GLN 11  ? CG  ? A GLN 4   CG  
2  1 Y 1 A GLN 11  ? CD  ? A GLN 4   CD  
3  1 Y 1 A GLN 11  ? OE1 ? A GLN 4   OE1 
4  1 Y 1 A GLN 11  ? NE2 ? A GLN 4   NE2 
5  1 Y 1 A GLU 34  ? CG  ? A GLU 27  CG  
6  1 Y 1 A GLU 34  ? CD  ? A GLU 27  CD  
7  1 Y 1 A GLU 34  ? OE1 ? A GLU 27  OE1 
8  1 Y 1 A GLU 34  ? OE2 ? A GLU 27  OE2 
9  1 Y 1 A ASP 35  ? CG  ? A ASP 28  CG  
10 1 Y 1 A ASP 35  ? OD1 ? A ASP 28  OD1 
11 1 Y 1 A ASP 35  ? OD2 ? A ASP 28  OD2 
12 1 Y 1 A ASP 48  ? CG  ? A ASP 41  CG  
13 1 Y 1 A ASP 48  ? OD1 ? A ASP 41  OD1 
14 1 Y 1 A ASP 48  ? OD2 ? A ASP 41  OD2 
15 1 Y 1 A LYS 85  ? CG  ? A LYS 78  CG  
16 1 Y 1 A LYS 85  ? CD  ? A LYS 78  CD  
17 1 Y 1 A LYS 85  ? CE  ? A LYS 78  CE  
18 1 Y 1 A LYS 85  ? NZ  ? A LYS 78  NZ  
19 1 Y 1 A ARG 104 ? CG  ? A ARG 97  CG  
20 1 Y 1 A ARG 104 ? CD  ? A ARG 97  CD  
21 1 Y 1 A ARG 104 ? NE  ? A ARG 97  NE  
22 1 Y 1 A ARG 104 ? CZ  ? A ARG 97  CZ  
23 1 Y 1 A ARG 104 ? NH1 ? A ARG 97  NH1 
24 1 Y 1 A ARG 104 ? NH2 ? A ARG 97  NH2 
25 1 Y 1 A GLN 105 ? CG  ? A GLN 98  CG  
26 1 Y 1 A GLN 105 ? CD  ? A GLN 98  CD  
27 1 Y 1 A GLN 105 ? OE1 ? A GLN 98  OE1 
28 1 Y 1 A GLN 105 ? NE2 ? A GLN 98  NE2 
29 1 Y 1 A LYS 122 ? CG  ? A LYS 115 CG  
30 1 Y 1 A LYS 122 ? CD  ? A LYS 115 CD  
31 1 Y 1 A LYS 122 ? CE  ? A LYS 115 CE  
32 1 Y 1 A LYS 122 ? NZ  ? A LYS 115 NZ  
# 
loop_
_software.name 
_software.version 
_software.date 
_software.type 
_software.contact_author 
_software.contact_author_email 
_software.classification 
_software.location 
_software.language 
_software.citation_id 
_software.pdbx_ordinal 
DENZO       .               ?                    package 'Zbyszek Otwinowski' zbyszek@mix.swmed.edu    'data reduction'  
http://www.lnls.br/infra/linhasluz/denzo-hkl.htm ?          ? 1  
SCALEPACK   .               ?                    package 'Zbyszek Otwinowski' zbyszek@mix.swmed.edu    'data scaling'    
http://www.lnls.br/infra/linhasluz/denzo-hkl.htm ?          ? 2  
REFMAC      refmac_5.5.0102 24/04/2001           program 'Murshudov, G.N.'    ccp4@dl.ac.uk            refinement        
http://www.ccp4.ac.uk/main.html                  Fortran_77 ? 3  
PDB_EXTRACT 3.004           'September 10, 2007' package PDB                  sw-help@rcsb.rutgers.edu 'data extraction' 
http://pdb.rutgers.edu/software/                 C++        ? 4  
SBC-Collect .               ?                    ?       ?                    ?                        'data collection' ? ? ? 5  
HKL-3000    .               ?                    ?       ?                    ?                        'data reduction'  ? ? ? 6  
HKL-3000    .               ?                    ?       ?                    ?                        'data scaling'    ? ? ? 7  
HKL-3000    .               ?                    ?       ?                    ?                        phasing           ? ? ? 8  
SHELX       .               ?                    ?       ?                    ?                        phasing           ? ? ? 9  
MLPHARE     .               ?                    ?       ?                    ?                        phasing           ? ? ? 10 
DM          .               ?                    ?       ?                    ?                        phasing           ? ? ? 11 
ARP/wARP    .               ?                    ?       ?                    ?                        'model building'  ? ? ? 12 
Coot        .               ?                    ?       ?                    ?                        'model building'  ? ? ? 13 
# 
_cell.entry_id           3LEQ 
_cell.length_a           89.466 
_cell.length_b           29.824 
_cell.length_c           40.752 
_cell.angle_alpha        90.00 
_cell.angle_beta         104.89 
_cell.angle_gamma        90.00 
_cell.Z_PDB              4 
_cell.pdbx_unique_axis   ? 
_cell.length_a_esd       ? 
_cell.length_b_esd       ? 
_cell.length_c_esd       ? 
_cell.angle_alpha_esd    ? 
_cell.angle_beta_esd     ? 
_cell.angle_gamma_esd    ? 
# 
_symmetry.entry_id                         3LEQ 
_symmetry.space_group_name_H-M             'C 1 2 1' 
_symmetry.pdbx_full_space_group_name_H-M   ? 
_symmetry.cell_setting                     ? 
_symmetry.Int_Tables_number                5 
_symmetry.space_group_name_Hall            ? 
# 
_exptl.entry_id          3LEQ 
_exptl.method            'X-RAY DIFFRACTION' 
_exptl.crystals_number   1 
# 
_exptl_crystal.id                    1 
_exptl_crystal.density_meas          ? 
_exptl_crystal.density_Matthews      1.94 
_exptl_crystal.density_percent_sol   36.52 
_exptl_crystal.description           ? 
_exptl_crystal.F_000                 ? 
_exptl_crystal.preparation           ? 
# 
_exptl_crystal_grow.crystal_id      1 
_exptl_crystal_grow.method          'VAPOR DIFFUSION' 
_exptl_crystal_grow.temp            289 
_exptl_crystal_grow.temp_details    ? 
_exptl_crystal_grow.pH              8.5 
_exptl_crystal_grow.pdbx_pH_range   ? 
_exptl_crystal_grow.pdbx_details    '2M Ammonium phosphate, 0.1M Tris pH 8.5, vapor diffusion, temperature 289K' 
# 
_diffrn.id                     1 
_diffrn.ambient_temp           100 
_diffrn.ambient_temp_details   ? 
_diffrn.crystal_id             1 
# 
_diffrn_detector.diffrn_id              1 
_diffrn_detector.detector               CCD 
_diffrn_detector.type                   'ADSC QUANTUM 315' 
_diffrn_detector.pdbx_collection_date   2009-10-17 
_diffrn_detector.details                ? 
# 
_diffrn_radiation.diffrn_id                        1 
_diffrn_radiation.wavelength_id                    1 
_diffrn_radiation.pdbx_monochromatic_or_laue_m_l   ? 
_diffrn_radiation.monochromator                    'Double crystal' 
_diffrn_radiation.pdbx_diffrn_protocol             'SINGLE WAVELENGTH' 
_diffrn_radiation.pdbx_scattering_type             x-ray 
# 
_diffrn_radiation_wavelength.id           1 
_diffrn_radiation_wavelength.wavelength   0.9794 
_diffrn_radiation_wavelength.wt           1.0 
# 
_diffrn_source.diffrn_id                   1 
_diffrn_source.source                      SYNCHROTRON 
_diffrn_source.type                        'APS BEAMLINE 19-ID' 
_diffrn_source.pdbx_synchrotron_site       APS 
_diffrn_source.pdbx_synchrotron_beamline   19-ID 
_diffrn_source.pdbx_wavelength             ? 
_diffrn_source.pdbx_wavelength_list        0.9794 
# 
_reflns.entry_id                     3LEQ 
_reflns.observed_criterion_sigma_I   ? 
_reflns.observed_criterion_sigma_F   ? 
_reflns.d_resolution_low             50.000 
_reflns.d_resolution_high            1.850 
_reflns.number_obs                   8867 
_reflns.number_all                   ? 
_reflns.percent_possible_obs         98.500 
_reflns.pdbx_Rmerge_I_obs            0.083 
_reflns.pdbx_Rsym_value              ? 
_reflns.pdbx_netI_over_sigmaI        16.000 
_reflns.B_iso_Wilson_estimate        ? 
_reflns.pdbx_redundancy              3.600 
_reflns.R_free_details               ? 
_reflns.limit_h_max                  ? 
_reflns.limit_h_min                  ? 
_reflns.limit_k_max                  ? 
_reflns.limit_k_min                  ? 
_reflns.limit_l_max                  ? 
_reflns.limit_l_min                  ? 
_reflns.observed_criterion_F_max     ? 
_reflns.observed_criterion_F_min     ? 
_reflns.pdbx_chi_squared             ? 
_reflns.pdbx_scaling_rejects         ? 
_reflns.pdbx_ordinal                 1 
_reflns.pdbx_diffrn_id               1 
# 
loop_
_reflns_shell.d_res_high 
_reflns_shell.d_res_low 
_reflns_shell.percent_possible_all 
_reflns_shell.Rmerge_I_obs 
_reflns_shell.pdbx_Rsym_value 
_reflns_shell.meanI_over_sigI_obs 
_reflns_shell.pdbx_redundancy 
_reflns_shell.percent_possible_obs 
_reflns_shell.number_unique_all 
_reflns_shell.number_measured_all 
_reflns_shell.number_measured_obs 
_reflns_shell.number_unique_obs 
_reflns_shell.pdbx_chi_squared 
_reflns_shell.pdbx_ordinal 
_reflns_shell.pdbx_diffrn_id 
1.85 1.92  99.00 0.561 ? ? 3.70 ? ? ? ? ? ? 1  1 
1.92 1.99  98.60 0.394 ? ? 3.60 ? ? ? ? ? ? 2  1 
1.99 2.08  99.90 0.249 ? ? 3.60 ? ? ? ? ? ? 3  1 
2.08 2.19  98.90 0.172 ? ? 3.60 ? ? ? ? ? ? 4  1 
2.19 2.33  99.40 0.123 ? ? 3.60 ? ? ? ? ? ? 5  1 
2.33 2.51  99.60 0.113 ? ? 3.60 ? ? ? ? ? ? 6  1 
2.51 2.76  99.70 0.102 ? ? 3.60 ? ? ? ? ? ? 7  1 
2.76 3.16  99.90 0.082 ? ? 3.60 ? ? ? ? ? ? 8  1 
3.16 3.99  99.40 0.062 ? ? 3.40 ? ? ? ? ? ? 9  1 
3.99 50.00 91.50 0.063 ? ? 3.30 ? ? ? ? ? ? 10 1 
# 
_refine.pdbx_refine_id                           'X-RAY DIFFRACTION' 
_refine.entry_id                                 3LEQ 
_refine.ls_number_reflns_obs                     8446 
_refine.ls_number_reflns_all                     ? 
_refine.pdbx_ls_sigma_I                          ? 
_refine.pdbx_ls_sigma_F                          . 
_refine.pdbx_data_cutoff_high_absF               ? 
_refine.pdbx_data_cutoff_low_absF                ? 
_refine.pdbx_data_cutoff_high_rms_absF           ? 
_refine.ls_d_res_low                             43.23 
_refine.ls_d_res_high                            1.85 
_refine.ls_percent_reflns_obs                    98.16 
_refine.ls_R_factor_obs                          0.21693 
_refine.ls_R_factor_all                          ? 
_refine.ls_R_factor_R_work                       0.21592 
_refine.ls_R_factor_R_free                       0.23588 
_refine.ls_R_factor_R_free_error                 ? 
_refine.ls_R_factor_R_free_error_details         ? 
_refine.ls_percent_reflns_R_free                 4.7 
_refine.ls_number_reflns_R_free                  416 
_refine.ls_number_parameters                     ? 
_refine.ls_number_restraints                     ? 
_refine.occupancy_min                            ? 
_refine.occupancy_max                            ? 
_refine.correlation_coeff_Fo_to_Fc               0.941 
_refine.correlation_coeff_Fo_to_Fc_free          0.941 
_refine.B_iso_mean                               10.915 
_refine.aniso_B[1][1]                            -0.20 
_refine.aniso_B[2][2]                            -0.24 
_refine.aniso_B[3][3]                            -0.30 
_refine.aniso_B[1][2]                            0.00 
_refine.aniso_B[1][3]                            -1.44 
_refine.aniso_B[2][3]                            0.00 
_refine.solvent_model_details                    MASK 
_refine.solvent_model_param_ksol                 ? 
_refine.solvent_model_param_bsol                 ? 
_refine.pdbx_solvent_vdw_probe_radii             1.40 
_refine.pdbx_solvent_ion_probe_radii             0.80 
_refine.pdbx_solvent_shrinkage_radii             0.80 
_refine.pdbx_ls_cross_valid_method               THROUGHOUT 
_refine.details                                  
;HYDROGENS HAVE BEEN ADDED IN THE RIDING POSITIONS. this was a in situ proteolysis crystal structure so there is  higher than usual degree of disorder.
;
_refine.pdbx_starting_model                      ? 
_refine.pdbx_method_to_determine_struct          ? 
_refine.pdbx_isotropic_thermal_model             ? 
_refine.pdbx_stereochemistry_target_values       'MAXIMUM LIKELIHOOD' 
_refine.pdbx_stereochem_target_val_spec_case     ? 
_refine.pdbx_R_Free_selection_details            RANDOM 
_refine.pdbx_overall_ESU_R                       0.156 
_refine.pdbx_overall_ESU_R_Free                  0.135 
_refine.overall_SU_ML                            0.103 
_refine.pdbx_overall_phase_error                 ? 
_refine.overall_SU_B                             7.664 
_refine.ls_redundancy_reflns_obs                 ? 
_refine.B_iso_min                                ? 
_refine.B_iso_max                                ? 
_refine.overall_SU_R_Cruickshank_DPI             ? 
_refine.overall_SU_R_free                        ? 
_refine.ls_wR_factor_R_free                      ? 
_refine.ls_wR_factor_R_work                      ? 
_refine.overall_FOM_free_R_set                   ? 
_refine.overall_FOM_work_R_set                   ? 
_refine.pdbx_TLS_residual_ADP_flag               'LIKELY RESIDUAL' 
_refine.pdbx_diffrn_id                           1 
_refine.pdbx_overall_SU_R_free_Cruickshank_DPI   ? 
_refine.pdbx_overall_SU_R_Blow_DPI               ? 
_refine.pdbx_overall_SU_R_free_Blow_DPI          ? 
# 
_refine_hist.pdbx_refine_id                   'X-RAY DIFFRACTION' 
_refine_hist.cycle_id                         LAST 
_refine_hist.pdbx_number_atoms_protein        722 
_refine_hist.pdbx_number_atoms_nucleic_acid   0 
_refine_hist.pdbx_number_atoms_ligand         0 
_refine_hist.number_atoms_solvent             37 
_refine_hist.number_atoms_total               759 
_refine_hist.d_res_high                       1.85 
_refine_hist.d_res_low                        43.23 
# 
loop_
_refine_ls_restr.type 
_refine_ls_restr.dev_ideal 
_refine_ls_restr.dev_ideal_target 
_refine_ls_restr.weight 
_refine_ls_restr.number 
_refine_ls_restr.pdbx_refine_id 
_refine_ls_restr.pdbx_restraint_function 
r_bond_refined_d             0.011  0.022  ? 744  'X-RAY DIFFRACTION' ? 
r_bond_other_d               ?      ?      ? ?    'X-RAY DIFFRACTION' ? 
r_angle_refined_deg          1.238  1.993  ? 1015 'X-RAY DIFFRACTION' ? 
r_angle_other_deg            ?      ?      ? ?    'X-RAY DIFFRACTION' ? 
r_dihedral_angle_1_deg       5.703  5.000  ? 106  'X-RAY DIFFRACTION' ? 
r_dihedral_angle_2_deg       26.571 23.636 ? 22   'X-RAY DIFFRACTION' ? 
r_dihedral_angle_3_deg       18.141 15.000 ? 123  'X-RAY DIFFRACTION' ? 
r_dihedral_angle_4_deg       18.198 15.000 ? 4    'X-RAY DIFFRACTION' ? 
r_chiral_restr               0.082  0.200  ? 135  'X-RAY DIFFRACTION' ? 
r_gen_planes_refined         0.004  0.020  ? 525  'X-RAY DIFFRACTION' ? 
r_gen_planes_other           ?      ?      ? ?    'X-RAY DIFFRACTION' ? 
r_nbd_refined                ?      ?      ? ?    'X-RAY DIFFRACTION' ? 
r_nbd_other                  ?      ?      ? ?    'X-RAY DIFFRACTION' ? 
r_nbtor_refined              ?      ?      ? ?    'X-RAY DIFFRACTION' ? 
r_nbtor_other                ?      ?      ? ?    'X-RAY DIFFRACTION' ? 
r_xyhbond_nbd_refined        ?      ?      ? ?    'X-RAY DIFFRACTION' ? 
r_xyhbond_nbd_other          ?      ?      ? ?    'X-RAY DIFFRACTION' ? 
r_metal_ion_refined          ?      ?      ? ?    'X-RAY DIFFRACTION' ? 
r_metal_ion_other            ?      ?      ? ?    'X-RAY DIFFRACTION' ? 
r_symmetry_vdw_refined       ?      ?      ? ?    'X-RAY DIFFRACTION' ? 
r_symmetry_vdw_other         ?      ?      ? ?    'X-RAY DIFFRACTION' ? 
r_symmetry_hbond_refined     ?      ?      ? ?    'X-RAY DIFFRACTION' ? 
r_symmetry_hbond_other       ?      ?      ? ?    'X-RAY DIFFRACTION' ? 
r_symmetry_metal_ion_refined ?      ?      ? ?    'X-RAY DIFFRACTION' ? 
r_symmetry_metal_ion_other   ?      ?      ? ?    'X-RAY DIFFRACTION' ? 
r_mcbond_it                  0.526  1.500  ? 508  'X-RAY DIFFRACTION' ? 
r_mcbond_other               ?      ?      ? ?    'X-RAY DIFFRACTION' ? 
r_mcangle_it                 0.901  2.000  ? 803  'X-RAY DIFFRACTION' ? 
r_scbond_it                  1.884  3.000  ? 236  'X-RAY DIFFRACTION' ? 
r_scangle_it                 2.646  4.500  ? 209  'X-RAY DIFFRACTION' ? 
r_rigid_bond_restr           ?      ?      ? ?    'X-RAY DIFFRACTION' ? 
r_sphericity_free            ?      ?      ? ?    'X-RAY DIFFRACTION' ? 
r_sphericity_bonded          ?      ?      ? ?    'X-RAY DIFFRACTION' ? 
# 
_refine_ls_shell.pdbx_refine_id                   'X-RAY DIFFRACTION' 
_refine_ls_shell.pdbx_total_number_of_bins_used   20 
_refine_ls_shell.d_res_high                       1.854 
_refine_ls_shell.d_res_low                        1.902 
_refine_ls_shell.number_reflns_R_work             574 
_refine_ls_shell.R_factor_R_work                  0.235 
_refine_ls_shell.percent_reflns_obs               93.60 
_refine_ls_shell.R_factor_R_free                  0.342 
_refine_ls_shell.R_factor_R_free_error            ? 
_refine_ls_shell.percent_reflns_R_free            ? 
_refine_ls_shell.number_reflns_R_free             26 
_refine_ls_shell.number_reflns_all                ? 
_refine_ls_shell.R_factor_all                     ? 
_refine_ls_shell.redundancy_reflns_obs            ? 
_refine_ls_shell.number_reflns_obs                ? 
# 
_struct.entry_id                  3LEQ 
_struct.title                     'The Crystal Structure of the Roadblock/LC7 domain from Streptomyces avermitillis to 1.85A' 
_struct.pdbx_model_details        ? 
_struct.pdbx_CASP_flag            ? 
_struct.pdbx_model_type_details   ? 
# 
_struct_keywords.entry_id        3LEQ 
_struct_keywords.pdbx_keywords   'structure genomics, unknown function' 
_struct_keywords.text            
;PSI, MCSG, Structural Genomics, Midwest Center for Structural Genomics, Protein Structure Initiative, structure genomics, unknown function
;
# 
loop_
_struct_asym.id 
_struct_asym.pdbx_blank_PDB_chainid_flag 
_struct_asym.pdbx_modified 
_struct_asym.entity_id 
_struct_asym.details 
A N N 1 ? 
B N N 2 ? 
# 
_struct_ref.id                         1 
_struct_ref.db_name                    UNP 
_struct_ref.db_code                    Q82L23_STRAW 
_struct_ref.pdbx_db_accession          Q82L23 
_struct_ref.entity_id                  1 
_struct_ref.pdbx_seq_one_letter_code   
;THSQLDQLLTGLVDRVAEVDHAVVLSEDGLVVSKSTGFLRDDAERLAATASGLMSLSKGVSMDFRRGPVRQALIEMGKGY
LILTAAGPGAHLVVLTRQGADVGVVAYQMNMLVKKIGEHLSAPPRG
;
_struct_ref.pdbx_align_begin           8 
_struct_ref.pdbx_db_isoform            ? 
# 
_struct_ref_seq.align_id                      1 
_struct_ref_seq.ref_id                        1 
_struct_ref_seq.pdbx_PDB_id_code              3LEQ 
_struct_ref_seq.pdbx_strand_id                A 
_struct_ref_seq.seq_align_beg                 1 
_struct_ref_seq.pdbx_seq_align_beg_ins_code   ? 
_struct_ref_seq.seq_align_end                 126 
_struct_ref_seq.pdbx_seq_align_end_ins_code   ? 
_struct_ref_seq.pdbx_db_accession             Q82L23 
_struct_ref_seq.db_align_beg                  8 
_struct_ref_seq.pdbx_db_align_beg_ins_code    ? 
_struct_ref_seq.db_align_end                  133 
_struct_ref_seq.pdbx_db_align_end_ins_code    ? 
_struct_ref_seq.pdbx_auth_seq_align_beg       8 
_struct_ref_seq.pdbx_auth_seq_align_end       133 
# 
loop_
_pdbx_struct_assembly.id 
_pdbx_struct_assembly.details 
_pdbx_struct_assembly.method_details 
_pdbx_struct_assembly.oligomeric_details 
_pdbx_struct_assembly.oligomeric_count 
1 author_defined_assembly              ?    monomeric 1 
2 author_and_software_defined_assembly PISA dimeric   2 
# 
loop_
_pdbx_struct_assembly_prop.biol_id 
_pdbx_struct_assembly_prop.type 
_pdbx_struct_assembly_prop.value 
_pdbx_struct_assembly_prop.details 
2 'ABSA (A^2)' 1100  ? 
2 MORE         -9    ? 
2 'SSA (A^2)'  10180 ? 
# 
loop_
_pdbx_struct_assembly_gen.assembly_id 
_pdbx_struct_assembly_gen.oper_expression 
_pdbx_struct_assembly_gen.asym_id_list 
1 1   A,B 
2 1,2 A,B 
# 
loop_
_pdbx_struct_oper_list.id 
_pdbx_struct_oper_list.type 
_pdbx_struct_oper_list.name 
_pdbx_struct_oper_list.symmetry_operation 
_pdbx_struct_oper_list.matrix[1][1] 
_pdbx_struct_oper_list.matrix[1][2] 
_pdbx_struct_oper_list.matrix[1][3] 
_pdbx_struct_oper_list.vector[1] 
_pdbx_struct_oper_list.matrix[2][1] 
_pdbx_struct_oper_list.matrix[2][2] 
_pdbx_struct_oper_list.matrix[2][3] 
_pdbx_struct_oper_list.vector[2] 
_pdbx_struct_oper_list.matrix[3][1] 
_pdbx_struct_oper_list.matrix[3][2] 
_pdbx_struct_oper_list.matrix[3][3] 
_pdbx_struct_oper_list.vector[3] 
1 'identity operation'         1_555 x,y,z       1.0000000000 0.0000000000  0.0000000000  0.0000000000  0.0000000000  1.0000000000  0.0000000000 0.0000000000  0.0000000000  0.0000000000 1.0000000000  0.0000000000   
2 'crystal symmetry operation' 2_656 -x+1,y,-z+1 0.8062822149 -0.2407219066 -0.5403350383 -3.6555936998 -0.2407219066 -0.9679191680 0.0720100544 17.3214675285 -0.5403350383 0.0720100544 -0.8383630469 -19.9370572136 
# 
_struct_biol.id        1 
_struct_biol.details   ? 
# 
loop_
_struct_conf.conf_type_id 
_struct_conf.id 
_struct_conf.pdbx_PDB_helix_id 
_struct_conf.beg_label_comp_id 
_struct_conf.beg_label_asym_id 
_struct_conf.beg_label_seq_id 
_struct_conf.pdbx_beg_PDB_ins_code 
_struct_conf.end_label_comp_id 
_struct_conf.end_label_asym_id 
_struct_conf.end_label_seq_id 
_struct_conf.pdbx_end_PDB_ins_code 
_struct_conf.beg_auth_comp_id 
_struct_conf.beg_auth_asym_id 
_struct_conf.beg_auth_seq_id 
_struct_conf.end_auth_comp_id 
_struct_conf.end_auth_asym_id 
_struct_conf.end_auth_seq_id 
_struct_conf.pdbx_PDB_helix_class 
_struct_conf.details 
_struct_conf.pdbx_PDB_helix_length 
HELX_P HELX_P1 1 SER A 3   ? VAL A 16  ? SER A 10  VAL A 23  1 ? 14 
HELX_P HELX_P2 2 LEU A 39  ? LEU A 56  ? LEU A 46  LEU A 63  1 ? 18 
HELX_P HELX_P3 3 ASP A 101 ? ILE A 116 ? ASP A 108 ILE A 123 1 ? 16 
# 
_struct_conf_type.id          HELX_P 
_struct_conf_type.criteria    ? 
_struct_conf_type.reference   ? 
# 
loop_
_struct_conn.id 
_struct_conn.conn_type_id 
_struct_conn.pdbx_leaving_atom_flag 
_struct_conn.pdbx_PDB_id 
_struct_conn.ptnr1_label_asym_id 
_struct_conn.ptnr1_label_comp_id 
_struct_conn.ptnr1_label_seq_id 
_struct_conn.ptnr1_label_atom_id 
_struct_conn.pdbx_ptnr1_label_alt_id 
_struct_conn.pdbx_ptnr1_PDB_ins_code 
_struct_conn.pdbx_ptnr1_standard_comp_id 
_struct_conn.ptnr1_symmetry 
_struct_conn.ptnr2_label_asym_id 
_struct_conn.ptnr2_label_comp_id 
_struct_conn.ptnr2_label_seq_id 
_struct_conn.ptnr2_label_atom_id 
_struct_conn.pdbx_ptnr2_label_alt_id 
_struct_conn.pdbx_ptnr2_PDB_ins_code 
_struct_conn.ptnr1_auth_asym_id 
_struct_conn.ptnr1_auth_comp_id 
_struct_conn.ptnr1_auth_seq_id 
_struct_conn.ptnr2_auth_asym_id 
_struct_conn.ptnr2_auth_comp_id 
_struct_conn.ptnr2_auth_seq_id 
_struct_conn.ptnr2_symmetry 
_struct_conn.pdbx_ptnr3_label_atom_id 
_struct_conn.pdbx_ptnr3_label_seq_id 
_struct_conn.pdbx_ptnr3_label_comp_id 
_struct_conn.pdbx_ptnr3_label_asym_id 
_struct_conn.pdbx_ptnr3_label_alt_id 
_struct_conn.pdbx_ptnr3_PDB_ins_code 
_struct_conn.details 
_struct_conn.pdbx_dist_value 
_struct_conn.pdbx_value_order 
_struct_conn.pdbx_role 
covale1 covale both ? A LEU 53  C ? ? ? 1_555 A MSE 54  N ? ? A LEU 60  A MSE 61  1_555 ? ? ? ? ? ? ? 1.320 ? ? 
covale2 covale both ? A MSE 54  C ? ? ? 1_555 A SER 55  N ? ? A MSE 61  A SER 62  1_555 ? ? ? ? ? ? ? 1.325 ? ? 
covale3 covale both ? A GLU 75  C ? ? ? 1_555 A MSE 76  N ? ? A GLU 82  A MSE 83  1_555 ? ? ? ? ? ? ? 1.328 ? ? 
covale4 covale both ? A MSE 76  C ? ? ? 1_555 A GLY 77  N ? ? A MSE 83  A GLY 84  1_555 ? ? ? ? ? ? ? 1.336 ? ? 
covale5 covale both ? A GLN 108 C ? ? ? 1_555 A MSE 109 N ? ? A GLN 115 A MSE 116 1_555 ? ? ? ? ? ? ? 1.341 ? ? 
covale6 covale both ? A MSE 109 C ? ? ? 1_555 A ASN 110 N ? ? A MSE 116 A ASN 117 1_555 ? ? ? ? ? ? ? 1.329 ? ? 
covale7 covale both ? A ASN 110 C ? ? ? 1_555 A MSE 111 N ? ? A ASN 117 A MSE 118 1_555 ? ? ? ? ? ? ? 1.333 ? ? 
covale8 covale both ? A MSE 111 C ? ? ? 1_555 A LEU 112 N ? ? A MSE 118 A LEU 119 1_555 ? ? ? ? ? ? ? 1.330 ? ? 
# 
_struct_conn_type.id          covale 
_struct_conn_type.criteria    ? 
_struct_conn_type.reference   ? 
# 
loop_
_pdbx_modification_feature.ordinal 
_pdbx_modification_feature.label_comp_id 
_pdbx_modification_feature.label_asym_id 
_pdbx_modification_feature.label_seq_id 
_pdbx_modification_feature.label_alt_id 
_pdbx_modification_feature.modified_residue_label_comp_id 
_pdbx_modification_feature.modified_residue_label_asym_id 
_pdbx_modification_feature.modified_residue_label_seq_id 
_pdbx_modification_feature.modified_residue_label_alt_id 
_pdbx_modification_feature.auth_comp_id 
_pdbx_modification_feature.auth_asym_id 
_pdbx_modification_feature.auth_seq_id 
_pdbx_modification_feature.PDB_ins_code 
_pdbx_modification_feature.symmetry 
_pdbx_modification_feature.modified_residue_auth_comp_id 
_pdbx_modification_feature.modified_residue_auth_asym_id 
_pdbx_modification_feature.modified_residue_auth_seq_id 
_pdbx_modification_feature.modified_residue_PDB_ins_code 
_pdbx_modification_feature.modified_residue_symmetry 
_pdbx_modification_feature.comp_id_linking_atom 
_pdbx_modification_feature.modified_residue_id_linking_atom 
_pdbx_modification_feature.modified_residue_id 
_pdbx_modification_feature.ref_pcm_id 
_pdbx_modification_feature.ref_comp_id 
_pdbx_modification_feature.type 
_pdbx_modification_feature.category 
1 MSE A 54  ? . . . . MSE A 61  ? 1_555 . . . . . . . MET 1 MSE Selenomethionine 'Named protein modification' 
2 MSE A 76  ? . . . . MSE A 83  ? 1_555 . . . . . . . MET 1 MSE Selenomethionine 'Named protein modification' 
3 MSE A 109 ? . . . . MSE A 116 ? 1_555 . . . . . . . MET 1 MSE Selenomethionine 'Named protein modification' 
4 MSE A 111 ? . . . . MSE A 118 ? 1_555 . . . . . . . MET 1 MSE Selenomethionine 'Named protein modification' 
# 
_struct_sheet.id               A 
_struct_sheet.type             ? 
_struct_sheet.number_strands   5 
_struct_sheet.details          ? 
# 
loop_
_struct_sheet_order.sheet_id 
_struct_sheet_order.range_id_1 
_struct_sheet_order.range_id_2 
_struct_sheet_order.offset 
_struct_sheet_order.sense 
A 1 2 ? anti-parallel 
A 2 3 ? anti-parallel 
A 3 4 ? anti-parallel 
A 4 5 ? anti-parallel 
# 
loop_
_struct_sheet_range.sheet_id 
_struct_sheet_range.id 
_struct_sheet_range.beg_label_comp_id 
_struct_sheet_range.beg_label_asym_id 
_struct_sheet_range.beg_label_seq_id 
_struct_sheet_range.pdbx_beg_PDB_ins_code 
_struct_sheet_range.end_label_comp_id 
_struct_sheet_range.end_label_asym_id 
_struct_sheet_range.end_label_seq_id 
_struct_sheet_range.pdbx_end_PDB_ins_code 
_struct_sheet_range.beg_auth_comp_id 
_struct_sheet_range.beg_auth_asym_id 
_struct_sheet_range.beg_auth_seq_id 
_struct_sheet_range.end_auth_comp_id 
_struct_sheet_range.end_auth_asym_id 
_struct_sheet_range.end_auth_seq_id 
A 1 VAL A 31 ? LYS A 34 ? VAL A 38 LYS A 41  
A 2 VAL A 19 ? SER A 26 ? VAL A 26 SER A 33  
A 3 ALA A 90 ? THR A 96 ? ALA A 97 THR A 103 
A 4 TYR A 80 ? ALA A 85 ? TYR A 87 ALA A 92  
A 5 GLN A 71 ? GLU A 75 ? GLN A 78 GLU A 82  
# 
loop_
_pdbx_struct_sheet_hbond.sheet_id 
_pdbx_struct_sheet_hbond.range_id_1 
_pdbx_struct_sheet_hbond.range_id_2 
_pdbx_struct_sheet_hbond.range_1_label_atom_id 
_pdbx_struct_sheet_hbond.range_1_label_comp_id 
_pdbx_struct_sheet_hbond.range_1_label_asym_id 
_pdbx_struct_sheet_hbond.range_1_label_seq_id 
_pdbx_struct_sheet_hbond.range_1_PDB_ins_code 
_pdbx_struct_sheet_hbond.range_1_auth_atom_id 
_pdbx_struct_sheet_hbond.range_1_auth_comp_id 
_pdbx_struct_sheet_hbond.range_1_auth_asym_id 
_pdbx_struct_sheet_hbond.range_1_auth_seq_id 
_pdbx_struct_sheet_hbond.range_2_label_atom_id 
_pdbx_struct_sheet_hbond.range_2_label_comp_id 
_pdbx_struct_sheet_hbond.range_2_label_asym_id 
_pdbx_struct_sheet_hbond.range_2_label_seq_id 
_pdbx_struct_sheet_hbond.range_2_PDB_ins_code 
_pdbx_struct_sheet_hbond.range_2_auth_atom_id 
_pdbx_struct_sheet_hbond.range_2_auth_comp_id 
_pdbx_struct_sheet_hbond.range_2_auth_asym_id 
_pdbx_struct_sheet_hbond.range_2_auth_seq_id 
A 1 2 O VAL A 32 ? O VAL A 39  N VAL A 24 ? N VAL A 31  
A 2 3 N VAL A 23 ? N VAL A 30  O VAL A 93 ? O VAL A 100 
A 3 4 O VAL A 94 ? O VAL A 101 N ILE A 82 ? N ILE A 89  
A 4 5 O LEU A 83 ? O LEU A 90  N ALA A 72 ? N ALA A 79  
# 
_pdbx_entry_details.entry_id                   3LEQ 
_pdbx_entry_details.nonpolymer_details         ? 
_pdbx_entry_details.sequence_details           'THIS WAS A IN SITU PROTEOLYSIS CRYSTAL STRUCTURE' 
_pdbx_entry_details.compound_details           ? 
_pdbx_entry_details.source_details             ? 
_pdbx_entry_details.has_ligand_of_interest     ? 
_pdbx_entry_details.has_protein_modification   Y 
# 
_pdbx_SG_project.id                    1 
_pdbx_SG_project.project_name          'PSI, Protein Structure Initiative' 
_pdbx_SG_project.full_name_of_center   'Midwest Center for Structural Genomics' 
_pdbx_SG_project.initial_of_center     MCSG 
# 
loop_
_pdbx_struct_mod_residue.id 
_pdbx_struct_mod_residue.label_asym_id 
_pdbx_struct_mod_residue.label_comp_id 
_pdbx_struct_mod_residue.label_seq_id 
_pdbx_struct_mod_residue.auth_asym_id 
_pdbx_struct_mod_residue.auth_comp_id 
_pdbx_struct_mod_residue.auth_seq_id 
_pdbx_struct_mod_residue.PDB_ins_code 
_pdbx_struct_mod_residue.parent_comp_id 
_pdbx_struct_mod_residue.details 
1 A MSE 54  A MSE 61  ? MET SELENOMETHIONINE 
2 A MSE 76  A MSE 83  ? MET SELENOMETHIONINE 
3 A MSE 109 A MSE 116 ? MET SELENOMETHIONINE 
4 A MSE 111 A MSE 118 ? MET SELENOMETHIONINE 
# 
loop_
_pdbx_refine_tls.pdbx_refine_id 
_pdbx_refine_tls.id 
_pdbx_refine_tls.details 
_pdbx_refine_tls.method 
_pdbx_refine_tls.origin_x 
_pdbx_refine_tls.origin_y 
_pdbx_refine_tls.origin_z 
_pdbx_refine_tls.T[1][1] 
_pdbx_refine_tls.T[2][2] 
_pdbx_refine_tls.T[3][3] 
_pdbx_refine_tls.T[1][2] 
_pdbx_refine_tls.T[1][3] 
_pdbx_refine_tls.T[2][3] 
_pdbx_refine_tls.L[1][1] 
_pdbx_refine_tls.L[2][2] 
_pdbx_refine_tls.L[3][3] 
_pdbx_refine_tls.L[1][2] 
_pdbx_refine_tls.L[1][3] 
_pdbx_refine_tls.L[2][3] 
_pdbx_refine_tls.S[1][1] 
_pdbx_refine_tls.S[1][2] 
_pdbx_refine_tls.S[1][3] 
_pdbx_refine_tls.S[2][1] 
_pdbx_refine_tls.S[2][2] 
_pdbx_refine_tls.S[2][3] 
_pdbx_refine_tls.S[3][1] 
_pdbx_refine_tls.S[3][2] 
_pdbx_refine_tls.S[3][3] 
'X-RAY DIFFRACTION' 1  ? refined 2.7774   -6.3841 12.0477 0.3195 0.2017 0.1794 0.0152  0.0106  0.0095  26.9748 23.3198 23.0323 -0.9487  13.5540  -1.6390  0.0948  -0.1613 -0.6559 0.7991  0.5503  -0.4589 1.3002  0.3012  -0.6451 
'X-RAY DIFFRACTION' 2  ? refined -2.7633  -4.8001 7.0034  0.1617 0.1519 0.1924 -0.0239 0.0607  0.0422  17.9972 11.2318 4.3408  2.2049   1.9890   -3.5259  0.2460  -0.7129 0.1575  -0.0844 -0.0685 0.2062  0.4391  -0.4065 -0.1774 
'X-RAY DIFFRACTION' 3  ? refined -7.1037  -7.1108 0.4344  0.3030 0.1576 0.2447 -0.1371 -0.0038 0.0466  12.9132 7.2212  8.8123  0.5092   1.1126   4.2045   -0.3838 0.1555  -0.6613 0.0035  0.3013  0.4081  0.8962  -0.6819 0.0826  
'X-RAY DIFFRACTION' 4  ? refined 7.2482   2.5765  2.4885  0.0947 0.1962 0.1474 0.0268  0.0117  -0.0084 14.3612 13.6301 12.2732 3.8668   0.2454   2.5099   0.0336  -0.2560 0.4311  -0.0270 0.1566  -0.7410 -0.1966 0.8591  -0.1901 
'X-RAY DIFFRACTION' 5  ? refined 8.2135   -2.3110 4.2852  0.1428 0.2296 0.1627 0.0722  0.0134  0.0340  18.6282 25.2492 7.1472  15.0316  -0.8043  -2.0732  0.3524  -0.9023 -0.6696 0.6850  -0.2490 -1.0522 0.4013  0.6966  -0.1034 
'X-RAY DIFFRACTION' 6  ? refined 7.2553   -9.5363 -0.6375 0.9514 0.2697 0.8235 0.4117  0.3411  0.3245  18.0388 3.2046  12.6479 -5.6904  -3.6232  2.4413   0.4685  0.2856  -1.0358 -0.2446 -0.7709 -0.4231 3.6553  1.5107  0.3025  
'X-RAY DIFFRACTION' 7  ? refined 9.0818   -0.2306 -6.2972 0.0742 0.2252 0.1648 0.0420  0.0404  -0.0049 10.5372 28.0003 13.1577 -0.3100  1.3483   -13.7028 0.0672  0.5692  -0.4859 -0.1265 -0.2404 -0.5953 -0.0716 1.1184  0.1732  
'X-RAY DIFFRACTION' 8  ? refined 6.5104   10.8157 -6.9783 0.5179 0.4263 0.6968 -0.2359 -0.1077 -0.0682 8.1516  5.0113  0.9365  -10.6133 -7.6051  8.4839   -0.6280 -0.6240 0.9277  0.6660  0.4149  -0.4394 0.1953  0.2887  0.2133  
'X-RAY DIFFRACTION' 9  ? refined -3.3640  5.2840  -9.7578 0.3427 0.1380 0.1132 -0.0803 -0.0572 0.0645  22.9878 60.6633 60.0365 26.9403  28.0270  42.5838  -0.7452 0.1213  -0.1780 -1.5093 0.2470  0.0013  -0.1777 -0.7065 0.4981  
'X-RAY DIFFRACTION' 10 ? refined -4.1786  0.0443  -9.5738 0.2304 0.1792 0.1188 -0.0950 0.0030  -0.0367 20.3212 23.8444 25.8253 11.0323  10.7855  10.8974  -0.4959 1.1398  -0.7503 -1.3407 0.6092  0.0579  0.6227  -0.8466 -0.1135 
'X-RAY DIFFRACTION' 11 ? refined 2.5221   8.9628  3.7927  0.1855 0.2059 0.2113 -0.0773 -0.0175 -0.0776 7.7646  3.2264  18.2964 3.6358   11.6721  8.2017   -0.3600 -0.4915 0.1883  -0.5745 0.1736  -0.1535 -1.0177 -0.1212 0.1864  
'X-RAY DIFFRACTION' 12 ? refined -1.0286  0.3898  -2.2903 0.0918 0.0544 0.0899 0.0037  0.0173  -0.0040 9.3595  13.3697 19.4897 6.0584   6.1960   9.9997   -0.2769 -0.0345 -0.0838 -0.4545 0.0124  0.1515  -0.0557 -0.0656 0.2645  
'X-RAY DIFFRACTION' 13 ? refined -12.4242 -0.0952 -6.2233 0.4002 0.3844 0.2988 -0.0439 -0.1920 -0.0292 15.0547 9.3720  52.0734 -10.1168 -11.3215 22.2421  0.5572  1.0920  -0.8624 -0.8301 -1.0674 0.7557  -0.6885 -1.8192 0.5102  
'X-RAY DIFFRACTION' 14 ? refined -9.8343  3.3455  2.5573  0.1011 0.1518 0.1483 -0.0117 0.0092  -0.0250 12.0948 3.6681  19.0214 -5.3917  -0.1852  2.7833   0.1614  0.1041  0.0581  -0.2413 0.0178  -0.1699 -0.1215 -0.0919 -0.1792 
'X-RAY DIFFRACTION' 15 ? refined -5.3356  4.3089  9.6283  0.1408 0.2710 0.1571 -0.0186 0.0402  -0.0947 29.8434 15.7549 32.7097 7.9462   5.3926   -0.5774  -0.0672 -1.9955 0.8400  0.2079  -0.0147 -0.1887 -0.4423 0.4934  0.0818  
# 
loop_
_pdbx_refine_tls_group.pdbx_refine_id 
_pdbx_refine_tls_group.id 
_pdbx_refine_tls_group.refine_tls_id 
_pdbx_refine_tls_group.beg_auth_asym_id 
_pdbx_refine_tls_group.beg_auth_seq_id 
_pdbx_refine_tls_group.beg_label_asym_id 
_pdbx_refine_tls_group.beg_label_seq_id 
_pdbx_refine_tls_group.end_auth_asym_id 
_pdbx_refine_tls_group.end_auth_seq_id 
_pdbx_refine_tls_group.end_label_asym_id 
_pdbx_refine_tls_group.end_label_seq_id 
_pdbx_refine_tls_group.selection 
_pdbx_refine_tls_group.selection_details 
'X-RAY DIFFRACTION' 1  1  A 9   ? ? A 14  ? ? ? ? 
'X-RAY DIFFRACTION' 2  2  A 15  ? ? A 19  ? ? ? ? 
'X-RAY DIFFRACTION' 3  3  A 20  ? ? A 28  ? ? ? ? 
'X-RAY DIFFRACTION' 4  4  A 29  ? ? A 35  ? ? ? ? 
'X-RAY DIFFRACTION' 5  5  A 36  ? ? A 42  ? ? ? ? 
'X-RAY DIFFRACTION' 6  6  A 43  ? ? A 50  ? ? ? ? 
'X-RAY DIFFRACTION' 7  7  A 51  ? ? A 59  ? ? ? ? 
'X-RAY DIFFRACTION' 8  8  A 60  ? ? A 77  ? ? ? ? 
'X-RAY DIFFRACTION' 9  9  A 78  ? ? A 83  ? ? ? ? 
'X-RAY DIFFRACTION' 10 10 A 84  ? ? A 89  ? ? ? ? 
'X-RAY DIFFRACTION' 11 11 A 90  ? ? A 97  ? ? ? ? 
'X-RAY DIFFRACTION' 12 12 A 98  ? ? A 104 ? ? ? ? 
'X-RAY DIFFRACTION' 13 13 A 105 ? ? A 111 ? ? ? ? 
'X-RAY DIFFRACTION' 14 14 A 112 ? ? A 117 ? ? ? ? 
'X-RAY DIFFRACTION' 15 15 A 118 ? ? A 123 ? ? ? ? 
# 
loop_
_pdbx_unobs_or_zero_occ_residues.id 
_pdbx_unobs_or_zero_occ_residues.PDB_model_num 
_pdbx_unobs_or_zero_occ_residues.polymer_flag 
_pdbx_unobs_or_zero_occ_residues.occupancy_flag 
_pdbx_unobs_or_zero_occ_residues.auth_asym_id 
_pdbx_unobs_or_zero_occ_residues.auth_comp_id 
_pdbx_unobs_or_zero_occ_residues.auth_seq_id 
_pdbx_unobs_or_zero_occ_residues.PDB_ins_code 
_pdbx_unobs_or_zero_occ_residues.label_asym_id 
_pdbx_unobs_or_zero_occ_residues.label_comp_id 
_pdbx_unobs_or_zero_occ_residues.label_seq_id 
1  1 Y 1 A THR 8   ? A THR 1   
2  1 Y 1 A SER 64  ? A SER 57  
3  1 Y 1 A LYS 65  ? A LYS 58  
4  1 Y 1 A GLY 66  ? A GLY 59  
5  1 Y 1 A VAL 67  ? A VAL 60  
6  1 Y 1 A SER 68  ? A SER 61  
7  1 Y 1 A MSE 69  ? A MSE 62  
8  1 Y 1 A ASP 70  ? A ASP 63  
9  1 Y 1 A PHE 71  ? A PHE 64  
10 1 Y 1 A ARG 72  ? A ARG 65  
11 1 Y 1 A ARG 73  ? A ARG 66  
12 1 Y 1 A GLY 74  ? A GLY 67  
13 1 Y 1 A PRO 75  ? A PRO 68  
14 1 Y 1 A VAL 76  ? A VAL 69  
15 1 Y 1 A GLY 124 ? A GLY 117 
16 1 Y 1 A GLU 125 ? A GLU 118 
17 1 Y 1 A HIS 126 ? A HIS 119 
18 1 Y 1 A LEU 127 ? A LEU 120 
19 1 Y 1 A SER 128 ? A SER 121 
20 1 Y 1 A ALA 129 ? A ALA 122 
21 1 Y 1 A PRO 130 ? A PRO 123 
22 1 Y 1 A PRO 131 ? A PRO 124 
23 1 Y 1 A ARG 132 ? A ARG 125 
24 1 Y 1 A GLY 133 ? A GLY 126 
# 
loop_
_chem_comp_atom.comp_id 
_chem_comp_atom.atom_id 
_chem_comp_atom.type_symbol 
_chem_comp_atom.pdbx_aromatic_flag 
_chem_comp_atom.pdbx_stereo_config 
_chem_comp_atom.pdbx_ordinal 
ALA N    N  N N 1   
ALA CA   C  N S 2   
ALA C    C  N N 3   
ALA O    O  N N 4   
ALA CB   C  N N 5   
ALA OXT  O  N N 6   
ALA H    H  N N 7   
ALA H2   H  N N 8   
ALA HA   H  N N 9   
ALA HB1  H  N N 10  
ALA HB2  H  N N 11  
ALA HB3  H  N N 12  
ALA HXT  H  N N 13  
ARG N    N  N N 14  
ARG CA   C  N S 15  
ARG C    C  N N 16  
ARG O    O  N N 17  
ARG CB   C  N N 18  
ARG CG   C  N N 19  
ARG CD   C  N N 20  
ARG NE   N  N N 21  
ARG CZ   C  N N 22  
ARG NH1  N  N N 23  
ARG NH2  N  N N 24  
ARG OXT  O  N N 25  
ARG H    H  N N 26  
ARG H2   H  N N 27  
ARG HA   H  N N 28  
ARG HB2  H  N N 29  
ARG HB3  H  N N 30  
ARG HG2  H  N N 31  
ARG HG3  H  N N 32  
ARG HD2  H  N N 33  
ARG HD3  H  N N 34  
ARG HE   H  N N 35  
ARG HH11 H  N N 36  
ARG HH12 H  N N 37  
ARG HH21 H  N N 38  
ARG HH22 H  N N 39  
ARG HXT  H  N N 40  
ASN N    N  N N 41  
ASN CA   C  N S 42  
ASN C    C  N N 43  
ASN O    O  N N 44  
ASN CB   C  N N 45  
ASN CG   C  N N 46  
ASN OD1  O  N N 47  
ASN ND2  N  N N 48  
ASN OXT  O  N N 49  
ASN H    H  N N 50  
ASN H2   H  N N 51  
ASN HA   H  N N 52  
ASN HB2  H  N N 53  
ASN HB3  H  N N 54  
ASN HD21 H  N N 55  
ASN HD22 H  N N 56  
ASN HXT  H  N N 57  
ASP N    N  N N 58  
ASP CA   C  N S 59  
ASP C    C  N N 60  
ASP O    O  N N 61  
ASP CB   C  N N 62  
ASP CG   C  N N 63  
ASP OD1  O  N N 64  
ASP OD2  O  N N 65  
ASP OXT  O  N N 66  
ASP H    H  N N 67  
ASP H2   H  N N 68  
ASP HA   H  N N 69  
ASP HB2  H  N N 70  
ASP HB3  H  N N 71  
ASP HD2  H  N N 72  
ASP HXT  H  N N 73  
GLN N    N  N N 74  
GLN CA   C  N S 75  
GLN C    C  N N 76  
GLN O    O  N N 77  
GLN CB   C  N N 78  
GLN CG   C  N N 79  
GLN CD   C  N N 80  
GLN OE1  O  N N 81  
GLN NE2  N  N N 82  
GLN OXT  O  N N 83  
GLN H    H  N N 84  
GLN H2   H  N N 85  
GLN HA   H  N N 86  
GLN HB2  H  N N 87  
GLN HB3  H  N N 88  
GLN HG2  H  N N 89  
GLN HG3  H  N N 90  
GLN HE21 H  N N 91  
GLN HE22 H  N N 92  
GLN HXT  H  N N 93  
GLU N    N  N N 94  
GLU CA   C  N S 95  
GLU C    C  N N 96  
GLU O    O  N N 97  
GLU CB   C  N N 98  
GLU CG   C  N N 99  
GLU CD   C  N N 100 
GLU OE1  O  N N 101 
GLU OE2  O  N N 102 
GLU OXT  O  N N 103 
GLU H    H  N N 104 
GLU H2   H  N N 105 
GLU HA   H  N N 106 
GLU HB2  H  N N 107 
GLU HB3  H  N N 108 
GLU HG2  H  N N 109 
GLU HG3  H  N N 110 
GLU HE2  H  N N 111 
GLU HXT  H  N N 112 
GLY N    N  N N 113 
GLY CA   C  N N 114 
GLY C    C  N N 115 
GLY O    O  N N 116 
GLY OXT  O  N N 117 
GLY H    H  N N 118 
GLY H2   H  N N 119 
GLY HA2  H  N N 120 
GLY HA3  H  N N 121 
GLY HXT  H  N N 122 
HIS N    N  N N 123 
HIS CA   C  N S 124 
HIS C    C  N N 125 
HIS O    O  N N 126 
HIS CB   C  N N 127 
HIS CG   C  Y N 128 
HIS ND1  N  Y N 129 
HIS CD2  C  Y N 130 
HIS CE1  C  Y N 131 
HIS NE2  N  Y N 132 
HIS OXT  O  N N 133 
HIS H    H  N N 134 
HIS H2   H  N N 135 
HIS HA   H  N N 136 
HIS HB2  H  N N 137 
HIS HB3  H  N N 138 
HIS HD1  H  N N 139 
HIS HD2  H  N N 140 
HIS HE1  H  N N 141 
HIS HE2  H  N N 142 
HIS HXT  H  N N 143 
HOH O    O  N N 144 
HOH H1   H  N N 145 
HOH H2   H  N N 146 
ILE N    N  N N 147 
ILE CA   C  N S 148 
ILE C    C  N N 149 
ILE O    O  N N 150 
ILE CB   C  N S 151 
ILE CG1  C  N N 152 
ILE CG2  C  N N 153 
ILE CD1  C  N N 154 
ILE OXT  O  N N 155 
ILE H    H  N N 156 
ILE H2   H  N N 157 
ILE HA   H  N N 158 
ILE HB   H  N N 159 
ILE HG12 H  N N 160 
ILE HG13 H  N N 161 
ILE HG21 H  N N 162 
ILE HG22 H  N N 163 
ILE HG23 H  N N 164 
ILE HD11 H  N N 165 
ILE HD12 H  N N 166 
ILE HD13 H  N N 167 
ILE HXT  H  N N 168 
LEU N    N  N N 169 
LEU CA   C  N S 170 
LEU C    C  N N 171 
LEU O    O  N N 172 
LEU CB   C  N N 173 
LEU CG   C  N N 174 
LEU CD1  C  N N 175 
LEU CD2  C  N N 176 
LEU OXT  O  N N 177 
LEU H    H  N N 178 
LEU H2   H  N N 179 
LEU HA   H  N N 180 
LEU HB2  H  N N 181 
LEU HB3  H  N N 182 
LEU HG   H  N N 183 
LEU HD11 H  N N 184 
LEU HD12 H  N N 185 
LEU HD13 H  N N 186 
LEU HD21 H  N N 187 
LEU HD22 H  N N 188 
LEU HD23 H  N N 189 
LEU HXT  H  N N 190 
LYS N    N  N N 191 
LYS CA   C  N S 192 
LYS C    C  N N 193 
LYS O    O  N N 194 
LYS CB   C  N N 195 
LYS CG   C  N N 196 
LYS CD   C  N N 197 
LYS CE   C  N N 198 
LYS NZ   N  N N 199 
LYS OXT  O  N N 200 
LYS H    H  N N 201 
LYS H2   H  N N 202 
LYS HA   H  N N 203 
LYS HB2  H  N N 204 
LYS HB3  H  N N 205 
LYS HG2  H  N N 206 
LYS HG3  H  N N 207 
LYS HD2  H  N N 208 
LYS HD3  H  N N 209 
LYS HE2  H  N N 210 
LYS HE3  H  N N 211 
LYS HZ1  H  N N 212 
LYS HZ2  H  N N 213 
LYS HZ3  H  N N 214 
LYS HXT  H  N N 215 
MSE N    N  N N 216 
MSE CA   C  N S 217 
MSE C    C  N N 218 
MSE O    O  N N 219 
MSE OXT  O  N N 220 
MSE CB   C  N N 221 
MSE CG   C  N N 222 
MSE SE   SE N N 223 
MSE CE   C  N N 224 
MSE H    H  N N 225 
MSE H2   H  N N 226 
MSE HA   H  N N 227 
MSE HXT  H  N N 228 
MSE HB2  H  N N 229 
MSE HB3  H  N N 230 
MSE HG2  H  N N 231 
MSE HG3  H  N N 232 
MSE HE1  H  N N 233 
MSE HE2  H  N N 234 
MSE HE3  H  N N 235 
PHE N    N  N N 236 
PHE CA   C  N S 237 
PHE C    C  N N 238 
PHE O    O  N N 239 
PHE CB   C  N N 240 
PHE CG   C  Y N 241 
PHE CD1  C  Y N 242 
PHE CD2  C  Y N 243 
PHE CE1  C  Y N 244 
PHE CE2  C  Y N 245 
PHE CZ   C  Y N 246 
PHE OXT  O  N N 247 
PHE H    H  N N 248 
PHE H2   H  N N 249 
PHE HA   H  N N 250 
PHE HB2  H  N N 251 
PHE HB3  H  N N 252 
PHE HD1  H  N N 253 
PHE HD2  H  N N 254 
PHE HE1  H  N N 255 
PHE HE2  H  N N 256 
PHE HZ   H  N N 257 
PHE HXT  H  N N 258 
PRO N    N  N N 259 
PRO CA   C  N S 260 
PRO C    C  N N 261 
PRO O    O  N N 262 
PRO CB   C  N N 263 
PRO CG   C  N N 264 
PRO CD   C  N N 265 
PRO OXT  O  N N 266 
PRO H    H  N N 267 
PRO HA   H  N N 268 
PRO HB2  H  N N 269 
PRO HB3  H  N N 270 
PRO HG2  H  N N 271 
PRO HG3  H  N N 272 
PRO HD2  H  N N 273 
PRO HD3  H  N N 274 
PRO HXT  H  N N 275 
SER N    N  N N 276 
SER CA   C  N S 277 
SER C    C  N N 278 
SER O    O  N N 279 
SER CB   C  N N 280 
SER OG   O  N N 281 
SER OXT  O  N N 282 
SER H    H  N N 283 
SER H2   H  N N 284 
SER HA   H  N N 285 
SER HB2  H  N N 286 
SER HB3  H  N N 287 
SER HG   H  N N 288 
SER HXT  H  N N 289 
THR N    N  N N 290 
THR CA   C  N S 291 
THR C    C  N N 292 
THR O    O  N N 293 
THR CB   C  N R 294 
THR OG1  O  N N 295 
THR CG2  C  N N 296 
THR OXT  O  N N 297 
THR H    H  N N 298 
THR H2   H  N N 299 
THR HA   H  N N 300 
THR HB   H  N N 301 
THR HG1  H  N N 302 
THR HG21 H  N N 303 
THR HG22 H  N N 304 
THR HG23 H  N N 305 
THR HXT  H  N N 306 
TYR N    N  N N 307 
TYR CA   C  N S 308 
TYR C    C  N N 309 
TYR O    O  N N 310 
TYR CB   C  N N 311 
TYR CG   C  Y N 312 
TYR CD1  C  Y N 313 
TYR CD2  C  Y N 314 
TYR CE1  C  Y N 315 
TYR CE2  C  Y N 316 
TYR CZ   C  Y N 317 
TYR OH   O  N N 318 
TYR OXT  O  N N 319 
TYR H    H  N N 320 
TYR H2   H  N N 321 
TYR HA   H  N N 322 
TYR HB2  H  N N 323 
TYR HB3  H  N N 324 
TYR HD1  H  N N 325 
TYR HD2  H  N N 326 
TYR HE1  H  N N 327 
TYR HE2  H  N N 328 
TYR HH   H  N N 329 
TYR HXT  H  N N 330 
VAL N    N  N N 331 
VAL CA   C  N S 332 
VAL C    C  N N 333 
VAL O    O  N N 334 
VAL CB   C  N N 335 
VAL CG1  C  N N 336 
VAL CG2  C  N N 337 
VAL OXT  O  N N 338 
VAL H    H  N N 339 
VAL H2   H  N N 340 
VAL HA   H  N N 341 
VAL HB   H  N N 342 
VAL HG11 H  N N 343 
VAL HG12 H  N N 344 
VAL HG13 H  N N 345 
VAL HG21 H  N N 346 
VAL HG22 H  N N 347 
VAL HG23 H  N N 348 
VAL HXT  H  N N 349 
# 
loop_
_chem_comp_bond.comp_id 
_chem_comp_bond.atom_id_1 
_chem_comp_bond.atom_id_2 
_chem_comp_bond.value_order 
_chem_comp_bond.pdbx_aromatic_flag 
_chem_comp_bond.pdbx_stereo_config 
_chem_comp_bond.pdbx_ordinal 
ALA N   CA   sing N N 1   
ALA N   H    sing N N 2   
ALA N   H2   sing N N 3   
ALA CA  C    sing N N 4   
ALA CA  CB   sing N N 5   
ALA CA  HA   sing N N 6   
ALA C   O    doub N N 7   
ALA C   OXT  sing N N 8   
ALA CB  HB1  sing N N 9   
ALA CB  HB2  sing N N 10  
ALA CB  HB3  sing N N 11  
ALA OXT HXT  sing N N 12  
ARG N   CA   sing N N 13  
ARG N   H    sing N N 14  
ARG N   H2   sing N N 15  
ARG CA  C    sing N N 16  
ARG CA  CB   sing N N 17  
ARG CA  HA   sing N N 18  
ARG C   O    doub N N 19  
ARG C   OXT  sing N N 20  
ARG CB  CG   sing N N 21  
ARG CB  HB2  sing N N 22  
ARG CB  HB3  sing N N 23  
ARG CG  CD   sing N N 24  
ARG CG  HG2  sing N N 25  
ARG CG  HG3  sing N N 26  
ARG CD  NE   sing N N 27  
ARG CD  HD2  sing N N 28  
ARG CD  HD3  sing N N 29  
ARG NE  CZ   sing N N 30  
ARG NE  HE   sing N N 31  
ARG CZ  NH1  sing N N 32  
ARG CZ  NH2  doub N N 33  
ARG NH1 HH11 sing N N 34  
ARG NH1 HH12 sing N N 35  
ARG NH2 HH21 sing N N 36  
ARG NH2 HH22 sing N N 37  
ARG OXT HXT  sing N N 38  
ASN N   CA   sing N N 39  
ASN N   H    sing N N 40  
ASN N   H2   sing N N 41  
ASN CA  C    sing N N 42  
ASN CA  CB   sing N N 43  
ASN CA  HA   sing N N 44  
ASN C   O    doub N N 45  
ASN C   OXT  sing N N 46  
ASN CB  CG   sing N N 47  
ASN CB  HB2  sing N N 48  
ASN CB  HB3  sing N N 49  
ASN CG  OD1  doub N N 50  
ASN CG  ND2  sing N N 51  
ASN ND2 HD21 sing N N 52  
ASN ND2 HD22 sing N N 53  
ASN OXT HXT  sing N N 54  
ASP N   CA   sing N N 55  
ASP N   H    sing N N 56  
ASP N   H2   sing N N 57  
ASP CA  C    sing N N 58  
ASP CA  CB   sing N N 59  
ASP CA  HA   sing N N 60  
ASP C   O    doub N N 61  
ASP C   OXT  sing N N 62  
ASP CB  CG   sing N N 63  
ASP CB  HB2  sing N N 64  
ASP CB  HB3  sing N N 65  
ASP CG  OD1  doub N N 66  
ASP CG  OD2  sing N N 67  
ASP OD2 HD2  sing N N 68  
ASP OXT HXT  sing N N 69  
GLN N   CA   sing N N 70  
GLN N   H    sing N N 71  
GLN N   H2   sing N N 72  
GLN CA  C    sing N N 73  
GLN CA  CB   sing N N 74  
GLN CA  HA   sing N N 75  
GLN C   O    doub N N 76  
GLN C   OXT  sing N N 77  
GLN CB  CG   sing N N 78  
GLN CB  HB2  sing N N 79  
GLN CB  HB3  sing N N 80  
GLN CG  CD   sing N N 81  
GLN CG  HG2  sing N N 82  
GLN CG  HG3  sing N N 83  
GLN CD  OE1  doub N N 84  
GLN CD  NE2  sing N N 85  
GLN NE2 HE21 sing N N 86  
GLN NE2 HE22 sing N N 87  
GLN OXT HXT  sing N N 88  
GLU N   CA   sing N N 89  
GLU N   H    sing N N 90  
GLU N   H2   sing N N 91  
GLU CA  C    sing N N 92  
GLU CA  CB   sing N N 93  
GLU CA  HA   sing N N 94  
GLU C   O    doub N N 95  
GLU C   OXT  sing N N 96  
GLU CB  CG   sing N N 97  
GLU CB  HB2  sing N N 98  
GLU CB  HB3  sing N N 99  
GLU CG  CD   sing N N 100 
GLU CG  HG2  sing N N 101 
GLU CG  HG3  sing N N 102 
GLU CD  OE1  doub N N 103 
GLU CD  OE2  sing N N 104 
GLU OE2 HE2  sing N N 105 
GLU OXT HXT  sing N N 106 
GLY N   CA   sing N N 107 
GLY N   H    sing N N 108 
GLY N   H2   sing N N 109 
GLY CA  C    sing N N 110 
GLY CA  HA2  sing N N 111 
GLY CA  HA3  sing N N 112 
GLY C   O    doub N N 113 
GLY C   OXT  sing N N 114 
GLY OXT HXT  sing N N 115 
HIS N   CA   sing N N 116 
HIS N   H    sing N N 117 
HIS N   H2   sing N N 118 
HIS CA  C    sing N N 119 
HIS CA  CB   sing N N 120 
HIS CA  HA   sing N N 121 
HIS C   O    doub N N 122 
HIS C   OXT  sing N N 123 
HIS CB  CG   sing N N 124 
HIS CB  HB2  sing N N 125 
HIS CB  HB3  sing N N 126 
HIS CG  ND1  sing Y N 127 
HIS CG  CD2  doub Y N 128 
HIS ND1 CE1  doub Y N 129 
HIS ND1 HD1  sing N N 130 
HIS CD2 NE2  sing Y N 131 
HIS CD2 HD2  sing N N 132 
HIS CE1 NE2  sing Y N 133 
HIS CE1 HE1  sing N N 134 
HIS NE2 HE2  sing N N 135 
HIS OXT HXT  sing N N 136 
HOH O   H1   sing N N 137 
HOH O   H2   sing N N 138 
ILE N   CA   sing N N 139 
ILE N   H    sing N N 140 
ILE N   H2   sing N N 141 
ILE CA  C    sing N N 142 
ILE CA  CB   sing N N 143 
ILE CA  HA   sing N N 144 
ILE C   O    doub N N 145 
ILE C   OXT  sing N N 146 
ILE CB  CG1  sing N N 147 
ILE CB  CG2  sing N N 148 
ILE CB  HB   sing N N 149 
ILE CG1 CD1  sing N N 150 
ILE CG1 HG12 sing N N 151 
ILE CG1 HG13 sing N N 152 
ILE CG2 HG21 sing N N 153 
ILE CG2 HG22 sing N N 154 
ILE CG2 HG23 sing N N 155 
ILE CD1 HD11 sing N N 156 
ILE CD1 HD12 sing N N 157 
ILE CD1 HD13 sing N N 158 
ILE OXT HXT  sing N N 159 
LEU N   CA   sing N N 160 
LEU N   H    sing N N 161 
LEU N   H2   sing N N 162 
LEU CA  C    sing N N 163 
LEU CA  CB   sing N N 164 
LEU CA  HA   sing N N 165 
LEU C   O    doub N N 166 
LEU C   OXT  sing N N 167 
LEU CB  CG   sing N N 168 
LEU CB  HB2  sing N N 169 
LEU CB  HB3  sing N N 170 
LEU CG  CD1  sing N N 171 
LEU CG  CD2  sing N N 172 
LEU CG  HG   sing N N 173 
LEU CD1 HD11 sing N N 174 
LEU CD1 HD12 sing N N 175 
LEU CD1 HD13 sing N N 176 
LEU CD2 HD21 sing N N 177 
LEU CD2 HD22 sing N N 178 
LEU CD2 HD23 sing N N 179 
LEU OXT HXT  sing N N 180 
LYS N   CA   sing N N 181 
LYS N   H    sing N N 182 
LYS N   H2   sing N N 183 
LYS CA  C    sing N N 184 
LYS CA  CB   sing N N 185 
LYS CA  HA   sing N N 186 
LYS C   O    doub N N 187 
LYS C   OXT  sing N N 188 
LYS CB  CG   sing N N 189 
LYS CB  HB2  sing N N 190 
LYS CB  HB3  sing N N 191 
LYS CG  CD   sing N N 192 
LYS CG  HG2  sing N N 193 
LYS CG  HG3  sing N N 194 
LYS CD  CE   sing N N 195 
LYS CD  HD2  sing N N 196 
LYS CD  HD3  sing N N 197 
LYS CE  NZ   sing N N 198 
LYS CE  HE2  sing N N 199 
LYS CE  HE3  sing N N 200 
LYS NZ  HZ1  sing N N 201 
LYS NZ  HZ2  sing N N 202 
LYS NZ  HZ3  sing N N 203 
LYS OXT HXT  sing N N 204 
MSE N   CA   sing N N 205 
MSE N   H    sing N N 206 
MSE N   H2   sing N N 207 
MSE CA  C    sing N N 208 
MSE CA  CB   sing N N 209 
MSE CA  HA   sing N N 210 
MSE C   O    doub N N 211 
MSE C   OXT  sing N N 212 
MSE OXT HXT  sing N N 213 
MSE CB  CG   sing N N 214 
MSE CB  HB2  sing N N 215 
MSE CB  HB3  sing N N 216 
MSE CG  SE   sing N N 217 
MSE CG  HG2  sing N N 218 
MSE CG  HG3  sing N N 219 
MSE SE  CE   sing N N 220 
MSE CE  HE1  sing N N 221 
MSE CE  HE2  sing N N 222 
MSE CE  HE3  sing N N 223 
PHE N   CA   sing N N 224 
PHE N   H    sing N N 225 
PHE N   H2   sing N N 226 
PHE CA  C    sing N N 227 
PHE CA  CB   sing N N 228 
PHE CA  HA   sing N N 229 
PHE C   O    doub N N 230 
PHE C   OXT  sing N N 231 
PHE CB  CG   sing N N 232 
PHE CB  HB2  sing N N 233 
PHE CB  HB3  sing N N 234 
PHE CG  CD1  doub Y N 235 
PHE CG  CD2  sing Y N 236 
PHE CD1 CE1  sing Y N 237 
PHE CD1 HD1  sing N N 238 
PHE CD2 CE2  doub Y N 239 
PHE CD2 HD2  sing N N 240 
PHE CE1 CZ   doub Y N 241 
PHE CE1 HE1  sing N N 242 
PHE CE2 CZ   sing Y N 243 
PHE CE2 HE2  sing N N 244 
PHE CZ  HZ   sing N N 245 
PHE OXT HXT  sing N N 246 
PRO N   CA   sing N N 247 
PRO N   CD   sing N N 248 
PRO N   H    sing N N 249 
PRO CA  C    sing N N 250 
PRO CA  CB   sing N N 251 
PRO CA  HA   sing N N 252 
PRO C   O    doub N N 253 
PRO C   OXT  sing N N 254 
PRO CB  CG   sing N N 255 
PRO CB  HB2  sing N N 256 
PRO CB  HB3  sing N N 257 
PRO CG  CD   sing N N 258 
PRO CG  HG2  sing N N 259 
PRO CG  HG3  sing N N 260 
PRO CD  HD2  sing N N 261 
PRO CD  HD3  sing N N 262 
PRO OXT HXT  sing N N 263 
SER N   CA   sing N N 264 
SER N   H    sing N N 265 
SER N   H2   sing N N 266 
SER CA  C    sing N N 267 
SER CA  CB   sing N N 268 
SER CA  HA   sing N N 269 
SER C   O    doub N N 270 
SER C   OXT  sing N N 271 
SER CB  OG   sing N N 272 
SER CB  HB2  sing N N 273 
SER CB  HB3  sing N N 274 
SER OG  HG   sing N N 275 
SER OXT HXT  sing N N 276 
THR N   CA   sing N N 277 
THR N   H    sing N N 278 
THR N   H2   sing N N 279 
THR CA  C    sing N N 280 
THR CA  CB   sing N N 281 
THR CA  HA   sing N N 282 
THR C   O    doub N N 283 
THR C   OXT  sing N N 284 
THR CB  OG1  sing N N 285 
THR CB  CG2  sing N N 286 
THR CB  HB   sing N N 287 
THR OG1 HG1  sing N N 288 
THR CG2 HG21 sing N N 289 
THR CG2 HG22 sing N N 290 
THR CG2 HG23 sing N N 291 
THR OXT HXT  sing N N 292 
TYR N   CA   sing N N 293 
TYR N   H    sing N N 294 
TYR N   H2   sing N N 295 
TYR CA  C    sing N N 296 
TYR CA  CB   sing N N 297 
TYR CA  HA   sing N N 298 
TYR C   O    doub N N 299 
TYR C   OXT  sing N N 300 
TYR CB  CG   sing N N 301 
TYR CB  HB2  sing N N 302 
TYR CB  HB3  sing N N 303 
TYR CG  CD1  doub Y N 304 
TYR CG  CD2  sing Y N 305 
TYR CD1 CE1  sing Y N 306 
TYR CD1 HD1  sing N N 307 
TYR CD2 CE2  doub Y N 308 
TYR CD2 HD2  sing N N 309 
TYR CE1 CZ   doub Y N 310 
TYR CE1 HE1  sing N N 311 
TYR CE2 CZ   sing Y N 312 
TYR CE2 HE2  sing N N 313 
TYR CZ  OH   sing N N 314 
TYR OH  HH   sing N N 315 
TYR OXT HXT  sing N N 316 
VAL N   CA   sing N N 317 
VAL N   H    sing N N 318 
VAL N   H2   sing N N 319 
VAL CA  C    sing N N 320 
VAL CA  CB   sing N N 321 
VAL CA  HA   sing N N 322 
VAL C   O    doub N N 323 
VAL C   OXT  sing N N 324 
VAL CB  CG1  sing N N 325 
VAL CB  CG2  sing N N 326 
VAL CB  HB   sing N N 327 
VAL CG1 HG11 sing N N 328 
VAL CG1 HG12 sing N N 329 
VAL CG1 HG13 sing N N 330 
VAL CG2 HG21 sing N N 331 
VAL CG2 HG22 sing N N 332 
VAL CG2 HG23 sing N N 333 
VAL OXT HXT  sing N N 334 
# 
_atom_sites.entry_id                    3LEQ 
_atom_sites.fract_transf_matrix[1][1]   0.00131174 
_atom_sites.fract_transf_matrix[1][2]   0.01146792 
_atom_sites.fract_transf_matrix[1][3]   -0.00072400 
_atom_sites.fract_transf_matrix[2][1]   0.03186481 
_atom_sites.fract_transf_matrix[2][2]   -0.00424660 
_atom_sites.fract_transf_matrix[2][3]   -0.00953211 
_atom_sites.fract_transf_matrix[3][1]   -0.00637162 
_atom_sites.fract_transf_matrix[3][2]   0.00580121 
_atom_sites.fract_transf_matrix[3][3]   -0.02388412 
_atom_sites.fract_transf_vector[1]      0.395843 
_atom_sites.fract_transf_vector[2]      0.726378 
_atom_sites.fract_transf_vector[3]      0.200016 
# 
loop_
_atom_type.symbol 
C  
N  
O  
SE 
# 
loop_
_atom_site.group_PDB 
_atom_site.id 
_atom_site.type_symbol 
_atom_site.label_atom_id 
_atom_site.label_alt_id 
_atom_site.label_comp_id 
_atom_site.label_asym_id 
_atom_site.label_entity_id 
_atom_site.label_seq_id 
_atom_site.pdbx_PDB_ins_code 
_atom_site.Cartn_x 
_atom_site.Cartn_y 
_atom_site.Cartn_z 
_atom_site.occupancy 
_atom_site.B_iso_or_equiv 
_atom_site.pdbx_formal_charge 
_atom_site.auth_seq_id 
_atom_site.auth_comp_id 
_atom_site.auth_asym_id 
_atom_site.auth_atom_id 
_atom_site.pdbx_PDB_model_num 
ATOM   1   N  N   . HIS A 1 2   ? 6.474   -10.422 13.944  1.00 14.13 ? 9   HIS A N   1 
ATOM   2   C  CA  . HIS A 1 2   ? 5.558   -9.540  13.152  1.00 14.70 ? 9   HIS A CA  1 
ATOM   3   C  C   . HIS A 1 2   ? 5.077   -8.346  13.972  1.00 14.21 ? 9   HIS A C   1 
ATOM   4   O  O   . HIS A 1 2   ? 4.472   -8.509  15.031  1.00 14.65 ? 9   HIS A O   1 
ATOM   5   C  CB  . HIS A 1 2   ? 4.370   -10.339 12.609  1.00 14.92 ? 9   HIS A CB  1 
ATOM   6   C  CG  . HIS A 1 2   ? 4.750   -11.346 11.567  1.00 16.23 ? 9   HIS A CG  1 
ATOM   7   N  ND1 . HIS A 1 2   ? 5.296   -10.987 10.352  1.00 17.77 ? 9   HIS A ND1 1 
ATOM   8   C  CD2 . HIS A 1 2   ? 4.664   -12.698 11.556  1.00 17.01 ? 9   HIS A CD2 1 
ATOM   9   C  CE1 . HIS A 1 2   ? 5.532   -12.076 9.639   1.00 17.73 ? 9   HIS A CE1 1 
ATOM   10  N  NE2 . HIS A 1 2   ? 5.161   -13.127 10.348  1.00 17.38 ? 9   HIS A NE2 1 
ATOM   11  N  N   . SER A 1 3   ? 5.350   -7.144  13.468  1.00 13.89 ? 10  SER A N   1 
ATOM   12  C  CA  . SER A 1 3   ? 5.059   -5.918  14.196  1.00 13.39 ? 10  SER A CA  1 
ATOM   13  C  C   . SER A 1 3   ? 3.575   -5.610  14.107  1.00 13.09 ? 10  SER A C   1 
ATOM   14  O  O   . SER A 1 3   ? 2.859   -6.208  13.301  1.00 12.37 ? 10  SER A O   1 
ATOM   15  C  CB  . SER A 1 3   ? 5.871   -4.767  13.612  1.00 13.50 ? 10  SER A CB  1 
ATOM   16  O  OG  . SER A 1 3   ? 5.445   -4.509  12.275  1.00 12.95 ? 10  SER A OG  1 
ATOM   17  N  N   . GLN A 1 4   ? 3.112   -4.675  14.930  1.00 12.79 ? 11  GLN A N   1 
ATOM   18  C  CA  . GLN A 1 4   ? 1.710   -4.253  14.889  1.00 12.80 ? 11  GLN A CA  1 
ATOM   19  C  C   . GLN A 1 4   ? 1.322   -3.715  13.514  1.00 12.64 ? 11  GLN A C   1 
ATOM   20  O  O   . GLN A 1 4   ? 0.216   -3.969  13.033  1.00 13.31 ? 11  GLN A O   1 
ATOM   21  C  CB  . GLN A 1 4   ? 1.425   -3.197  15.967  1.00 13.10 ? 11  GLN A CB  1 
ATOM   22  N  N   . LEU A 1 5   ? 2.232   -2.968  12.884  1.00 12.20 ? 12  LEU A N   1 
ATOM   23  C  CA  . LEU A 1 5   ? 1.986   -2.423  11.548  1.00 11.92 ? 12  LEU A CA  1 
ATOM   24  C  C   . LEU A 1 5   ? 1.848   -3.542  10.521  1.00 11.54 ? 12  LEU A C   1 
ATOM   25  O  O   . LEU A 1 5   ? 0.957   -3.494  9.675   1.00 11.76 ? 12  LEU A O   1 
ATOM   26  C  CB  . LEU A 1 5   ? 3.114   -1.469  11.130  1.00 11.77 ? 12  LEU A CB  1 
ATOM   27  C  CG  . LEU A 1 5   ? 2.792   -0.097  10.523  1.00 12.07 ? 12  LEU A CG  1 
ATOM   28  C  CD1 . LEU A 1 5   ? 3.996   0.448   9.718   1.00 9.91  ? 12  LEU A CD1 1 
ATOM   29  C  CD2 . LEU A 1 5   ? 1.537   -0.077  9.704   1.00 9.26  ? 12  LEU A CD2 1 
ATOM   30  N  N   . ASP A 1 6   ? 2.708   -4.558  10.606  1.00 11.26 ? 13  ASP A N   1 
ATOM   31  C  CA  . ASP A 1 6   ? 2.628   -5.722  9.700   1.00 11.69 ? 13  ASP A CA  1 
ATOM   32  C  C   . ASP A 1 6   ? 1.257   -6.370  9.793   1.00 11.23 ? 13  ASP A C   1 
ATOM   33  O  O   . ASP A 1 6   ? 0.677   -6.759  8.780   1.00 11.33 ? 13  ASP A O   1 
ATOM   34  C  CB  . ASP A 1 6   ? 3.685   -6.779  10.036  1.00 11.71 ? 13  ASP A CB  1 
ATOM   35  C  CG  . ASP A 1 6   ? 5.105   -6.305  9.795   1.00 14.26 ? 13  ASP A CG  1 
ATOM   36  O  OD1 . ASP A 1 6   ? 5.336   -5.399  8.948   1.00 15.29 ? 13  ASP A OD1 1 
ATOM   37  O  OD2 . ASP A 1 6   ? 6.007   -6.870  10.458  1.00 16.43 ? 13  ASP A OD2 1 
ATOM   38  N  N   . GLN A 1 7   ? 0.756   -6.510  11.021  1.00 11.85 ? 14  GLN A N   1 
ATOM   39  C  CA  . GLN A 1 7   ? -0.559  -7.128  11.277  1.00 11.54 ? 14  GLN A CA  1 
ATOM   40  C  C   . GLN A 1 7   ? -1.708  -6.274  10.747  1.00 11.37 ? 14  GLN A C   1 
ATOM   41  O  O   . GLN A 1 7   ? -2.656  -6.802  10.158  1.00 10.97 ? 14  GLN A O   1 
ATOM   42  C  CB  . GLN A 1 7   ? -0.745  -7.434  12.763  1.00 11.73 ? 14  GLN A CB  1 
ATOM   43  C  CG  . GLN A 1 7   ? 0.184   -8.533  13.268  1.00 13.68 ? 14  GLN A CG  1 
ATOM   44  C  CD  . GLN A 1 7   ? -0.111  -8.968  14.700  1.00 17.66 ? 14  GLN A CD  1 
ATOM   45  O  OE1 . GLN A 1 7   ? -0.923  -8.360  15.408  1.00 19.64 ? 14  GLN A OE1 1 
ATOM   46  N  NE2 . GLN A 1 7   ? 0.550   -10.033 15.128  1.00 19.34 ? 14  GLN A NE2 1 
ATOM   47  N  N   . LEU A 1 8   ? -1.613  -4.960  10.950  1.00 11.18 ? 15  LEU A N   1 
ATOM   48  C  CA  . LEU A 1 8   ? -2.554  -4.017  10.340  1.00 11.94 ? 15  LEU A CA  1 
ATOM   49  C  C   . LEU A 1 8   ? -2.620  -4.121  8.812   1.00 11.59 ? 15  LEU A C   1 
ATOM   50  O  O   . LEU A 1 8   ? -3.721  -4.157  8.236   1.00 11.22 ? 15  LEU A O   1 
ATOM   51  C  CB  . LEU A 1 8   ? -2.254  -2.570  10.760  1.00 11.62 ? 15  LEU A CB  1 
ATOM   52  C  CG  . LEU A 1 8   ? -2.784  -2.106  12.117  1.00 13.57 ? 15  LEU A CG  1 
ATOM   53  C  CD1 . LEU A 1 8   ? -2.433  -0.649  12.319  1.00 13.98 ? 15  LEU A CD1 1 
ATOM   54  C  CD2 . LEU A 1 8   ? -4.311  -2.320  12.247  1.00 16.05 ? 15  LEU A CD2 1 
ATOM   55  N  N   . LEU A 1 9   ? -1.442  -4.154  8.171   1.00 11.30 ? 16  LEU A N   1 
ATOM   56  C  CA  A LEU A 1 9   ? -1.342  -4.273  6.715   0.50 11.43 ? 16  LEU A CA  1 
ATOM   57  C  CA  B LEU A 1 9   ? -1.359  -4.264  6.717   0.50 11.72 ? 16  LEU A CA  1 
ATOM   58  C  C   . LEU A 1 9   ? -1.875  -5.619  6.245   1.00 11.97 ? 16  LEU A C   1 
ATOM   59  O  O   . LEU A 1 9   ? -2.588  -5.693  5.249   1.00 12.31 ? 16  LEU A O   1 
ATOM   60  C  CB  A LEU A 1 9   ? 0.107   -4.097  6.251   0.50 11.04 ? 16  LEU A CB  1 
ATOM   61  C  CB  B LEU A 1 9   ? 0.075   -4.019  6.222   0.50 11.50 ? 16  LEU A CB  1 
ATOM   62  C  CG  A LEU A 1 9   ? 0.758   -2.724  6.424   0.50 10.16 ? 16  LEU A CG  1 
ATOM   63  C  CG  B LEU A 1 9   ? 0.464   -2.591  5.806   0.50 12.06 ? 16  LEU A CG  1 
ATOM   64  C  CD1 A LEU A 1 9   ? 2.202   -2.785  5.976   0.50 10.06 ? 16  LEU A CD1 1 
ATOM   65  C  CD1 B LEU A 1 9   ? 0.288   -1.596  6.932   0.50 10.98 ? 16  LEU A CD1 1 
ATOM   66  C  CD2 A LEU A 1 9   ? 0.011   -1.672  5.621   0.50 9.28  ? 16  LEU A CD2 1 
ATOM   67  C  CD2 B LEU A 1 9   ? 1.898   -2.548  5.291   0.50 12.74 ? 16  LEU A CD2 1 
ATOM   68  N  N   . THR A 1 10  ? -1.518  -6.689  6.961   1.00 12.09 ? 17  THR A N   1 
ATOM   69  C  CA  . THR A 1 10  ? -1.988  -8.035  6.608   1.00 11.79 ? 17  THR A CA  1 
ATOM   70  C  C   . THR A 1 10  ? -3.512  -8.089  6.779   1.00 11.32 ? 17  THR A C   1 
ATOM   71  O  O   . THR A 1 10  ? -4.219  -8.691  5.969   1.00 11.11 ? 17  THR A O   1 
ATOM   72  C  CB  . THR A 1 10  ? -1.269  -9.125  7.441   1.00 11.89 ? 17  THR A CB  1 
ATOM   73  O  OG1 . THR A 1 10  ? 0.139   -8.903  7.371   1.00 12.34 ? 17  THR A OG1 1 
ATOM   74  C  CG2 . THR A 1 10  ? -1.590  -10.556 6.926   1.00 11.65 ? 17  THR A CG2 1 
ATOM   75  N  N   . GLY A 1 11  ? -3.998  -7.411  7.816   1.00 11.58 ? 18  GLY A N   1 
ATOM   76  C  CA  . GLY A 1 11  ? -5.425  -7.307  8.119   1.00 12.21 ? 18  GLY A CA  1 
ATOM   77  C  C   . GLY A 1 11  ? -6.195  -6.607  7.015   1.00 12.18 ? 18  GLY A C   1 
ATOM   78  O  O   . GLY A 1 11  ? -7.255  -7.079  6.603   1.00 12.70 ? 18  GLY A O   1 
ATOM   79  N  N   . LEU A 1 12  ? -5.653  -5.494  6.520   1.00 12.00 ? 19  LEU A N   1 
ATOM   80  C  CA  . LEU A 1 12  ? -6.242  -4.811  5.360   1.00 11.75 ? 19  LEU A CA  1 
ATOM   81  C  C   . LEU A 1 12  ? -6.371  -5.769  4.166   1.00 11.35 ? 19  LEU A C   1 
ATOM   82  O  O   . LEU A 1 12  ? -7.426  -5.857  3.545   1.00 11.14 ? 19  LEU A O   1 
ATOM   83  C  CB  . LEU A 1 12  ? -5.398  -3.601  4.956   1.00 11.38 ? 19  LEU A CB  1 
ATOM   84  C  CG  . LEU A 1 12  ? -5.807  -2.881  3.672   1.00 10.92 ? 19  LEU A CG  1 
ATOM   85  C  CD1 . LEU A 1 12  ? -7.074  -2.067  3.911   1.00 11.06 ? 19  LEU A CD1 1 
ATOM   86  C  CD2 . LEU A 1 12  ? -4.676  -1.988  3.152   1.00 11.35 ? 19  LEU A CD2 1 
ATOM   87  N  N   . VAL A 1 13  ? -5.288  -6.471  3.850   1.00 11.10 ? 20  VAL A N   1 
ATOM   88  C  CA  . VAL A 1 13  ? -5.277  -7.383  2.694   1.00 11.44 ? 20  VAL A CA  1 
ATOM   89  C  C   . VAL A 1 13  ? -6.292  -8.524  2.884   1.00 11.74 ? 20  VAL A C   1 
ATOM   90  O  O   . VAL A 1 13  ? -6.999  -8.911  1.936   1.00 11.83 ? 20  VAL A O   1 
ATOM   91  C  CB  . VAL A 1 13  ? -3.861  -7.965  2.444   1.00 11.94 ? 20  VAL A CB  1 
ATOM   92  C  CG1 . VAL A 1 13  ? -3.910  -9.150  1.459   1.00 11.99 ? 20  VAL A CG1 1 
ATOM   93  C  CG2 . VAL A 1 13  ? -2.916  -6.890  1.960   1.00 11.69 ? 20  VAL A CG2 1 
ATOM   94  N  N   . ASP A 1 14  ? -6.368  -9.046  4.107   1.00 11.54 ? 21  ASP A N   1 
ATOM   95  C  CA  . ASP A 1 14  ? -7.270  -10.159 4.429   1.00 12.36 ? 21  ASP A CA  1 
ATOM   96  C  C   . ASP A 1 14  ? -8.750  -9.781  4.364   1.00 11.98 ? 21  ASP A C   1 
ATOM   97  O  O   . ASP A 1 14  ? -9.553  -10.524 3.808   1.00 12.16 ? 21  ASP A O   1 
ATOM   98  C  CB  . ASP A 1 14  ? -6.916  -10.783 5.792   1.00 12.39 ? 21  ASP A CB  1 
ATOM   99  C  CG  . ASP A 1 14  ? -5.815  -11.854 5.685   1.00 15.21 ? 21  ASP A CG  1 
ATOM   100 O  OD1 . ASP A 1 14  ? -5.105  -11.890 4.647   1.00 19.55 ? 21  ASP A OD1 1 
ATOM   101 O  OD2 . ASP A 1 14  ? -5.655  -12.662 6.634   1.00 17.65 ? 21  ASP A OD2 1 
ATOM   102 N  N   . ARG A 1 15  ? -9.102  -8.629  4.923   1.00 12.09 ? 22  ARG A N   1 
ATOM   103 C  CA  . ARG A 1 15  ? -10.505 -8.200  4.994   1.00 12.02 ? 22  ARG A CA  1 
ATOM   104 C  C   . ARG A 1 15  ? -11.012 -7.650  3.665   1.00 11.77 ? 22  ARG A C   1 
ATOM   105 O  O   . ARG A 1 15  ? -12.197 -7.806  3.347   1.00 11.86 ? 22  ARG A O   1 
ATOM   106 C  CB  . ARG A 1 15  ? -10.692 -7.117  6.060   1.00 11.98 ? 22  ARG A CB  1 
ATOM   107 C  CG  . ARG A 1 15  ? -10.377 -7.547  7.481   1.00 12.15 ? 22  ARG A CG  1 
ATOM   108 C  CD  . ARG A 1 15  ? -10.429 -6.341  8.431   1.00 13.23 ? 22  ARG A CD  1 
ATOM   109 N  NE  . ARG A 1 15  ? -9.427  -5.312  8.127   1.00 12.35 ? 22  ARG A NE  1 
ATOM   110 C  CZ  . ARG A 1 15  ? -9.658  -4.166  7.472   1.00 13.75 ? 22  ARG A CZ  1 
ATOM   111 N  NH1 . ARG A 1 15  ? -10.867 -3.845  7.024   1.00 14.15 ? 22  ARG A NH1 1 
ATOM   112 N  NH2 . ARG A 1 15  ? -8.666  -3.321  7.271   1.00 13.20 ? 22  ARG A NH2 1 
ATOM   113 N  N   . VAL A 1 16  ? -10.133 -6.998  2.902   1.00 10.76 ? 23  VAL A N   1 
ATOM   114 C  CA  . VAL A 1 16  ? -10.566 -6.280  1.700   1.00 10.85 ? 23  VAL A CA  1 
ATOM   115 C  C   . VAL A 1 16  ? -10.303 -7.061  0.397   1.00 10.66 ? 23  VAL A C   1 
ATOM   116 O  O   . VAL A 1 16  ? -9.173  -7.122  -0.092  1.00 9.89  ? 23  VAL A O   1 
ATOM   117 C  CB  . VAL A 1 16  ? -9.986  -4.849  1.643   1.00 10.83 ? 23  VAL A CB  1 
ATOM   118 C  CG1 . VAL A 1 16  ? -10.600 -4.054  0.477   1.00 11.44 ? 23  VAL A CG1 1 
ATOM   119 C  CG2 . VAL A 1 16  ? -10.225 -4.130  2.958   1.00 11.17 ? 23  VAL A CG2 1 
ATOM   120 N  N   . ALA A 1 17  ? -11.362 -7.661  -0.145  1.00 10.20 ? 24  ALA A N   1 
ATOM   121 C  CA  . ALA A 1 17  ? -11.284 -8.443  -1.387  1.00 10.87 ? 24  ALA A CA  1 
ATOM   122 C  C   . ALA A 1 17  ? -10.542 -7.684  -2.502  1.00 11.11 ? 24  ALA A C   1 
ATOM   123 O  O   . ALA A 1 17  ? -9.802  -8.285  -3.294  1.00 10.88 ? 24  ALA A O   1 
ATOM   124 C  CB  . ALA A 1 17  ? -12.685 -8.857  -1.853  1.00 10.09 ? 24  ALA A CB  1 
ATOM   125 N  N   . GLU A 1 18  ? -10.725 -6.359  -2.529  1.00 11.21 ? 25  GLU A N   1 
ATOM   126 C  CA  . GLU A 1 18  ? -10.153 -5.505  -3.563  1.00 11.64 ? 25  GLU A CA  1 
ATOM   127 C  C   . GLU A 1 18  ? -8.642  -5.328  -3.436  1.00 11.25 ? 25  GLU A C   1 
ATOM   128 O  O   . GLU A 1 18  ? -7.987  -4.973  -4.405  1.00 10.80 ? 25  GLU A O   1 
ATOM   129 C  CB  . GLU A 1 18  ? -10.806 -4.116  -3.545  1.00 11.86 ? 25  GLU A CB  1 
ATOM   130 C  CG  . GLU A 1 18  ? -12.198 -4.045  -4.145  1.00 12.43 ? 25  GLU A CG  1 
ATOM   131 C  CD  . GLU A 1 18  ? -13.300 -4.367  -3.151  1.00 13.85 ? 25  GLU A CD  1 
ATOM   132 O  OE1 . GLU A 1 18  ? -14.470 -4.154  -3.502  1.00 14.03 ? 25  GLU A OE1 1 
ATOM   133 O  OE2 . GLU A 1 18  ? -13.007 -4.836  -2.030  1.00 15.47 ? 25  GLU A OE2 1 
ATOM   134 N  N   . VAL A 1 19  ? -8.094  -5.560  -2.247  1.00 11.38 ? 26  VAL A N   1 
ATOM   135 C  CA  . VAL A 1 19  ? -6.684  -5.249  -1.985  1.00 11.55 ? 26  VAL A CA  1 
ATOM   136 C  C   . VAL A 1 19  ? -5.885  -6.549  -2.037  1.00 11.51 ? 26  VAL A C   1 
ATOM   137 O  O   . VAL A 1 19  ? -6.220  -7.500  -1.357  1.00 11.59 ? 26  VAL A O   1 
ATOM   138 C  CB  . VAL A 1 19  ? -6.499  -4.559  -0.619  1.00 11.22 ? 26  VAL A CB  1 
ATOM   139 C  CG1 . VAL A 1 19  ? -5.024  -4.402  -0.290  1.00 11.59 ? 26  VAL A CG1 1 
ATOM   140 C  CG2 . VAL A 1 19  ? -7.178  -3.203  -0.606  1.00 12.78 ? 26  VAL A CG2 1 
ATOM   141 N  N   . ASP A 1 20  ? -4.864  -6.590  -2.888  1.00 11.74 ? 27  ASP A N   1 
ATOM   142 C  CA  . ASP A 1 20  ? -3.999  -7.760  -3.012  1.00 11.68 ? 27  ASP A CA  1 
ATOM   143 C  C   . ASP A 1 20  ? -2.724  -7.705  -2.121  1.00 11.28 ? 27  ASP A C   1 
ATOM   144 O  O   . ASP A 1 20  ? -2.351  -8.710  -1.493  1.00 11.33 ? 27  ASP A O   1 
ATOM   145 C  CB  . ASP A 1 20  ? -3.628  -7.975  -4.475  1.00 13.03 ? 27  ASP A CB  1 
ATOM   146 C  CG  . ASP A 1 20  ? -4.762  -8.599  -5.300  1.00 14.58 ? 27  ASP A CG  1 
ATOM   147 O  OD1 . ASP A 1 20  ? -5.769  -9.109  -4.735  1.00 17.58 ? 27  ASP A OD1 1 
ATOM   148 O  OD2 . ASP A 1 20  ? -4.631  -8.589  -6.540  1.00 16.96 ? 27  ASP A OD2 1 
ATOM   149 N  N   . HIS A 1 21  ? -2.057  -6.550  -2.078  1.00 9.41  ? 28  HIS A N   1 
ATOM   150 C  CA  . HIS A 1 21  ? -0.835  -6.378  -1.288  1.00 9.11  ? 28  HIS A CA  1 
ATOM   151 C  C   . HIS A 1 21  ? -0.772  -4.956  -0.770  1.00 8.49  ? 28  HIS A C   1 
ATOM   152 O  O   . HIS A 1 21  ? -1.387  -4.061  -1.352  1.00 7.98  ? 28  HIS A O   1 
ATOM   153 C  CB  . HIS A 1 21  ? 0.443   -6.650  -2.111  1.00 8.94  ? 28  HIS A CB  1 
ATOM   154 C  CG  . HIS A 1 21  ? 0.414   -7.932  -2.885  1.00 9.87  ? 28  HIS A CG  1 
ATOM   155 N  ND1 . HIS A 1 21  ? 0.441   -9.170  -2.277  1.00 10.99 ? 28  HIS A ND1 1 
ATOM   156 C  CD2 . HIS A 1 21  ? 0.372   -8.168  -4.217  1.00 10.54 ? 28  HIS A CD2 1 
ATOM   157 C  CE1 . HIS A 1 21  ? 0.389   -10.113 -3.203  1.00 12.00 ? 28  HIS A CE1 1 
ATOM   158 N  NE2 . HIS A 1 21  ? 0.346   -9.532  -4.390  1.00 11.05 ? 28  HIS A NE2 1 
ATOM   159 N  N   . ALA A 1 22  ? -0.014  -4.764  0.309   1.00 8.36  ? 29  ALA A N   1 
ATOM   160 C  CA  . ALA A 1 22  ? 0.213   -3.455  0.904   1.00 8.89  ? 29  ALA A CA  1 
ATOM   161 C  C   . ALA A 1 22  ? 1.601   -3.341  1.520   1.00 9.04  ? 29  ALA A C   1 
ATOM   162 O  O   . ALA A 1 22  ? 2.117   -4.303  2.102   1.00 9.91  ? 29  ALA A O   1 
ATOM   163 C  CB  . ALA A 1 22  ? -0.869  -3.164  1.963   1.00 8.48  ? 29  ALA A CB  1 
ATOM   164 N  N   . VAL A 1 23  ? 2.205   -2.166  1.384   1.00 10.08 ? 30  VAL A N   1 
ATOM   165 C  CA  . VAL A 1 23  ? 3.473   -1.865  2.054   1.00 11.06 ? 30  VAL A CA  1 
ATOM   166 C  C   . VAL A 1 23  ? 3.433   -0.460  2.619   1.00 10.91 ? 30  VAL A C   1 
ATOM   167 O  O   . VAL A 1 23  ? 2.644   0.389   2.162   1.00 11.08 ? 30  VAL A O   1 
ATOM   168 C  CB  . VAL A 1 23  ? 4.700   -1.955  1.087   1.00 10.31 ? 30  VAL A CB  1 
ATOM   169 C  CG1 . VAL A 1 23  ? 4.861   -3.347  0.536   1.00 13.46 ? 30  VAL A CG1 1 
ATOM   170 C  CG2 . VAL A 1 23  ? 4.595   -0.953  -0.075  1.00 12.11 ? 30  VAL A CG2 1 
ATOM   171 N  N   . VAL A 1 24  ? 4.298   -0.212  3.596   1.00 10.71 ? 31  VAL A N   1 
ATOM   172 C  CA  . VAL A 1 24  ? 4.562   1.147   4.055   1.00 10.08 ? 31  VAL A CA  1 
ATOM   173 C  C   . VAL A 1 24  ? 6.057   1.444   3.806   1.00 9.82  ? 31  VAL A C   1 
ATOM   174 O  O   . VAL A 1 24  ? 6.934   0.670   4.209   1.00 10.68 ? 31  VAL A O   1 
ATOM   175 C  CB  . VAL A 1 24  ? 4.209   1.340   5.528   1.00 10.24 ? 31  VAL A CB  1 
ATOM   176 C  CG1 . VAL A 1 24  ? 4.680   2.715   6.008   1.00 8.97  ? 31  VAL A CG1 1 
ATOM   177 C  CG2 . VAL A 1 24  ? 2.694   1.170   5.744   1.00 9.58  ? 31  VAL A CG2 1 
ATOM   178 N  N   . LEU A 1 25  ? 6.320   2.532   3.093   1.00 9.91  ? 32  LEU A N   1 
ATOM   179 C  CA  . LEU A 1 25  ? 7.681   2.905   2.709   1.00 10.12 ? 32  LEU A CA  1 
ATOM   180 C  C   . LEU A 1 25  ? 8.085   4.169   3.454   1.00 10.24 ? 32  LEU A C   1 
ATOM   181 O  O   . LEU A 1 25  ? 7.269   5.070   3.618   1.00 10.03 ? 32  LEU A O   1 
ATOM   182 C  CB  . LEU A 1 25  ? 7.747   3.145   1.193   1.00 10.25 ? 32  LEU A CB  1 
ATOM   183 C  CG  . LEU A 1 25  ? 7.131   2.051   0.296   1.00 10.46 ? 32  LEU A CG  1 
ATOM   184 C  CD1 . LEU A 1 25  ? 7.143   2.509   -1.162  1.00 10.25 ? 32  LEU A CD1 1 
ATOM   185 C  CD2 . LEU A 1 25  ? 7.874   0.693   0.449   1.00 9.00  ? 32  LEU A CD2 1 
ATOM   186 N  N   . SER A 1 26  ? 9.351   4.250   3.868   1.00 10.03 ? 33  SER A N   1 
ATOM   187 C  CA  . SER A 1 26  ? 9.883   5.444   4.509   1.00 10.73 ? 33  SER A CA  1 
ATOM   188 C  C   . SER A 1 26  ? 10.147  6.481   3.427   1.00 11.10 ? 33  SER A C   1 
ATOM   189 O  O   . SER A 1 26  ? 10.098  6.164   2.239   1.00 11.15 ? 33  SER A O   1 
ATOM   190 C  CB  . SER A 1 26  ? 11.195  5.118   5.222   1.00 10.51 ? 33  SER A CB  1 
ATOM   191 O  OG  . SER A 1 26  ? 12.197  4.811   4.260   1.00 11.85 ? 33  SER A OG  1 
ATOM   192 N  N   . GLU A 1 27  ? 10.444  7.709   3.845   1.00 11.97 ? 34  GLU A N   1 
ATOM   193 C  CA  . GLU A 1 27  ? 10.836  8.780   2.930   1.00 12.49 ? 34  GLU A CA  1 
ATOM   194 C  C   . GLU A 1 27  ? 11.973  8.369   1.982   1.00 12.57 ? 34  GLU A C   1 
ATOM   195 O  O   . GLU A 1 27  ? 11.969  8.759   0.818   1.00 12.86 ? 34  GLU A O   1 
ATOM   196 C  CB  . GLU A 1 27  ? 11.207  10.052  3.706   1.00 12.75 ? 34  GLU A CB  1 
ATOM   197 N  N   . ASP A 1 28  ? 12.924  7.570   2.465   1.00 12.68 ? 35  ASP A N   1 
ATOM   198 C  CA  . ASP A 1 28  ? 14.046  7.113   1.629   1.00 12.36 ? 35  ASP A CA  1 
ATOM   199 C  C   . ASP A 1 28  ? 13.720  5.950   0.673   1.00 12.42 ? 35  ASP A C   1 
ATOM   200 O  O   . ASP A 1 28  ? 14.550  5.591   -0.159  1.00 12.40 ? 35  ASP A O   1 
ATOM   201 C  CB  . ASP A 1 28  ? 15.262  6.757   2.491   1.00 12.80 ? 35  ASP A CB  1 
ATOM   202 N  N   . GLY A 1 29  ? 12.529  5.362   0.791   1.00 11.74 ? 36  GLY A N   1 
ATOM   203 C  CA  . GLY A 1 29  ? 12.105  4.262   -0.090  1.00 11.33 ? 36  GLY A CA  1 
ATOM   204 C  C   . GLY A 1 29  ? 12.213  2.882   0.540   1.00 11.02 ? 36  GLY A C   1 
ATOM   205 O  O   . GLY A 1 29  ? 11.806  1.870   -0.064  1.00 10.80 ? 36  GLY A O   1 
ATOM   206 N  N   . LEU A 1 30  ? 12.728  2.841   1.767   1.00 11.22 ? 37  LEU A N   1 
ATOM   207 C  CA  . LEU A 1 30  ? 12.860  1.599   2.535   1.00 11.20 ? 37  LEU A CA  1 
ATOM   208 C  C   . LEU A 1 30  ? 11.508  0.986   2.837   1.00 11.56 ? 37  LEU A C   1 
ATOM   209 O  O   . LEU A 1 30  ? 10.586  1.688   3.211   1.00 10.59 ? 37  LEU A O   1 
ATOM   210 C  CB  . LEU A 1 30  ? 13.569  1.876   3.861   1.00 11.61 ? 37  LEU A CB  1 
ATOM   211 C  CG  . LEU A 1 30  ? 15.054  1.597   3.983   1.00 14.54 ? 37  LEU A CG  1 
ATOM   212 C  CD1 . LEU A 1 30  ? 15.620  2.304   5.202   1.00 16.19 ? 37  LEU A CD1 1 
ATOM   213 C  CD2 . LEU A 1 30  ? 15.283  0.097   4.075   1.00 16.94 ? 37  LEU A CD2 1 
ATOM   214 N  N   . VAL A 1 31  ? 11.392  -0.327  2.702   1.00 11.10 ? 38  VAL A N   1 
ATOM   215 C  CA  . VAL A 1 31  ? 10.167  -1.001  3.162   1.00 10.97 ? 38  VAL A CA  1 
ATOM   216 C  C   . VAL A 1 31  ? 10.200  -1.054  4.689   1.00 10.67 ? 38  VAL A C   1 
ATOM   217 O  O   . VAL A 1 31  ? 11.078  -1.704  5.263   1.00 11.23 ? 38  VAL A O   1 
ATOM   218 C  CB  . VAL A 1 31  ? 10.065  -2.435  2.586   1.00 11.00 ? 38  VAL A CB  1 
ATOM   219 C  CG1 . VAL A 1 31  ? 8.760   -3.099  3.037   1.00 11.25 ? 38  VAL A CG1 1 
ATOM   220 C  CG2 . VAL A 1 31  ? 10.153  -2.392  1.077   1.00 11.16 ? 38  VAL A CG2 1 
ATOM   221 N  N   . VAL A 1 32  ? 9.278   -0.340  5.340   1.00 10.20 ? 39  VAL A N   1 
ATOM   222 C  CA  . VAL A 1 32  ? 9.178   -0.298  6.806   1.00 10.22 ? 39  VAL A CA  1 
ATOM   223 C  C   . VAL A 1 32  ? 8.278   -1.442  7.286   1.00 10.22 ? 39  VAL A C   1 
ATOM   224 O  O   . VAL A 1 32  ? 8.429   -1.949  8.393   1.00 10.09 ? 39  VAL A O   1 
ATOM   225 C  CB  . VAL A 1 32  ? 8.596   1.067   7.284   1.00 9.52  ? 39  VAL A CB  1 
ATOM   226 C  CG1 . VAL A 1 32  ? 8.325   1.081   8.805   1.00 11.10 ? 39  VAL A CG1 1 
ATOM   227 C  CG2 . VAL A 1 32  ? 9.534   2.213   6.893   1.00 11.35 ? 39  VAL A CG2 1 
ATOM   228 N  N   . SER A 1 33  ? 7.341   -1.845  6.439   1.00 10.31 ? 40  SER A N   1 
ATOM   229 C  CA  . SER A 1 33  ? 6.347   -2.841  6.811   1.00 10.38 ? 40  SER A CA  1 
ATOM   230 C  C   . SER A 1 33  ? 5.701   -3.354  5.548   1.00 10.34 ? 40  SER A C   1 
ATOM   231 O  O   . SER A 1 33  ? 5.602   -2.614  4.557   1.00 10.48 ? 40  SER A O   1 
ATOM   232 C  CB  . SER A 1 33  ? 5.283   -2.176  7.682   1.00 10.70 ? 40  SER A CB  1 
ATOM   233 O  OG  . SER A 1 33  ? 4.361   -3.117  8.179   1.00 11.37 ? 40  SER A OG  1 
ATOM   234 N  N   . LYS A 1 34  ? 5.268   -4.613  5.568   1.00 10.70 ? 41  LYS A N   1 
ATOM   235 C  CA  . LYS A 1 34  ? 4.528   -5.192  4.433   1.00 11.40 ? 41  LYS A CA  1 
ATOM   236 C  C   . LYS A 1 34  ? 3.505   -6.222  4.899   1.00 11.03 ? 41  LYS A C   1 
ATOM   237 O  O   . LYS A 1 34  ? 3.660   -6.804  5.978   1.00 11.65 ? 41  LYS A O   1 
ATOM   238 C  CB  . LYS A 1 34  ? 5.487   -5.816  3.404   1.00 11.34 ? 41  LYS A CB  1 
ATOM   239 C  CG  . LYS A 1 34  ? 6.249   -7.028  3.933   1.00 12.32 ? 41  LYS A CG  1 
ATOM   240 C  CD  . LYS A 1 34  ? 7.317   -7.507  2.981   1.00 13.00 ? 41  LYS A CD  1 
ATOM   241 C  CE  . LYS A 1 34  ? 8.195   -8.572  3.647   1.00 15.49 ? 41  LYS A CE  1 
ATOM   242 N  NZ  . LYS A 1 34  ? 7.496   -9.896  3.728   1.00 16.25 ? 41  LYS A NZ  1 
ATOM   243 N  N   . SER A 1 35  ? 2.460   -6.445  4.100   1.00 11.11 ? 42  SER A N   1 
ATOM   244 C  CA  . SER A 1 35  ? 1.541   -7.557  4.363   1.00 11.07 ? 42  SER A CA  1 
ATOM   245 C  C   . SER A 1 35  ? 2.307   -8.891  4.288   1.00 10.74 ? 42  SER A C   1 
ATOM   246 O  O   . SER A 1 35  ? 3.137   -9.080  3.400   1.00 10.74 ? 42  SER A O   1 
ATOM   247 C  CB  . SER A 1 35  ? 0.334   -7.534  3.419   1.00 11.10 ? 42  SER A CB  1 
ATOM   248 O  OG  . SER A 1 35  ? 0.702   -7.198  2.092   1.00 11.40 ? 42  SER A OG  1 
ATOM   249 N  N   . THR A 1 36  ? 2.019   -9.803  5.216   1.00 10.21 ? 43  THR A N   1 
ATOM   250 C  CA  . THR A 1 36  ? 2.910   -10.951 5.477   1.00 10.14 ? 43  THR A CA  1 
ATOM   251 C  C   . THR A 1 36  ? 3.022   -12.016 4.354   1.00 9.95  ? 43  THR A C   1 
ATOM   252 O  O   . THR A 1 36  ? 4.044   -12.829 4.321   1.00 10.85 ? 43  THR A O   1 
ATOM   253 C  CB  . THR A 1 36  ? 2.629   -11.607 6.861   1.00 9.99  ? 43  THR A CB  1 
ATOM   254 O  OG1 . THR A 1 36  ? 1.364   -12.290 6.849   1.00 11.01 ? 43  THR A OG1 1 
ATOM   255 C  CG2 . THR A 1 36  ? 2.641   -10.563 7.966   1.00 9.18  ? 43  THR A CG2 1 
ATOM   256 N  N   . GLY A 1 37  ? 1.989   -12.016 3.445   1.00 9.80  ? 44  GLY A N   1 
ATOM   257 C  CA  . GLY A 1 37  ? 2.047   -12.904 2.267   1.00 9.36  ? 44  GLY A CA  1 
ATOM   258 C  C   . GLY A 1 37  ? 2.619   -12.251 1.006   1.00 9.28  ? 44  GLY A C   1 
ATOM   259 O  O   . GLY A 1 37  ? 2.429   -12.769 -0.110  1.00 9.63  ? 44  GLY A O   1 
ATOM   260 N  N   . PHE A 1 38  ? 3.326   -11.124 1.195   1.00 8.60  ? 45  PHE A N   1 
ATOM   261 C  CA  . PHE A 1 38  ? 3.937   -10.351 0.109   1.00 8.60  ? 45  PHE A CA  1 
ATOM   262 C  C   . PHE A 1 38  ? 5.453   -10.547 0.192   1.00 8.98  ? 45  PHE A C   1 
ATOM   263 O  O   . PHE A 1 38  ? 6.103   -9.954  1.054   1.00 9.61  ? 45  PHE A O   1 
ATOM   264 C  CB  . PHE A 1 38  ? 3.576   -8.870  0.310   1.00 7.53  ? 45  PHE A CB  1 
ATOM   265 C  CG  . PHE A 1 38  ? 3.722   -7.981  -0.920  1.00 6.87  ? 45  PHE A CG  1 
ATOM   266 C  CD1 . PHE A 1 38  ? 3.885   -6.607  -0.758  1.00 5.00  ? 45  PHE A CD1 1 
ATOM   267 C  CD2 . PHE A 1 38  ? 3.674   -8.487  -2.207  1.00 6.31  ? 45  PHE A CD2 1 
ATOM   268 C  CE1 . PHE A 1 38  ? 3.997   -5.746  -1.857  1.00 8.28  ? 45  PHE A CE1 1 
ATOM   269 C  CE2 . PHE A 1 38  ? 3.790   -7.641  -3.308  1.00 4.89  ? 45  PHE A CE2 1 
ATOM   270 C  CZ  . PHE A 1 38  ? 3.960   -6.264  -3.134  1.00 7.42  ? 45  PHE A CZ  1 
ATOM   271 N  N   . LEU A 1 39  ? 6.008   -11.394 -0.681  1.00 9.55  ? 46  LEU A N   1 
ATOM   272 C  CA  . LEU A 1 39  ? 7.448   -11.706 -0.673  1.00 9.71  ? 46  LEU A CA  1 
ATOM   273 C  C   . LEU A 1 39  ? 8.330   -10.461 -0.791  1.00 10.35 ? 46  LEU A C   1 
ATOM   274 O  O   . LEU A 1 39  ? 7.940   -9.476  -1.407  1.00 9.96  ? 46  LEU A O   1 
ATOM   275 C  CB  . LEU A 1 39  ? 7.793   -12.665 -1.810  1.00 9.56  ? 46  LEU A CB  1 
ATOM   276 C  CG  . LEU A 1 39  ? 7.388   -14.133 -1.669  1.00 9.36  ? 46  LEU A CG  1 
ATOM   277 C  CD1 . LEU A 1 39  ? 7.562   -14.835 -3.005  1.00 9.39  ? 46  LEU A CD1 1 
ATOM   278 C  CD2 . LEU A 1 39  ? 8.212   -14.818 -0.592  1.00 9.64  ? 46  LEU A CD2 1 
ATOM   279 N  N   . ARG A 1 40  ? 9.535   -10.536 -0.227  1.00 11.11 ? 47  ARG A N   1 
ATOM   280 C  CA  . ARG A 1 40  ? 10.487  -9.412  -0.240  1.00 11.37 ? 47  ARG A CA  1 
ATOM   281 C  C   . ARG A 1 40  ? 10.855  -8.919  -1.649  1.00 11.16 ? 47  ARG A C   1 
ATOM   282 O  O   . ARG A 1 40  ? 10.960  -7.707  -1.881  1.00 11.92 ? 47  ARG A O   1 
ATOM   283 C  CB  . ARG A 1 40  ? 11.751  -9.774  0.559   1.00 11.63 ? 47  ARG A CB  1 
ATOM   284 C  CG  . ARG A 1 40  ? 12.280  -8.601  1.369   1.00 11.96 ? 47  ARG A CG  1 
ATOM   285 C  CD  . ARG A 1 40  ? 13.620  -8.099  0.876   1.00 11.33 ? 47  ARG A CD  1 
ATOM   286 N  NE  . ARG A 1 40  ? 14.669  -8.502  1.800   1.00 10.02 ? 47  ARG A NE  1 
ATOM   287 C  CZ  . ARG A 1 40  ? 15.865  -7.925  1.910   1.00 11.36 ? 47  ARG A CZ  1 
ATOM   288 N  NH1 . ARG A 1 40  ? 16.186  -6.884  1.159   1.00 12.37 ? 47  ARG A NH1 1 
ATOM   289 N  NH2 . ARG A 1 40  ? 16.742  -8.394  2.789   1.00 8.83  ? 47  ARG A NH2 1 
ATOM   290 N  N   . ASP A 1 41  ? 11.036  -9.849  -2.587  1.00 10.83 ? 48  ASP A N   1 
ATOM   291 C  CA  . ASP A 1 41  ? 11.296  -9.480  -3.982  1.00 10.17 ? 48  ASP A CA  1 
ATOM   292 C  C   . ASP A 1 41  ? 10.139  -8.678  -4.582  1.00 9.71  ? 48  ASP A C   1 
ATOM   293 O  O   . ASP A 1 41  ? 10.371  -7.685  -5.275  1.00 9.67  ? 48  ASP A O   1 
ATOM   294 C  CB  . ASP A 1 41  ? 11.622  -10.709 -4.848  1.00 10.16 ? 48  ASP A CB  1 
ATOM   295 N  N   . ASP A 1 42  ? 8.903   -9.086  -4.291  1.00 9.13  ? 49  ASP A N   1 
ATOM   296 C  CA  . ASP A 1 42  ? 7.712   -8.419  -4.835  1.00 8.23  ? 49  ASP A CA  1 
ATOM   297 C  C   . ASP A 1 42  ? 7.465   -7.055  -4.180  1.00 7.96  ? 49  ASP A C   1 
ATOM   298 O  O   . ASP A 1 42  ? 7.093   -6.080  -4.862  1.00 7.00  ? 49  ASP A O   1 
ATOM   299 C  CB  . ASP A 1 42  ? 6.469   -9.300  -4.670  1.00 8.65  ? 49  ASP A CB  1 
ATOM   300 C  CG  . ASP A 1 42  ? 6.556   -10.606 -5.447  1.00 9.07  ? 49  ASP A CG  1 
ATOM   301 O  OD1 . ASP A 1 42  ? 6.652   -10.571 -6.690  1.00 10.03 ? 49  ASP A OD1 1 
ATOM   302 O  OD2 . ASP A 1 42  ? 6.502   -11.677 -4.815  1.00 10.82 ? 49  ASP A OD2 1 
ATOM   303 N  N   . ALA A 1 43  ? 7.674   -7.000  -2.864  1.00 7.53  ? 50  ALA A N   1 
ATOM   304 C  CA  . ALA A 1 43  ? 7.508   -5.782  -2.071  1.00 7.98  ? 50  ALA A CA  1 
ATOM   305 C  C   . ALA A 1 43  ? 8.503   -4.702  -2.495  1.00 8.55  ? 50  ALA A C   1 
ATOM   306 O  O   . ALA A 1 43  ? 8.122   -3.558  -2.690  1.00 8.29  ? 50  ALA A O   1 
ATOM   307 C  CB  . ALA A 1 43  ? 7.652   -6.093  -0.584  1.00 7.67  ? 50  ALA A CB  1 
ATOM   308 N  N   . GLU A 1 44  ? 9.776   -5.083  -2.629  1.00 9.77  ? 51  GLU A N   1 
ATOM   309 C  CA  . GLU A 1 44  ? 10.816  -4.173  -3.081  1.00 10.55 ? 51  GLU A CA  1 
ATOM   310 C  C   . GLU A 1 44  ? 10.610  -3.751  -4.548  1.00 10.58 ? 51  GLU A C   1 
ATOM   311 O  O   . GLU A 1 44  ? 10.957  -2.641  -4.916  1.00 11.23 ? 51  GLU A O   1 
ATOM   312 C  CB  . GLU A 1 44  ? 12.206  -4.778  -2.848  1.00 11.01 ? 51  GLU A CB  1 
ATOM   313 C  CG  . GLU A 1 44  ? 12.581  -4.919  -1.361  1.00 11.02 ? 51  GLU A CG  1 
ATOM   314 C  CD  . GLU A 1 44  ? 13.951  -5.487  -1.134  1.00 13.74 ? 51  GLU A CD  1 
ATOM   315 O  OE1 . GLU A 1 44  ? 14.445  -6.241  -2.000  1.00 15.74 ? 51  GLU A OE1 1 
ATOM   316 O  OE2 . GLU A 1 44  ? 14.543  -5.201  -0.068  1.00 14.63 ? 51  GLU A OE2 1 
ATOM   317 N  N   . ARG A 1 45  ? 10.022  -4.616  -5.366  1.00 11.34 ? 52  ARG A N   1 
ATOM   318 C  CA  . ARG A 1 45  ? 9.610   -4.224  -6.717  1.00 11.65 ? 52  ARG A CA  1 
ATOM   319 C  C   . ARG A 1 45  ? 8.526   -3.142  -6.691  1.00 11.60 ? 52  ARG A C   1 
ATOM   320 O  O   . ARG A 1 45  ? 8.596   -2.166  -7.459  1.00 10.97 ? 52  ARG A O   1 
ATOM   321 C  CB  . ARG A 1 45  ? 9.116   -5.431  -7.503  1.00 12.72 ? 52  ARG A CB  1 
ATOM   322 C  CG  . ARG A 1 45  ? 9.115   -5.218  -9.007  1.00 15.87 ? 52  ARG A CG  1 
ATOM   323 C  CD  . ARG A 1 45  ? 8.785   -6.500  -9.783  1.00 19.49 ? 52  ARG A CD  1 
ATOM   324 N  NE  . ARG A 1 45  ? 9.672   -6.723  -10.930 1.00 21.92 ? 52  ARG A NE  1 
ATOM   325 C  CZ  . ARG A 1 45  ? 9.778   -5.925  -11.995 1.00 23.17 ? 52  ARG A CZ  1 
ATOM   326 N  NH1 . ARG A 1 45  ? 9.062   -4.804  -12.086 1.00 25.53 ? 52  ARG A NH1 1 
ATOM   327 N  NH2 . ARG A 1 45  ? 10.622  -6.243  -12.966 1.00 23.55 ? 52  ARG A NH2 1 
ATOM   328 N  N   . LEU A 1 46  ? 7.530   -3.308  -5.809  1.00 10.70 ? 53  LEU A N   1 
ATOM   329 C  CA  . LEU A 1 46  ? 6.528   -2.273  -5.590  1.00 10.45 ? 53  LEU A CA  1 
ATOM   330 C  C   . LEU A 1 46  ? 7.206   -1.027  -5.032  1.00 10.83 ? 53  LEU A C   1 
ATOM   331 O  O   . LEU A 1 46  ? 6.885   0.100   -5.440  1.00 10.63 ? 53  LEU A O   1 
ATOM   332 C  CB  . LEU A 1 46  ? 5.433   -2.749  -4.630  1.00 10.56 ? 53  LEU A CB  1 
ATOM   333 C  CG  . LEU A 1 46  ? 4.267   -1.801  -4.347  1.00 9.54  ? 53  LEU A CG  1 
ATOM   334 C  CD1 . LEU A 1 46  ? 3.632   -1.269  -5.630  1.00 7.57  ? 53  LEU A CD1 1 
ATOM   335 C  CD2 . LEU A 1 46  ? 3.241   -2.544  -3.488  1.00 8.64  ? 53  LEU A CD2 1 
ATOM   336 N  N   . ALA A 1 47  ? 8.181   -1.230  -4.141  1.00 10.38 ? 54  ALA A N   1 
ATOM   337 C  CA  . ALA A 1 47  ? 8.876   -0.099  -3.544  1.00 11.10 ? 54  ALA A CA  1 
ATOM   338 C  C   . ALA A 1 47  ? 9.655   0.686   -4.590  1.00 10.60 ? 54  ALA A C   1 
ATOM   339 O  O   . ALA A 1 47  ? 9.683   1.918   -4.534  1.00 11.66 ? 54  ALA A O   1 
ATOM   340 C  CB  . ALA A 1 47  ? 9.777   -0.549  -2.388  1.00 10.88 ? 54  ALA A CB  1 
ATOM   341 N  N   . ALA A 1 48  ? 10.275  -0.017  -5.545  1.00 10.80 ? 55  ALA A N   1 
ATOM   342 C  CA  . ALA A 1 48  ? 11.056  0.638   -6.610  1.00 10.59 ? 55  ALA A CA  1 
ATOM   343 C  C   . ALA A 1 48  ? 10.127  1.450   -7.511  1.00 10.45 ? 55  ALA A C   1 
ATOM   344 O  O   . ALA A 1 48  ? 10.476  2.553   -7.949  1.00 9.69  ? 55  ALA A O   1 
ATOM   345 C  CB  . ALA A 1 48  ? 11.846  -0.395  -7.432  1.00 9.85  ? 55  ALA A CB  1 
ATOM   346 N  N   . THR A 1 49  ? 8.949   0.900   -7.796  1.00 10.54 ? 56  THR A N   1 
ATOM   347 C  CA  . THR A 1 49  ? 7.954   1.612   -8.595  1.00 11.14 ? 56  THR A CA  1 
ATOM   348 C  C   . THR A 1 49  ? 7.443   2.874   -7.891  1.00 11.44 ? 56  THR A C   1 
ATOM   349 O  O   . THR A 1 49  ? 7.323   3.940   -8.500  1.00 12.57 ? 56  THR A O   1 
ATOM   350 C  CB  . THR A 1 49  ? 6.745   0.698   -8.919  1.00 10.92 ? 56  THR A CB  1 
ATOM   351 O  OG1 . THR A 1 49  ? 7.215   -0.475  -9.581  1.00 11.25 ? 56  THR A OG1 1 
ATOM   352 C  CG2 . THR A 1 49  ? 5.774   1.398   -9.855  1.00 11.42 ? 56  THR A CG2 1 
ATOM   353 N  N   . ALA A 1 50  ? 7.156   2.750   -6.603  1.00 11.41 ? 57  ALA A N   1 
ATOM   354 C  CA  . ALA A 1 50  ? 6.611   3.864   -5.831  1.00 11.87 ? 57  ALA A CA  1 
ATOM   355 C  C   . ALA A 1 50  ? 7.636   4.985   -5.708  1.00 12.11 ? 57  ALA A C   1 
ATOM   356 O  O   . ALA A 1 50  ? 7.303   6.168   -5.825  1.00 12.38 ? 57  ALA A O   1 
ATOM   357 C  CB  . ALA A 1 50  ? 6.155   3.386   -4.478  1.00 10.53 ? 57  ALA A CB  1 
ATOM   358 N  N   . SER A 1 51  ? 8.889   4.602   -5.501  1.00 11.95 ? 58  SER A N   1 
ATOM   359 C  CA  . SER A 1 51  ? 9.972   5.562   -5.355  1.00 12.13 ? 58  SER A CA  1 
ATOM   360 C  C   . SER A 1 51  ? 10.218  6.300   -6.698  1.00 10.99 ? 58  SER A C   1 
ATOM   361 O  O   . SER A 1 51  ? 10.512  7.500   -6.716  1.00 10.18 ? 58  SER A O   1 
ATOM   362 C  CB  . SER A 1 51  ? 11.214  4.848   -4.782  1.00 12.74 ? 58  SER A CB  1 
ATOM   363 O  OG  . SER A 1 51  ? 12.415  5.193   -5.463  1.00 15.78 ? 58  SER A OG  1 
ATOM   364 N  N   . GLY A 1 52  ? 10.034  5.590   -7.813  1.00 9.78  ? 59  GLY A N   1 
ATOM   365 C  CA  . GLY A 1 52  ? 10.131  6.201   -9.144  1.00 8.47  ? 59  GLY A CA  1 
ATOM   366 C  C   . GLY A 1 52  ? 8.988   7.178   -9.360  1.00 7.50  ? 59  GLY A C   1 
ATOM   367 O  O   . GLY A 1 52  ? 9.174   8.219   -9.976  1.00 7.22  ? 59  GLY A O   1 
ATOM   368 N  N   . LEU A 1 53  ? 7.797   6.817   -8.873  1.00 6.63  ? 60  LEU A N   1 
ATOM   369 C  CA  . LEU A 1 53  ? 6.598   7.655   -8.975  1.00 6.67  ? 60  LEU A CA  1 
ATOM   370 C  C   . LEU A 1 53  ? 6.787   8.991   -8.299  1.00 7.10  ? 60  LEU A C   1 
ATOM   371 O  O   . LEU A 1 53  ? 6.381   10.045  -8.803  1.00 7.61  ? 60  LEU A O   1 
ATOM   372 C  CB  . LEU A 1 53  ? 5.419   6.955   -8.306  1.00 5.87  ? 60  LEU A CB  1 
ATOM   373 C  CG  . LEU A 1 53  ? 4.293   6.462   -9.185  1.00 6.53  ? 60  LEU A CG  1 
ATOM   374 C  CD1 . LEU A 1 53  ? 3.264   5.758   -8.308  1.00 3.44  ? 60  LEU A CD1 1 
ATOM   375 C  CD2 . LEU A 1 53  ? 3.671   7.644   -9.863  1.00 4.46  ? 60  LEU A CD2 1 
HETATM 376 N  N   . MSE A 1 54  ? 7.430   8.937   -7.147  1.00 7.56  ? 61  MSE A N   1 
HETATM 377 C  CA  . MSE A 1 54  ? 7.619   10.116  -6.336  1.00 8.25  ? 61  MSE A CA  1 
HETATM 378 C  C   . MSE A 1 54  ? 8.862   10.900  -6.690  1.00 8.17  ? 61  MSE A C   1 
HETATM 379 O  O   . MSE A 1 54  ? 9.061   12.000  -6.187  1.00 8.62  ? 61  MSE A O   1 
HETATM 380 C  CB  . MSE A 1 54  ? 7.626   9.713   -4.886  1.00 8.41  ? 61  MSE A CB  1 
HETATM 381 C  CG  . MSE A 1 54  ? 6.324   9.057   -4.531  1.00 10.24 ? 61  MSE A CG  1 
HETATM 382 SE SE  . MSE A 1 54  ? 6.200   9.002   -2.644  1.00 14.05 ? 61  MSE A SE  1 
HETATM 383 C  CE  . MSE A 1 54  ? 7.327   7.434   -2.277  1.00 11.33 ? 61  MSE A CE  1 
ATOM   384 N  N   . SER A 1 55  ? 9.695   10.333  -7.550  1.00 8.31  ? 62  SER A N   1 
ATOM   385 C  CA  . SER A 1 55  ? 10.786  11.097  -8.131  1.00 8.93  ? 62  SER A CA  1 
ATOM   386 C  C   . SER A 1 55  ? 10.260  11.951  -9.286  1.00 8.94  ? 62  SER A C   1 
ATOM   387 O  O   . SER A 1 55  ? 10.696  13.082  -9.465  1.00 8.63  ? 62  SER A O   1 
ATOM   388 C  CB  . SER A 1 55  ? 11.907  10.171  -8.578  1.00 9.24  ? 62  SER A CB  1 
ATOM   389 O  OG  . SER A 1 55  ? 12.715  9.823   -7.464  1.00 9.81  ? 62  SER A OG  1 
ATOM   390 N  N   . LEU A 1 56  ? 9.310   11.403  -10.042 1.00 9.08  ? 63  LEU A N   1 
ATOM   391 C  CA  . LEU A 1 56  ? 8.604   12.141  -11.095 1.00 9.47  ? 63  LEU A CA  1 
ATOM   392 C  C   . LEU A 1 56  ? 7.757   13.274  -10.518 1.00 9.65  ? 63  LEU A C   1 
ATOM   393 O  O   . LEU A 1 56  ? 8.206   14.416  -10.403 1.00 8.79  ? 63  LEU A O   1 
ATOM   394 C  CB  . LEU A 1 56  ? 7.708   11.195  -11.903 1.00 9.76  ? 63  LEU A CB  1 
ATOM   395 C  CG  . LEU A 1 56  ? 8.373   10.073  -12.710 1.00 10.17 ? 63  LEU A CG  1 
ATOM   396 C  CD1 . LEU A 1 56  ? 7.325   9.157   -13.255 1.00 12.40 ? 63  LEU A CD1 1 
ATOM   397 C  CD2 . LEU A 1 56  ? 9.253   10.602  -13.850 1.00 11.40 ? 63  LEU A CD2 1 
ATOM   398 N  N   . ARG A 1 70  ? 0.109   14.282  -0.183  1.00 11.27 ? 77  ARG A N   1 
ATOM   399 C  CA  . ARG A 1 70  ? 0.603   13.664  -1.398  1.00 10.60 ? 77  ARG A CA  1 
ATOM   400 C  C   . ARG A 1 70  ? -0.003  12.284  -1.568  1.00 10.81 ? 77  ARG A C   1 
ATOM   401 O  O   . ARG A 1 70  ? -0.201  11.538  -0.606  1.00 10.43 ? 77  ARG A O   1 
ATOM   402 C  CB  . ARG A 1 70  ? 2.125   13.561  -1.410  1.00 10.55 ? 77  ARG A CB  1 
ATOM   403 C  CG  . ARG A 1 70  ? 2.683   13.543  -2.809  1.00 10.34 ? 77  ARG A CG  1 
ATOM   404 C  CD  . ARG A 1 70  ? 4.088   13.025  -2.890  1.00 12.65 ? 77  ARG A CD  1 
ATOM   405 N  NE  . ARG A 1 70  ? 4.473   12.866  -4.288  1.00 14.25 ? 77  ARG A NE  1 
ATOM   406 C  CZ  . ARG A 1 70  ? 5.121   13.778  -5.008  1.00 15.36 ? 77  ARG A CZ  1 
ATOM   407 N  NH1 . ARG A 1 70  ? 5.484   14.945  -4.473  1.00 14.94 ? 77  ARG A NH1 1 
ATOM   408 N  NH2 . ARG A 1 70  ? 5.411   13.515  -6.277  1.00 16.83 ? 77  ARG A NH2 1 
ATOM   409 N  N   . GLN A 1 71  ? -0.302  11.966  -2.819  1.00 11.29 ? 78  GLN A N   1 
ATOM   410 C  CA  . GLN A 1 71  ? -1.039  10.788  -3.165  1.00 10.74 ? 78  GLN A CA  1 
ATOM   411 C  C   . GLN A 1 71  ? -0.749  10.500  -4.622  1.00 10.40 ? 78  GLN A C   1 
ATOM   412 O  O   . GLN A 1 71  ? -0.363  11.398  -5.384  1.00 10.40 ? 78  GLN A O   1 
ATOM   413 C  CB  . GLN A 1 71  ? -2.547  11.036  -3.017  1.00 11.32 ? 78  GLN A CB  1 
ATOM   414 C  CG  . GLN A 1 71  ? -3.085  11.003  -1.587  1.00 13.61 ? 78  GLN A CG  1 
ATOM   415 C  CD  . GLN A 1 71  ? -4.569  10.675  -1.530  1.00 16.15 ? 78  GLN A CD  1 
ATOM   416 O  OE1 . GLN A 1 71  ? -5.219  10.483  -2.561  1.00 17.43 ? 78  GLN A OE1 1 
ATOM   417 N  NE2 . GLN A 1 71  ? -5.109  10.600  -0.320  1.00 16.62 ? 78  GLN A NE2 1 
ATOM   418 N  N   . ALA A 1 72  ? -0.983  9.253   -5.014  1.00 9.80  ? 79  ALA A N   1 
ATOM   419 C  CA  . ALA A 1 72  ? -0.954  8.899   -6.427  1.00 9.33  ? 79  ALA A CA  1 
ATOM   420 C  C   . ALA A 1 72  ? -1.905  7.739   -6.627  1.00 9.11  ? 79  ALA A C   1 
ATOM   421 O  O   . ALA A 1 72  ? -2.067  6.919   -5.744  1.00 8.51  ? 79  ALA A O   1 
ATOM   422 C  CB  . ALA A 1 72  ? 0.441   8.503   -6.854  1.00 9.57  ? 79  ALA A CB  1 
ATOM   423 N  N   . LEU A 1 73  ? -2.517  7.691   -7.802  1.00 10.31 ? 80  LEU A N   1 
ATOM   424 C  CA  . LEU A 1 73  ? -3.392  6.601   -8.198  1.00 10.91 ? 80  LEU A CA  1 
ATOM   425 C  C   . LEU A 1 73  ? -3.051  6.324   -9.656  1.00 10.86 ? 80  LEU A C   1 
ATOM   426 O  O   . LEU A 1 73  ? -3.086  7.239   -10.490 1.00 11.32 ? 80  LEU A O   1 
ATOM   427 C  CB  . LEU A 1 73  ? -4.849  7.040   -8.074  1.00 11.03 ? 80  LEU A CB  1 
ATOM   428 C  CG  . LEU A 1 73  ? -6.008  6.130   -8.475  1.00 12.66 ? 80  LEU A CG  1 
ATOM   429 C  CD1 . LEU A 1 73  ? -7.275  6.760   -7.955  1.00 15.64 ? 80  LEU A CD1 1 
ATOM   430 C  CD2 . LEU A 1 73  ? -6.112  5.969   -9.980  1.00 14.49 ? 80  LEU A CD2 1 
ATOM   431 N  N   . ILE A 1 74  ? -2.695  5.079   -9.958  1.00 10.53 ? 81  ILE A N   1 
ATOM   432 C  CA  . ILE A 1 74  ? -2.368  4.690   -11.325 1.00 10.09 ? 81  ILE A CA  1 
ATOM   433 C  C   . ILE A 1 74  ? -3.270  3.511   -11.601 1.00 10.10 ? 81  ILE A C   1 
ATOM   434 O  O   . ILE A 1 74  ? -3.205  2.520   -10.875 1.00 9.57  ? 81  ILE A O   1 
ATOM   435 C  CB  . ILE A 1 74  ? -0.911  4.195   -11.465 1.00 10.36 ? 81  ILE A CB  1 
ATOM   436 C  CG1 . ILE A 1 74  ? 0.095   5.115   -10.743 1.00 10.48 ? 81  ILE A CG1 1 
ATOM   437 C  CG2 . ILE A 1 74  ? -0.561  3.969   -12.926 1.00 10.15 ? 81  ILE A CG2 1 
ATOM   438 C  CD1 . ILE A 1 74  ? 0.133   6.538   -11.219 1.00 12.40 ? 81  ILE A CD1 1 
ATOM   439 N  N   . GLU A 1 75  ? -4.107  3.637   -12.629 1.00 11.14 ? 82  GLU A N   1 
ATOM   440 C  CA  . GLU A 1 75  ? -4.947  2.555   -13.124 1.00 12.30 ? 82  GLU A CA  1 
ATOM   441 C  C   . GLU A 1 75  ? -4.304  1.930   -14.352 1.00 12.94 ? 82  GLU A C   1 
ATOM   442 O  O   . GLU A 1 75  ? -3.920  2.634   -15.293 1.00 12.18 ? 82  GLU A O   1 
ATOM   443 C  CB  . GLU A 1 75  ? -6.336  3.082   -13.511 1.00 12.15 ? 82  GLU A CB  1 
ATOM   444 C  CG  . GLU A 1 75  ? -7.256  2.017   -14.120 1.00 12.51 ? 82  GLU A CG  1 
ATOM   445 C  CD  . GLU A 1 75  ? -8.641  2.538   -14.495 1.00 12.31 ? 82  GLU A CD  1 
ATOM   446 O  OE1 . GLU A 1 75  ? -9.517  1.705   -14.778 1.00 13.15 ? 82  GLU A OE1 1 
ATOM   447 O  OE2 . GLU A 1 75  ? -8.863  3.766   -14.501 1.00 12.23 ? 82  GLU A OE2 1 
HETATM 448 N  N   . MSE A 1 76  ? -4.211  0.605   -14.353 1.00 14.20 ? 83  MSE A N   1 
HETATM 449 C  CA  . MSE A 1 76  ? -3.788  -0.138  -15.531 1.00 15.65 ? 83  MSE A CA  1 
HETATM 450 C  C   . MSE A 1 76  ? -4.736  -1.306  -15.749 1.00 15.93 ? 83  MSE A C   1 
HETATM 451 O  O   . MSE A 1 76  ? -5.761  -1.399  -15.062 1.00 16.07 ? 83  MSE A O   1 
HETATM 452 C  CB  . MSE A 1 76  ? -2.340  -0.600  -15.381 1.00 16.31 ? 83  MSE A CB  1 
HETATM 453 C  CG  . MSE A 1 76  ? -1.961  -1.035  -13.976 1.00 19.08 ? 83  MSE A CG  1 
HETATM 454 SE SE  . MSE A 1 76  ? -0.192  -0.380  -13.496 1.00 26.26 ? 83  MSE A SE  1 
HETATM 455 C  CE  . MSE A 1 76  ? -0.212  -0.773  -11.577 1.00 24.35 ? 83  MSE A CE  1 
ATOM   456 N  N   . GLY A 1 77  ? -4.419  -2.175  -16.712 1.00 16.48 ? 84  GLY A N   1 
ATOM   457 C  CA  . GLY A 1 77  ? -5.165  -3.423  -16.900 1.00 16.90 ? 84  GLY A CA  1 
ATOM   458 C  C   . GLY A 1 77  ? -5.114  -4.283  -15.642 1.00 17.34 ? 84  GLY A C   1 
ATOM   459 O  O   . GLY A 1 77  ? -6.134  -4.821  -15.194 1.00 17.86 ? 84  GLY A O   1 
ATOM   460 N  N   . LYS A 1 78  ? -3.920  -4.383  -15.057 1.00 17.28 ? 85  LYS A N   1 
ATOM   461 C  CA  . LYS A 1 78  ? -3.669  -5.215  -13.875 1.00 16.84 ? 85  LYS A CA  1 
ATOM   462 C  C   . LYS A 1 78  ? -4.677  -4.981  -12.740 1.00 16.03 ? 85  LYS A C   1 
ATOM   463 O  O   . LYS A 1 78  ? -5.224  -5.938  -12.180 1.00 16.59 ? 85  LYS A O   1 
ATOM   464 C  CB  . LYS A 1 78  ? -2.233  -4.987  -13.367 1.00 17.12 ? 85  LYS A CB  1 
ATOM   465 N  N   . GLY A 1 79  ? -4.944  -3.706  -12.464 1.00 14.66 ? 86  GLY A N   1 
ATOM   466 C  CA  . GLY A 1 79  ? -5.648  -3.230  -11.263 1.00 12.81 ? 86  GLY A CA  1 
ATOM   467 C  C   . GLY A 1 79  ? -5.109  -1.822  -11.020 1.00 11.60 ? 86  GLY A C   1 
ATOM   468 O  O   . GLY A 1 79  ? -4.682  -1.159  -11.969 1.00 10.42 ? 86  GLY A O   1 
ATOM   469 N  N   . TYR A 1 80  ? -5.116  -1.356  -9.770  1.00 11.24 ? 87  TYR A N   1 
ATOM   470 C  CA  . TYR A 1 80  ? -4.572  -0.030  -9.439  1.00 11.47 ? 87  TYR A CA  1 
ATOM   471 C  C   . TYR A 1 80  ? -3.370  -0.113  -8.515  1.00 11.61 ? 87  TYR A C   1 
ATOM   472 O  O   . TYR A 1 80  ? -3.284  -1.015  -7.668  1.00 11.98 ? 87  TYR A O   1 
ATOM   473 C  CB  . TYR A 1 80  ? -5.596  0.825   -8.670  1.00 11.33 ? 87  TYR A CB  1 
ATOM   474 C  CG  . TYR A 1 80  ? -6.844  1.180   -9.432  1.00 12.48 ? 87  TYR A CG  1 
ATOM   475 C  CD1 . TYR A 1 80  ? -7.002  2.447   -9.992  1.00 12.52 ? 87  TYR A CD1 1 
ATOM   476 C  CD2 . TYR A 1 80  ? -7.881  0.263   -9.572  1.00 12.95 ? 87  TYR A CD2 1 
ATOM   477 C  CE1 . TYR A 1 80  ? -8.153  2.779   -10.687 1.00 12.92 ? 87  TYR A CE1 1 
ATOM   478 C  CE2 . TYR A 1 80  ? -9.034  0.583   -10.274 1.00 13.03 ? 87  TYR A CE2 1 
ATOM   479 C  CZ  . TYR A 1 80  ? -9.158  1.842   -10.828 1.00 12.86 ? 87  TYR A CZ  1 
ATOM   480 O  OH  . TYR A 1 80  ? -10.302 2.169   -11.514 1.00 14.14 ? 87  TYR A OH  1 
ATOM   481 N  N   . LEU A 1 81  ? -2.473  0.859   -8.654  1.00 11.80 ? 88  LEU A N   1 
ATOM   482 C  CA  . LEU A 1 81  ? -1.469  1.145   -7.623  1.00 11.82 ? 88  LEU A CA  1 
ATOM   483 C  C   . LEU A 1 81  ? -1.901  2.436   -6.961  1.00 11.04 ? 88  LEU A C   1 
ATOM   484 O  O   . LEU A 1 81  ? -2.119  3.446   -7.643  1.00 11.23 ? 88  LEU A O   1 
ATOM   485 C  CB  . LEU A 1 81  ? -0.075  1.306   -8.231  1.00 11.24 ? 88  LEU A CB  1 
ATOM   486 C  CG  . LEU A 1 81  ? 1.104   1.547   -7.272  1.00 11.44 ? 88  LEU A CG  1 
ATOM   487 C  CD1 . LEU A 1 81  ? 2.418   1.237   -7.997  1.00 13.02 ? 88  LEU A CD1 1 
ATOM   488 C  CD2 . LEU A 1 81  ? 1.134   3.006   -6.729  1.00 12.19 ? 88  LEU A CD2 1 
ATOM   489 N  N   . ILE A 1 82  ? -2.057  2.417   -5.644  1.00 11.07 ? 89  ILE A N   1 
ATOM   490 C  CA  . ILE A 1 82  ? -2.514  3.609   -4.948  1.00 11.14 ? 89  ILE A CA  1 
ATOM   491 C  C   . ILE A 1 82  ? -1.528  3.904   -3.834  1.00 9.54  ? 89  ILE A C   1 
ATOM   492 O  O   . ILE A 1 82  ? -1.146  3.002   -3.081  1.00 10.49 ? 89  ILE A O   1 
ATOM   493 C  CB  . ILE A 1 82  ? -3.971  3.473   -4.367  1.00 11.83 ? 89  ILE A CB  1 
ATOM   494 C  CG1 . ILE A 1 82  ? -4.951  2.926   -5.413  1.00 12.62 ? 89  ILE A CG1 1 
ATOM   495 C  CG2 . ILE A 1 82  ? -4.472  4.830   -3.761  1.00 12.41 ? 89  ILE A CG2 1 
ATOM   496 C  CD1 . ILE A 1 82  ? -6.326  2.532   -4.891  1.00 14.75 ? 89  ILE A CD1 1 
ATOM   497 N  N   . LEU A 1 83  ? -1.156  5.166   -3.710  1.00 8.39  ? 90  LEU A N   1 
ATOM   498 C  CA  . LEU A 1 83  ? -0.196  5.600   -2.714  1.00 7.74  ? 90  LEU A CA  1 
ATOM   499 C  C   . LEU A 1 83  ? -0.766  6.791   -1.945  1.00 7.93  ? 90  LEU A C   1 
ATOM   500 O  O   . LEU A 1 83  ? -1.308  7.695   -2.553  1.00 8.12  ? 90  LEU A O   1 
ATOM   501 C  CB  . LEU A 1 83  ? 1.091   5.994   -3.442  1.00 8.22  ? 90  LEU A CB  1 
ATOM   502 C  CG  . LEU A 1 83  ? 2.291   6.577   -2.720  1.00 9.29  ? 90  LEU A CG  1 
ATOM   503 C  CD1 . LEU A 1 83  ? 3.543   6.203   -3.499  1.00 11.48 ? 90  LEU A CD1 1 
ATOM   504 C  CD2 . LEU A 1 83  ? 2.176   8.108   -2.591  1.00 11.98 ? 90  LEU A CD2 1 
ATOM   505 N  N   . THR A 1 84  ? -0.629  6.789   -0.620  1.00 7.03  ? 91  THR A N   1 
ATOM   506 C  CA  . THR A 1 84  ? -1.039  7.922   0.202   1.00 7.11  ? 91  THR A CA  1 
ATOM   507 C  C   . THR A 1 84  ? -0.042  8.155   1.336   1.00 7.40  ? 91  THR A C   1 
ATOM   508 O  O   . THR A 1 84  ? 0.678   7.248   1.737   1.00 7.34  ? 91  THR A O   1 
ATOM   509 C  CB  . THR A 1 84  ? -2.516  7.761   0.745   1.00 7.55  ? 91  THR A CB  1 
ATOM   510 O  OG1 . THR A 1 84  ? -2.933  8.981   1.384   1.00 9.45  ? 91  THR A OG1 1 
ATOM   511 C  CG2 . THR A 1 84  ? -2.619  6.638   1.762   1.00 7.03  ? 91  THR A CG2 1 
ATOM   512 N  N   . ALA A 1 85  ? -0.012  9.369   1.864   1.00 7.23  ? 92  ALA A N   1 
ATOM   513 C  CA  . ALA A 1 85  ? 0.833   9.681   3.011   1.00 7.91  ? 92  ALA A CA  1 
ATOM   514 C  C   . ALA A 1 85  ? 0.373   8.904   4.249   1.00 8.78  ? 92  ALA A C   1 
ATOM   515 O  O   . ALA A 1 85  ? -0.843  8.783   4.503   1.00 8.46  ? 92  ALA A O   1 
ATOM   516 C  CB  . ALA A 1 85  ? 0.797   11.191  3.298   1.00 8.54  ? 92  ALA A CB  1 
ATOM   517 N  N   . ALA A 1 86  ? 1.347   8.393   5.012   1.00 8.54  ? 93  ALA A N   1 
ATOM   518 C  CA  . ALA A 1 86  ? 1.110   7.799   6.340   1.00 8.53  ? 93  ALA A CA  1 
ATOM   519 C  C   . ALA A 1 86  ? 1.958   8.582   7.320   1.00 9.26  ? 93  ALA A C   1 
ATOM   520 O  O   . ALA A 1 86  ? 3.039   8.133   7.753   1.00 9.27  ? 93  ALA A O   1 
ATOM   521 C  CB  . ALA A 1 86  ? 1.492   6.321   6.351   1.00 8.66  ? 93  ALA A CB  1 
ATOM   522 N  N   . GLY A 1 87  ? 1.487   9.788   7.647   1.00 8.70  ? 94  GLY A N   1 
ATOM   523 C  CA  . GLY A 1 87  ? 2.315   10.747  8.394   1.00 8.47  ? 94  GLY A CA  1 
ATOM   524 C  C   . GLY A 1 87  ? 3.399   11.336  7.507   1.00 8.27  ? 94  GLY A C   1 
ATOM   525 O  O   . GLY A 1 87  ? 3.531   10.931  6.352   1.00 8.42  ? 94  GLY A O   1 
ATOM   526 N  N   . PRO A 1 88  ? 4.196   12.283  8.046   1.00 8.83  ? 95  PRO A N   1 
ATOM   527 C  CA  . PRO A 1 88  ? 5.254   13.001  7.312   1.00 8.97  ? 95  PRO A CA  1 
ATOM   528 C  C   . PRO A 1 88  ? 6.454   12.165  6.830   1.00 9.42  ? 95  PRO A C   1 
ATOM   529 O  O   . PRO A 1 88  ? 7.175   12.619  5.943   1.00 10.24 ? 95  PRO A O   1 
ATOM   530 C  CB  . PRO A 1 88  ? 5.744   14.041  8.318   1.00 8.88  ? 95  PRO A CB  1 
ATOM   531 C  CG  . PRO A 1 88  ? 4.742   14.102  9.360   1.00 9.21  ? 95  PRO A CG  1 
ATOM   532 C  CD  . PRO A 1 88  ? 4.062   12.795  9.422   1.00 8.53  ? 95  PRO A CD  1 
ATOM   533 N  N   . GLY A 1 89  ? 6.671   10.972  7.386   1.00 9.39  ? 96  GLY A N   1 
ATOM   534 C  CA  . GLY A 1 89  ? 7.888   10.205  7.066   1.00 8.63  ? 96  GLY A CA  1 
ATOM   535 C  C   . GLY A 1 89  ? 7.682   8.923   6.274   1.00 9.05  ? 96  GLY A C   1 
ATOM   536 O  O   . GLY A 1 89  ? 8.630   8.157   6.094   1.00 8.96  ? 96  GLY A O   1 
ATOM   537 N  N   . ALA A 1 90  ? 6.463   8.689   5.790   1.00 8.44  ? 97  ALA A N   1 
ATOM   538 C  CA  . ALA A 1 90  ? 6.117   7.412   5.157   1.00 8.67  ? 97  ALA A CA  1 
ATOM   539 C  C   . ALA A 1 90  ? 4.925   7.489   4.217   1.00 8.64  ? 97  ALA A C   1 
ATOM   540 O  O   . ALA A 1 90  ? 4.088   8.384   4.318   1.00 9.10  ? 97  ALA A O   1 
ATOM   541 C  CB  . ALA A 1 90  ? 5.842   6.325   6.232   1.00 8.95  ? 97  ALA A CB  1 
ATOM   542 N  N   . HIS A 1 91  ? 4.818   6.499   3.347   1.00 8.12  ? 98  HIS A N   1 
ATOM   543 C  CA  . HIS A 1 91  ? 3.684   6.364   2.457   1.00 9.41  ? 98  HIS A CA  1 
ATOM   544 C  C   . HIS A 1 91  ? 3.141   4.937   2.490   1.00 10.08 ? 98  HIS A C   1 
ATOM   545 O  O   . HIS A 1 91  ? 3.912   3.970   2.542   1.00 9.75  ? 98  HIS A O   1 
ATOM   546 C  CB  . HIS A 1 91  ? 4.081   6.708   1.018   1.00 10.02 ? 98  HIS A CB  1 
ATOM   547 C  CG  . HIS A 1 91  ? 4.228   8.172   0.771   1.00 12.26 ? 98  HIS A CG  1 
ATOM   548 N  ND1 . HIS A 1 91  ? 5.387   8.863   1.049   1.00 13.49 ? 98  HIS A ND1 1 
ATOM   549 C  CD2 . HIS A 1 91  ? 3.354   9.084   0.277   1.00 12.66 ? 98  HIS A CD2 1 
ATOM   550 C  CE1 . HIS A 1 91  ? 5.225   10.132  0.725   1.00 14.51 ? 98  HIS A CE1 1 
ATOM   551 N  NE2 . HIS A 1 91  ? 4.000   10.290  0.253   1.00 14.03 ? 98  HIS A NE2 1 
ATOM   552 N  N   . LEU A 1 92  ? 1.813   4.816   2.475   1.00 8.93  ? 99  LEU A N   1 
ATOM   553 C  CA  . LEU A 1 92  ? 1.161   3.530   2.342   1.00 9.89  ? 99  LEU A CA  1 
ATOM   554 C  C   . LEU A 1 92  ? 0.953   3.271   0.861   1.00 10.14 ? 99  LEU A C   1 
ATOM   555 O  O   . LEU A 1 92  ? 0.450   4.167   0.120   1.00 10.88 ? 99  LEU A O   1 
ATOM   556 C  CB  . LEU A 1 92  ? -0.217  3.564   3.054   1.00 9.55  ? 99  LEU A CB  1 
ATOM   557 C  CG  . LEU A 1 92  ? -1.121  2.330   2.870   1.00 10.46 ? 99  LEU A CG  1 
ATOM   558 C  CD1 . LEU A 1 92  ? -0.494  1.077   3.512   1.00 9.41  ? 99  LEU A CD1 1 
ATOM   559 C  CD2 . LEU A 1 92  ? -2.529  2.614   3.473   1.00 10.46 ? 99  LEU A CD2 1 
ATOM   560 N  N   . VAL A 1 93  ? 1.312   2.072   0.401   1.00 10.66 ? 100 VAL A N   1 
ATOM   561 C  CA  . VAL A 1 93  ? 1.179   1.769   -1.012  1.00 10.48 ? 100 VAL A CA  1 
ATOM   562 C  C   . VAL A 1 93  ? 0.425   0.463   -1.137  1.00 10.61 ? 100 VAL A C   1 
ATOM   563 O  O   . VAL A 1 93  ? 0.767   -0.509  -0.497  1.00 11.65 ? 100 VAL A O   1 
ATOM   564 C  CB  . VAL A 1 93  ? 2.547   1.636   -1.731  1.00 10.10 ? 100 VAL A CB  1 
ATOM   565 C  CG1 . VAL A 1 93  ? 2.348   1.445   -3.212  1.00 8.87  ? 100 VAL A CG1 1 
ATOM   566 C  CG2 . VAL A 1 93  ? 3.476   2.864   -1.440  1.00 11.65 ? 100 VAL A CG2 1 
ATOM   567 N  N   . VAL A 1 94  ? -0.589  0.438   -1.982  1.00 10.29 ? 101 VAL A N   1 
ATOM   568 C  CA  A VAL A 1 94  ? -1.432  -0.742  -2.135  0.50 10.11 ? 101 VAL A CA  1 
ATOM   569 C  CA  B VAL A 1 94  ? -1.367  -0.785  -2.142  0.50 10.48 ? 101 VAL A CA  1 
ATOM   570 C  C   . VAL A 1 94  ? -1.506  -1.146  -3.600  1.00 9.95  ? 101 VAL A C   1 
ATOM   571 O  O   . VAL A 1 94  ? -1.528  -0.260  -4.481  1.00 10.58 ? 101 VAL A O   1 
ATOM   572 C  CB  A VAL A 1 94  ? -2.858  -0.451  -1.578  0.50 10.08 ? 101 VAL A CB  1 
ATOM   573 C  CB  B VAL A 1 94  ? -2.785  -0.670  -1.534  0.50 10.67 ? 101 VAL A CB  1 
ATOM   574 C  CG1 A VAL A 1 94  ? -3.917  -1.339  -2.222  0.50 8.36  ? 101 VAL A CG1 1 
ATOM   575 C  CG1 B VAL A 1 94  ? -2.720  -0.237  -0.063  0.50 10.64 ? 101 VAL A CG1 1 
ATOM   576 C  CG2 A VAL A 1 94  ? -2.876  -0.604  -0.048  0.50 10.22 ? 101 VAL A CG2 1 
ATOM   577 C  CG2 B VAL A 1 94  ? -3.630  0.279   -2.343  0.50 11.11 ? 101 VAL A CG2 1 
ATOM   578 N  N   . LEU A 1 95  ? -1.566  -2.454  -3.848  1.00 9.70  ? 102 LEU A N   1 
ATOM   579 C  CA  . LEU A 1 95  ? -1.916  -3.006  -5.163  1.00 10.14 ? 102 LEU A CA  1 
ATOM   580 C  C   . LEU A 1 95  ? -3.309  -3.632  -5.059  1.00 9.84  ? 102 LEU A C   1 
ATOM   581 O  O   . LEU A 1 95  ? -3.567  -4.462  -4.177  1.00 9.75  ? 102 LEU A O   1 
ATOM   582 C  CB  . LEU A 1 95  ? -0.896  -4.040  -5.650  1.00 9.81  ? 102 LEU A CB  1 
ATOM   583 C  CG  . LEU A 1 95  ? 0.479   -3.522  -6.100  1.00 11.36 ? 102 LEU A CG  1 
ATOM   584 C  CD1 . LEU A 1 95  ? 1.428   -4.677  -6.353  1.00 8.99  ? 102 LEU A CD1 1 
ATOM   585 C  CD2 . LEU A 1 95  ? 0.386   -2.605  -7.350  1.00 11.83 ? 102 LEU A CD2 1 
ATOM   586 N  N   . THR A 1 96  ? -4.207  -3.226  -5.955  1.00 10.08 ? 103 THR A N   1 
ATOM   587 C  CA  . THR A 1 96  ? -5.545  -3.820  -6.029  1.00 10.51 ? 103 THR A CA  1 
ATOM   588 C  C   . THR A 1 96  ? -5.640  -4.897  -7.116  1.00 11.64 ? 103 THR A C   1 
ATOM   589 O  O   . THR A 1 96  ? -4.800  -4.965  -8.021  1.00 12.75 ? 103 THR A O   1 
ATOM   590 C  CB  . THR A 1 96  ? -6.620  -2.767  -6.346  1.00 9.86  ? 103 THR A CB  1 
ATOM   591 O  OG1 . THR A 1 96  ? -6.627  -2.504  -7.757  1.00 10.07 ? 103 THR A OG1 1 
ATOM   592 C  CG2 . THR A 1 96  ? -6.378  -1.465  -5.555  1.00 8.99  ? 103 THR A CG2 1 
ATOM   593 N  N   . ARG A 1 97  ? -6.693  -5.708  -7.027  1.00 10.93 ? 104 ARG A N   1 
ATOM   594 C  CA  . ARG A 1 97  ? -7.089  -6.644  -8.069  1.00 11.32 ? 104 ARG A CA  1 
ATOM   595 C  C   . ARG A 1 97  ? -7.738  -5.854  -9.205  1.00 11.19 ? 104 ARG A C   1 
ATOM   596 O  O   . ARG A 1 97  ? -7.914  -4.631  -9.092  1.00 11.80 ? 104 ARG A O   1 
ATOM   597 C  CB  . ARG A 1 97  ? -8.074  -7.672  -7.493  1.00 10.81 ? 104 ARG A CB  1 
ATOM   598 N  N   . GLN A 1 98  ? -8.074  -6.538  -10.291 1.00 10.74 ? 105 GLN A N   1 
ATOM   599 C  CA  . GLN A 1 98  ? -8.683  -5.893  -11.451 1.00 10.61 ? 105 GLN A CA  1 
ATOM   600 C  C   . GLN A 1 98  ? -10.142 -5.544  -11.171 1.00 10.42 ? 105 GLN A C   1 
ATOM   601 O  O   . GLN A 1 98  ? -10.885 -6.344  -10.601 1.00 10.52 ? 105 GLN A O   1 
ATOM   602 C  CB  . GLN A 1 98  ? -8.572  -6.789  -12.696 1.00 10.48 ? 105 GLN A CB  1 
ATOM   603 N  N   . GLY A 1 99  ? -10.537 -4.342  -11.568 1.00 10.25 ? 106 GLY A N   1 
ATOM   604 C  CA  . GLY A 1 99  ? -11.928 -3.909  -11.450 1.00 10.69 ? 106 GLY A CA  1 
ATOM   605 C  C   . GLY A 1 99  ? -12.361 -3.471  -10.061 1.00 10.67 ? 106 GLY A C   1 
ATOM   606 O  O   . GLY A 1 99  ? -13.560 -3.304  -9.814  1.00 10.78 ? 106 GLY A O   1 
ATOM   607 N  N   . ALA A 1 100 ? -11.399 -3.290  -9.157  1.00 10.56 ? 107 ALA A N   1 
ATOM   608 C  CA  . ALA A 1 100 ? -11.666 -2.817  -7.792  1.00 10.65 ? 107 ALA A CA  1 
ATOM   609 C  C   . ALA A 1 100 ? -12.378 -1.462  -7.778  1.00 10.77 ? 107 ALA A C   1 
ATOM   610 O  O   . ALA A 1 100 ? -12.174 -0.631  -8.666  1.00 10.75 ? 107 ALA A O   1 
ATOM   611 C  CB  . ALA A 1 100 ? -10.361 -2.728  -7.000  1.00 10.50 ? 107 ALA A CB  1 
ATOM   612 N  N   . ASP A 1 101 ? -13.208 -1.235  -6.764  1.00 10.94 ? 108 ASP A N   1 
ATOM   613 C  CA  . ASP A 1 101 ? -13.820 0.078   -6.570  1.00 10.44 ? 108 ASP A CA  1 
ATOM   614 C  C   . ASP A 1 101 ? -12.832 0.968   -5.834  1.00 9.82  ? 108 ASP A C   1 
ATOM   615 O  O   . ASP A 1 101 ? -12.544 0.744   -4.646  1.00 9.86  ? 108 ASP A O   1 
ATOM   616 C  CB  . ASP A 1 101 ? -15.148 -0.026  -5.803  1.00 10.75 ? 108 ASP A CB  1 
ATOM   617 C  CG  . ASP A 1 101 ? -15.953 1.269   -5.833  1.00 10.73 ? 108 ASP A CG  1 
ATOM   618 O  OD1 . ASP A 1 101 ? -17.105 1.231   -6.291  1.00 12.06 ? 108 ASP A OD1 1 
ATOM   619 O  OD2 . ASP A 1 101 ? -15.450 2.324   -5.406  1.00 10.22 ? 108 ASP A OD2 1 
ATOM   620 N  N   . VAL A 1 102 ? -12.318 1.982   -6.533  1.00 9.15  ? 109 VAL A N   1 
ATOM   621 C  CA  . VAL A 1 102 ? -11.300 2.887   -5.960  1.00 9.05  ? 109 VAL A CA  1 
ATOM   622 C  C   . VAL A 1 102 ? -11.769 3.599   -4.696  1.00 8.41  ? 109 VAL A C   1 
ATOM   623 O  O   . VAL A 1 102 ? -10.993 3.781   -3.755  1.00 8.05  ? 109 VAL A O   1 
ATOM   624 C  CB  . VAL A 1 102 ? -10.866 3.973   -6.947  1.00 8.87  ? 109 VAL A CB  1 
ATOM   625 C  CG1 . VAL A 1 102 ? -9.771  4.837   -6.332  1.00 9.96  ? 109 VAL A CG1 1 
ATOM   626 C  CG2 . VAL A 1 102 ? -10.388 3.369   -8.211  1.00 9.85  ? 109 VAL A CG2 1 
ATOM   627 N  N   . GLY A 1 103 ? -13.032 4.023   -4.694  1.00 8.09  ? 110 GLY A N   1 
ATOM   628 C  CA  . GLY A 1 103 ? -13.639 4.659   -3.528  1.00 7.65  ? 110 GLY A CA  1 
ATOM   629 C  C   . GLY A 1 103 ? -13.605 3.786   -2.293  1.00 7.42  ? 110 GLY A C   1 
ATOM   630 O  O   . GLY A 1 103 ? -13.296 4.261   -1.196  1.00 7.38  ? 110 GLY A O   1 
ATOM   631 N  N   . VAL A 1 104 ? -13.910 2.506   -2.463  1.00 7.38  ? 111 VAL A N   1 
ATOM   632 C  CA  . VAL A 1 104 ? -13.857 1.569   -1.348  1.00 7.45  ? 111 VAL A CA  1 
ATOM   633 C  C   . VAL A 1 104 ? -12.414 1.433   -0.849  1.00 7.43  ? 111 VAL A C   1 
ATOM   634 O  O   . VAL A 1 104 ? -12.137 1.562   0.341   1.00 6.74  ? 111 VAL A O   1 
ATOM   635 C  CB  . VAL A 1 104 ? -14.475 0.204   -1.721  1.00 7.45  ? 111 VAL A CB  1 
ATOM   636 C  CG1 . VAL A 1 104 ? -14.162 -0.840  -0.663  1.00 8.16  ? 111 VAL A CG1 1 
ATOM   637 C  CG2 . VAL A 1 104 ? -15.984 0.342   -1.911  1.00 6.73  ? 111 VAL A CG2 1 
ATOM   638 N  N   . VAL A 1 105 ? -11.493 1.186   -1.774  1.00 8.51  ? 112 VAL A N   1 
ATOM   639 C  CA  . VAL A 1 105 ? -10.100 1.018   -1.399  1.00 8.01  ? 112 VAL A CA  1 
ATOM   640 C  C   . VAL A 1 105 ? -9.567  2.290   -0.731  1.00 8.36  ? 112 VAL A C   1 
ATOM   641 O  O   . VAL A 1 105 ? -8.926  2.204   0.313   1.00 9.31  ? 112 VAL A O   1 
ATOM   642 C  CB  . VAL A 1 105 ? -9.231  0.638   -2.602  1.00 8.13  ? 112 VAL A CB  1 
ATOM   643 C  CG1 . VAL A 1 105 ? -7.779  0.557   -2.175  1.00 8.87  ? 112 VAL A CG1 1 
ATOM   644 C  CG2 . VAL A 1 105 ? -9.671  -0.716  -3.166  1.00 7.59  ? 112 VAL A CG2 1 
ATOM   645 N  N   . ALA A 1 106 ? -9.827  3.460   -1.308  1.00 9.21  ? 113 ALA A N   1 
ATOM   646 C  CA  . ALA A 1 106 ? -9.332  4.696   -0.696  1.00 9.85  ? 113 ALA A CA  1 
ATOM   647 C  C   . ALA A 1 106 ? -9.880  4.896   0.719   1.00 10.10 ? 113 ALA A C   1 
ATOM   648 O  O   . ALA A 1 106 ? -9.147  5.334   1.596   1.00 10.67 ? 113 ALA A O   1 
ATOM   649 C  CB  . ALA A 1 106 ? -9.608  5.899   -1.568  1.00 10.15 ? 113 ALA A CB  1 
ATOM   650 N  N   . TYR A 1 107 ? -11.155 4.581   0.934   1.00 10.70 ? 114 TYR A N   1 
ATOM   651 C  CA  . TYR A 1 107 ? -11.753 4.655   2.266   1.00 10.42 ? 114 TYR A CA  1 
ATOM   652 C  C   . TYR A 1 107 ? -11.046 3.701   3.225   1.00 10.03 ? 114 TYR A C   1 
ATOM   653 O  O   . TYR A 1 107 ? -10.659 4.077   4.324   1.00 10.49 ? 114 TYR A O   1 
ATOM   654 C  CB  . TYR A 1 107 ? -13.270 4.322   2.198   1.00 9.95  ? 114 TYR A CB  1 
ATOM   655 C  CG  . TYR A 1 107 ? -13.872 4.096   3.569   1.00 9.83  ? 114 TYR A CG  1 
ATOM   656 C  CD1 . TYR A 1 107 ? -14.256 5.172   4.369   1.00 10.51 ? 114 TYR A CD1 1 
ATOM   657 C  CD2 . TYR A 1 107 ? -14.011 2.801   4.087   1.00 11.19 ? 114 TYR A CD2 1 
ATOM   658 C  CE1 . TYR A 1 107 ? -14.793 4.959   5.643   1.00 11.07 ? 114 TYR A CE1 1 
ATOM   659 C  CE2 . TYR A 1 107 ? -14.532 2.580   5.365   1.00 9.00  ? 114 TYR A CE2 1 
ATOM   660 C  CZ  . TYR A 1 107 ? -14.924 3.660   6.129   1.00 11.36 ? 114 TYR A CZ  1 
ATOM   661 O  OH  . TYR A 1 107 ? -15.442 3.425   7.388   1.00 9.90  ? 114 TYR A OH  1 
ATOM   662 N  N   . GLN A 1 108 ? -10.853 2.462   2.806   1.00 9.51  ? 115 GLN A N   1 
ATOM   663 C  CA  . GLN A 1 108 ? -10.139 1.480   3.647   1.00 10.35 ? 115 GLN A CA  1 
ATOM   664 C  C   . GLN A 1 108 ? -8.709  1.919   4.014   1.00 10.53 ? 115 GLN A C   1 
ATOM   665 O  O   . GLN A 1 108 ? -8.269  1.753   5.176   1.00 10.90 ? 115 GLN A O   1 
ATOM   666 C  CB  . GLN A 1 108 ? -10.109 0.093   2.976   1.00 9.97  ? 115 GLN A CB  1 
ATOM   667 C  CG  . GLN A 1 108 ? -11.473 -0.587  2.922   1.00 12.80 ? 115 GLN A CG  1 
ATOM   668 C  CD  . GLN A 1 108 ? -11.952 -1.069  4.276   1.00 15.66 ? 115 GLN A CD  1 
ATOM   669 O  OE1 . GLN A 1 108 ? -11.187 -1.144  5.241   1.00 18.21 ? 115 GLN A OE1 1 
ATOM   670 N  NE2 . GLN A 1 108 ? -13.227 -1.421  4.349   1.00 15.37 ? 115 GLN A NE2 1 
HETATM 671 N  N   . MSE A 1 109 ? -7.978  2.455   3.026   1.00 10.08 ? 116 MSE A N   1 
HETATM 672 C  CA  . MSE A 1 109 ? -6.627  2.964   3.269   1.00 9.20  ? 116 MSE A CA  1 
HETATM 673 C  C   . MSE A 1 109 ? -6.655  4.146   4.237   1.00 9.33  ? 116 MSE A C   1 
HETATM 674 O  O   . MSE A 1 109 ? -5.834  4.228   5.132   1.00 7.95  ? 116 MSE A O   1 
HETATM 675 C  CB  . MSE A 1 109 ? -5.970  3.379   1.956   1.00 9.61  ? 116 MSE A CB  1 
HETATM 676 C  CG  . MSE A 1 109 ? -5.785  2.227   0.996   1.00 9.32  ? 116 MSE A CG  1 
HETATM 677 SE SE  . MSE A 1 109 ? -5.088  2.812   -0.720  1.00 17.23 ? 116 MSE A SE  1 
HETATM 678 C  CE  . MSE A 1 109 ? -3.301  3.413   -0.220  1.00 7.17  ? 116 MSE A CE  1 
ATOM   679 N  N   . ASN A 1 110 ? -7.612  5.050   4.050   1.00 9.25  ? 117 ASN A N   1 
ATOM   680 C  CA  . ASN A 1 110 ? -7.747  6.225   4.923   1.00 10.64 ? 117 ASN A CA  1 
ATOM   681 C  C   . ASN A 1 110 ? -8.044  5.796   6.377   1.00 9.88  ? 117 ASN A C   1 
ATOM   682 O  O   . ASN A 1 110 ? -7.488  6.355   7.316   1.00 10.31 ? 117 ASN A O   1 
ATOM   683 C  CB  . ASN A 1 110 ? -8.839  7.178   4.395   1.00 11.43 ? 117 ASN A CB  1 
ATOM   684 C  CG  . ASN A 1 110 ? -8.385  8.010   3.179   1.00 14.86 ? 117 ASN A CG  1 
ATOM   685 O  OD1 . ASN A 1 110 ? -7.192  8.184   2.925   1.00 15.88 ? 117 ASN A OD1 1 
ATOM   686 N  ND2 . ASN A 1 110 ? -9.356  8.530   2.423   1.00 18.04 ? 117 ASN A ND2 1 
HETATM 687 N  N   . MSE A 1 111 ? -8.882  4.772   6.541   1.00 9.79  ? 118 MSE A N   1 
HETATM 688 C  CA  . MSE A 1 111 ? -9.181  4.222   7.877   1.00 9.89  ? 118 MSE A CA  1 
HETATM 689 C  C   . MSE A 1 111 ? -7.947  3.568   8.485   1.00 9.35  ? 118 MSE A C   1 
HETATM 690 O  O   . MSE A 1 111 ? -7.709  3.691   9.682   1.00 9.96  ? 118 MSE A O   1 
HETATM 691 C  CB  . MSE A 1 111 ? -10.342 3.221   7.823   1.00 9.38  ? 118 MSE A CB  1 
HETATM 692 C  CG  . MSE A 1 111 ? -11.703 3.833   7.430   1.00 9.41  ? 118 MSE A CG  1 
HETATM 693 SE SE  . MSE A 1 111 ? -12.252 5.357   8.579   1.00 16.68 ? 118 MSE A SE  1 
HETATM 694 C  CE  . MSE A 1 111 ? -11.805 6.830   7.348   1.00 13.14 ? 118 MSE A CE  1 
ATOM   695 N  N   . LEU A 1 112 ? -7.156  2.885   7.662   1.00 9.82  ? 119 LEU A N   1 
ATOM   696 C  CA  A LEU A 1 112 ? -5.909  2.260   8.123   0.50 9.53  ? 119 LEU A CA  1 
ATOM   697 C  CA  B LEU A 1 112 ? -5.922  2.260   8.156   0.50 9.57  ? 119 LEU A CA  1 
ATOM   698 C  C   . LEU A 1 112 ? -4.913  3.313   8.641   1.00 9.34  ? 119 LEU A C   1 
ATOM   699 O  O   . LEU A 1 112 ? -4.325  3.150   9.707   1.00 8.49  ? 119 LEU A O   1 
ATOM   700 C  CB  A LEU A 1 112 ? -5.276  1.427   7.000   0.50 9.41  ? 119 LEU A CB  1 
ATOM   701 C  CB  B LEU A 1 112 ? -5.298  1.325   7.113   0.50 9.59  ? 119 LEU A CB  1 
ATOM   702 C  CG  A LEU A 1 112 ? -3.952  0.721   7.326   0.50 9.67  ? 119 LEU A CG  1 
ATOM   703 C  CG  B LEU A 1 112 ? -4.113  0.485   7.621   0.50 9.82  ? 119 LEU A CG  1 
ATOM   704 C  CD1 A LEU A 1 112 ? -4.098  -0.177  8.540   0.50 8.97  ? 119 LEU A CD1 1 
ATOM   705 C  CD1 B LEU A 1 112 ? -3.948  -0.790  6.847   0.50 8.68  ? 119 LEU A CD1 1 
ATOM   706 C  CD2 A LEU A 1 112 ? -3.401  -0.050  6.132   0.50 7.57  ? 119 LEU A CD2 1 
ATOM   707 C  CD2 B LEU A 1 112 ? -2.824  1.290   7.577   0.50 9.82  ? 119 LEU A CD2 1 
ATOM   708 N  N   . VAL A 1 113 ? -4.715  4.386   7.865   1.00 9.69  ? 120 VAL A N   1 
ATOM   709 C  CA  . VAL A 1 113 ? -3.786  5.463   8.243   1.00 9.88  ? 120 VAL A CA  1 
ATOM   710 C  C   . VAL A 1 113 ? -4.225  6.104   9.569   1.00 10.61 ? 120 VAL A C   1 
ATOM   711 O  O   . VAL A 1 113 ? -3.406  6.488   10.390  1.00 10.06 ? 120 VAL A O   1 
ATOM   712 C  CB  . VAL A 1 113 ? -3.643  6.527   7.106   1.00 9.29  ? 120 VAL A CB  1 
ATOM   713 C  CG1 . VAL A 1 113 ? -2.906  7.796   7.586   1.00 10.66 ? 120 VAL A CG1 1 
ATOM   714 C  CG2 . VAL A 1 113 ? -2.926  5.911   5.885   1.00 10.40 ? 120 VAL A CG2 1 
ATOM   715 N  N   . LYS A 1 114 ? -5.535  6.180   9.770   1.00 11.31 ? 121 LYS A N   1 
ATOM   716 C  CA  . LYS A 1 114 ? -6.109  6.724   10.986  1.00 12.37 ? 121 LYS A CA  1 
ATOM   717 C  C   . LYS A 1 114 ? -5.738  5.814   12.143  1.00 12.65 ? 121 LYS A C   1 
ATOM   718 O  O   . LYS A 1 114 ? -5.405  6.291   13.224  1.00 12.41 ? 121 LYS A O   1 
ATOM   719 C  CB  . LYS A 1 114 ? -7.635  6.753   10.846  1.00 12.47 ? 121 LYS A CB  1 
ATOM   720 C  CG  . LYS A 1 114 ? -8.275  8.054   11.208  1.00 14.89 ? 121 LYS A CG  1 
ATOM   721 C  CD  . LYS A 1 114 ? -8.350  8.990   10.011  1.00 17.70 ? 121 LYS A CD  1 
ATOM   722 C  CE  . LYS A 1 114 ? -8.752  10.389  10.469  1.00 18.36 ? 121 LYS A CE  1 
ATOM   723 N  NZ  . LYS A 1 114 ? -9.277  11.218  9.349   1.00 20.23 ? 121 LYS A NZ  1 
ATOM   724 N  N   . LYS A 1 115 ? -5.796  4.499   11.909  1.00 13.57 ? 122 LYS A N   1 
ATOM   725 C  CA  . LYS A 1 115 ? -5.573  3.524   12.984  1.00 14.57 ? 122 LYS A CA  1 
ATOM   726 C  C   . LYS A 1 115 ? -4.125  3.507   13.448  1.00 14.70 ? 122 LYS A C   1 
ATOM   727 O  O   . LYS A 1 115 ? -3.858  3.223   14.607  1.00 15.21 ? 122 LYS A O   1 
ATOM   728 C  CB  . LYS A 1 115 ? -6.020  2.113   12.579  1.00 14.48 ? 122 LYS A CB  1 
ATOM   729 N  N   . ILE A 1 116 ? -3.203  3.806   12.535  1.00 15.69 ? 123 ILE A N   1 
ATOM   730 C  CA  . ILE A 1 116 ? -1.787  3.887   12.856  1.00 15.87 ? 123 ILE A CA  1 
ATOM   731 C  C   . ILE A 1 116 ? -1.554  5.109   13.728  1.00 15.90 ? 123 ILE A C   1 
ATOM   732 O  O   . ILE A 1 116 ? -0.941  5.011   14.793  1.00 15.69 ? 123 ILE A O   1 
ATOM   733 C  CB  . ILE A 1 116 ? -0.893  3.997   11.585  1.00 15.95 ? 123 ILE A CB  1 
ATOM   734 C  CG1 . ILE A 1 116 ? -1.029  2.758   10.702  1.00 16.60 ? 123 ILE A CG1 1 
ATOM   735 C  CG2 . ILE A 1 116 ? 0.546   4.194   11.988  1.00 16.61 ? 123 ILE A CG2 1 
ATOM   736 C  CD1 . ILE A 1 116 ? -0.354  2.903   9.333   1.00 19.30 ? 123 ILE A CD1 1 
HETATM 737 O  O   . HOH B 2 .   ? 5.369   9.469   9.313   0.50 4.46  ? 1   HOH A O   1 
HETATM 738 O  O   . HOH B 2 .   ? -7.618  -8.885  -0.299  1.00 4.76  ? 2   HOH A O   1 
HETATM 739 O  O   . HOH B 2 .   ? 13.741  5.346   -2.721  1.00 15.75 ? 3   HOH A O   1 
HETATM 740 O  O   . HOH B 2 .   ? -8.981  -0.113  7.023   1.00 6.99  ? 4   HOH A O   1 
HETATM 741 O  O   . HOH B 2 .   ? -11.349 -0.242  8.416   1.00 9.72  ? 5   HOH A O   1 
HETATM 742 O  O   . HOH B 2 .   ? -3.055  9.772   3.670   1.00 10.62 ? 6   HOH A O   1 
HETATM 743 O  O   . HOH B 2 .   ? -9.420  -10.366 0.696   1.00 11.51 ? 7   HOH A O   1 
HETATM 744 O  O   . HOH B 2 .   ? 5.170   -6.015  -6.790  1.00 17.98 ? 134 HOH A O   1 
HETATM 745 O  O   . HOH B 2 .   ? -8.577  -2.146  -12.788 1.00 12.05 ? 135 HOH A O   1 
HETATM 746 O  O   . HOH B 2 .   ? 6.988   -2.863  11.187  1.00 15.34 ? 136 HOH A O   1 
HETATM 747 O  O   . HOH B 2 .   ? -14.838 -3.247  -6.061  1.00 12.25 ? 137 HOH A O   1 
HETATM 748 O  O   . HOH B 2 .   ? -6.338  -3.513  9.276   1.00 12.25 ? 138 HOH A O   1 
HETATM 749 O  O   . HOH B 2 .   ? 4.340   -1.441  14.402  1.00 15.51 ? 139 HOH A O   1 
HETATM 750 O  O   . HOH B 2 .   ? -3.365  -11.077 -1.508  1.00 14.59 ? 140 HOH A O   1 
HETATM 751 O  O   . HOH B 2 .   ? -9.679  3.781   11.671  1.00 11.21 ? 141 HOH A O   1 
HETATM 752 O  O   . HOH B 2 .   ? 3.517   -7.972  -7.038  1.00 3.78  ? 142 HOH A O   1 
HETATM 753 O  O   . HOH B 2 .   ? 0.849   -13.853 -2.687  1.00 9.52  ? 143 HOH A O   1 
HETATM 754 O  O   . HOH B 2 .   ? 13.004  -1.345  7.368   1.00 18.44 ? 144 HOH A O   1 
HETATM 755 O  O   . HOH B 2 .   ? -12.175 1.726   10.515  1.00 14.85 ? 145 HOH A O   1 
HETATM 756 O  O   . HOH B 2 .   ? 4.586   -11.781 -3.107  1.00 9.87  ? 146 HOH A O   1 
HETATM 757 O  O   . HOH B 2 .   ? 4.625   11.265  3.691   1.00 12.08 ? 147 HOH A O   1 
HETATM 758 O  O   . HOH B 2 .   ? -13.468 6.814   -0.680  1.00 15.20 ? 148 HOH A O   1 
HETATM 759 O  O   . HOH B 2 .   ? 4.785   -3.327  16.738  1.00 17.88 ? 149 HOH A O   1 
HETATM 760 O  O   . HOH B 2 .   ? -5.241  -6.223  11.488  1.00 17.46 ? 150 HOH A O   1 
HETATM 761 O  O   . HOH B 2 .   ? -16.405 -4.064  -1.742  1.00 10.52 ? 151 HOH A O   1 
HETATM 762 O  O   . HOH B 2 .   ? 6.172   13.106  0.089   1.00 2.00  ? 152 HOH A O   1 
HETATM 763 O  O   . HOH B 2 .   ? 7.626   7.410   1.025   1.00 24.29 ? 153 HOH A O   1 
HETATM 764 O  O   . HOH B 2 .   ? 11.918  8.419   -11.579 1.00 23.59 ? 154 HOH A O   1 
HETATM 765 O  O   . HOH B 2 .   ? -9.371  9.827   -0.007  1.00 22.89 ? 155 HOH A O   1 
HETATM 766 O  O   . HOH B 2 .   ? -12.245 8.206   2.834   1.00 18.15 ? 156 HOH A O   1 
HETATM 767 O  O   . HOH B 2 .   ? -1.058  10.739  6.881   1.00 14.43 ? 157 HOH A O   1 
HETATM 768 O  O   . HOH B 2 .   ? -3.407  6.523   15.839  1.00 20.87 ? 158 HOH A O   1 
HETATM 769 O  O   . HOH B 2 .   ? 0.186   -9.647  0.635   1.00 13.53 ? 159 HOH A O   1 
HETATM 770 O  O   . HOH B 2 .   ? 7.994   10.747  2.705   1.00 21.54 ? 160 HOH A O   1 
HETATM 771 O  O   . HOH B 2 .   ? -6.738  9.014   6.933   1.00 17.06 ? 161 HOH A O   1 
HETATM 772 O  O   . HOH B 2 .   ? -7.192  11.540  1.199   1.00 2.12  ? 162 HOH A O   1 
HETATM 773 O  O   . HOH B 2 .   ? 9.567   -4.661  13.289  1.00 19.29 ? 163 HOH A O   1 
# 
